data_2I5F
# 
_entry.id   2I5F 
# 
_audit_conform.dict_name       mmcif_pdbx.dic 
_audit_conform.dict_version    5.387 
_audit_conform.dict_location   http://mmcif.pdb.org/dictionaries/ascii/mmcif_pdbx.dic 
# 
loop_
_database_2.database_id 
_database_2.database_code 
_database_2.pdbx_database_accession 
_database_2.pdbx_DOI 
PDB   2I5F         pdb_00002i5f 10.2210/pdb2i5f/pdb 
RCSB  RCSB039159   ?            ?                   
WWPDB D_1000039159 ?            ?                   
# 
loop_
_pdbx_audit_revision_history.ordinal 
_pdbx_audit_revision_history.data_content_type 
_pdbx_audit_revision_history.major_revision 
_pdbx_audit_revision_history.minor_revision 
_pdbx_audit_revision_history.revision_date 
1 'Structure model' 1 0 2007-08-07 
2 'Structure model' 1 1 2011-07-13 
3 'Structure model' 1 2 2024-02-21 
# 
_pdbx_audit_revision_details.ordinal             1 
_pdbx_audit_revision_details.revision_ordinal    1 
_pdbx_audit_revision_details.data_content_type   'Structure model' 
_pdbx_audit_revision_details.provider            repository 
_pdbx_audit_revision_details.type                'Initial release' 
_pdbx_audit_revision_details.description         ? 
_pdbx_audit_revision_details.details             ? 
# 
loop_
_pdbx_audit_revision_group.ordinal 
_pdbx_audit_revision_group.revision_ordinal 
_pdbx_audit_revision_group.data_content_type 
_pdbx_audit_revision_group.group 
1 2 'Structure model' 'Version format compliance' 
2 3 'Structure model' 'Data collection'           
3 3 'Structure model' 'Database references'       
4 3 'Structure model' 'Derived calculations'      
# 
loop_
_pdbx_audit_revision_category.ordinal 
_pdbx_audit_revision_category.revision_ordinal 
_pdbx_audit_revision_category.data_content_type 
_pdbx_audit_revision_category.category 
1 3 'Structure model' chem_comp_atom     
2 3 'Structure model' chem_comp_bond     
3 3 'Structure model' database_2         
4 3 'Structure model' struct_ref_seq_dif 
5 3 'Structure model' struct_site        
# 
loop_
_pdbx_audit_revision_item.ordinal 
_pdbx_audit_revision_item.revision_ordinal 
_pdbx_audit_revision_item.data_content_type 
_pdbx_audit_revision_item.item 
1 3 'Structure model' '_database_2.pdbx_DOI'                
2 3 'Structure model' '_database_2.pdbx_database_accession' 
3 3 'Structure model' '_struct_ref_seq_dif.details'         
4 3 'Structure model' '_struct_site.pdbx_auth_asym_id'      
5 3 'Structure model' '_struct_site.pdbx_auth_comp_id'      
6 3 'Structure model' '_struct_site.pdbx_auth_seq_id'       
# 
_pdbx_database_status.status_code                     REL 
_pdbx_database_status.entry_id                        2I5F 
_pdbx_database_status.recvd_initial_deposition_date   2006-08-24 
_pdbx_database_status.deposit_site                    RCSB 
_pdbx_database_status.process_site                    RCSB 
_pdbx_database_status.status_code_sf                  REL 
_pdbx_database_status.status_code_mr                  ? 
_pdbx_database_status.SG_entry                        ? 
_pdbx_database_status.pdb_format_compatible           Y 
_pdbx_database_status.status_code_cs                  ? 
_pdbx_database_status.status_code_nmr_data            ? 
_pdbx_database_status.methods_development_category    ? 
# 
loop_
_pdbx_database_related.db_name 
_pdbx_database_related.db_id 
_pdbx_database_related.details 
_pdbx_database_related.content_type 
PDB 1ZM0 'C-terminal PH domain of pleckstrin'                                                      unspecified 
PDB 2I5C 'C-terminal PH domain of pleckstrin in complex with inositol-1,2,3,4,5-pentakisphosphate' unspecified 
# 
loop_
_audit_author.name 
_audit_author.pdbx_ordinal 
'Jackson, S.G.' 1 
'Haslam, R.J.'  2 
'Junop, M.S.'   3 
# 
_citation.id                        primary 
_citation.title                     
'Structural analysis of the carboxy terminal PH domain of pleckstrin bound to D-myo-inositol 1,2,3,5,6-pentakisphosphate.' 
_citation.journal_abbrev            'Bmc Struct.Biol.' 
_citation.journal_volume            7 
_citation.page_first                80 
_citation.page_last                 80 
_citation.year                      2007 
_citation.journal_id_ASTM           ? 
_citation.country                   UK 
_citation.journal_id_ISSN           1472-6807 
_citation.journal_id_CSD            ? 
_citation.book_publisher            ? 
_citation.pdbx_database_id_PubMed   18034889 
_citation.pdbx_database_id_DOI      10.1186/1472-6807-7-80 
# 
loop_
_citation_author.citation_id 
_citation_author.name 
_citation_author.ordinal 
_citation_author.identifier_ORCID 
primary 'Jackson, S.G.' 1 ? 
primary 'Zhang, Y.'     2 ? 
primary 'Haslam, R.J.'  3 ? 
primary 'Junop, M.S.'   4 ? 
# 
loop_
_entity.id 
_entity.type 
_entity.src_method 
_entity.pdbx_description 
_entity.formula_weight 
_entity.pdbx_number_of_molecules 
_entity.pdbx_ec 
_entity.pdbx_mutation 
_entity.pdbx_fragment 
_entity.details 
1 polymer     man Pleckstrin                                                                                    12451.164 1   ? ? 
'C-Terminal Domain, PH2 domain' ? 
2 non-polymer syn '(1R,2R,3R,4R,5S,6S)-6-HYDROXYCYCLOHEXANE-1,2,3,4,5-PENTAYL PENTAKIS[DIHYDROGEN (PHOSPHATE)]' 580.055   1   ? ? 
?                               ? 
3 water       nat water                                                                                         18.015    124 ? ? 
?                               ? 
# 
_entity_name_com.entity_id   1 
_entity_name_com.name        'Platelet p47 protein' 
# 
_entity_poly.entity_id                      1 
_entity_poly.type                           'polypeptide(L)' 
_entity_poly.nstd_linkage                   no 
_entity_poly.nstd_monomer                   no 
_entity_poly.pdbx_seq_one_letter_code       
;GSFTGVIIKQGCLLKQGHRRKNWKVRKFILREDPAYLHYYDPAGAEDPLGAIHLRGCVVTSVESNSNGRKSEEENLFEII
TADEVHYFLQAATPKERTEWIKAIQMASR
;
_entity_poly.pdbx_seq_one_letter_code_can   
;GSFTGVIIKQGCLLKQGHRRKNWKVRKFILREDPAYLHYYDPAGAEDPLGAIHLRGCVVTSVESNSNGRKSEEENLFEII
TADEVHYFLQAATPKERTEWIKAIQMASR
;
_entity_poly.pdbx_strand_id                 A 
_entity_poly.pdbx_target_identifier         ? 
# 
loop_
_pdbx_entity_nonpoly.entity_id 
_pdbx_entity_nonpoly.name 
_pdbx_entity_nonpoly.comp_id 
2 '(1R,2R,3R,4R,5S,6S)-6-HYDROXYCYCLOHEXANE-1,2,3,4,5-PENTAYL PENTAKIS[DIHYDROGEN (PHOSPHATE)]' 5IP 
3 water                                                                                         HOH 
# 
loop_
_entity_poly_seq.entity_id 
_entity_poly_seq.num 
_entity_poly_seq.mon_id 
_entity_poly_seq.hetero 
1 1   GLY n 
1 2   SER n 
1 3   PHE n 
1 4   THR n 
1 5   GLY n 
1 6   VAL n 
1 7   ILE n 
1 8   ILE n 
1 9   LYS n 
1 10  GLN n 
1 11  GLY n 
1 12  CYS n 
1 13  LEU n 
1 14  LEU n 
1 15  LYS n 
1 16  GLN n 
1 17  GLY n 
1 18  HIS n 
1 19  ARG n 
1 20  ARG n 
1 21  LYS n 
1 22  ASN n 
1 23  TRP n 
1 24  LYS n 
1 25  VAL n 
1 26  ARG n 
1 27  LYS n 
1 28  PHE n 
1 29  ILE n 
1 30  LEU n 
1 31  ARG n 
1 32  GLU n 
1 33  ASP n 
1 34  PRO n 
1 35  ALA n 
1 36  TYR n 
1 37  LEU n 
1 38  HIS n 
1 39  TYR n 
1 40  TYR n 
1 41  ASP n 
1 42  PRO n 
1 43  ALA n 
1 44  GLY n 
1 45  ALA n 
1 46  GLU n 
1 47  ASP n 
1 48  PRO n 
1 49  LEU n 
1 50  GLY n 
1 51  ALA n 
1 52  ILE n 
1 53  HIS n 
1 54  LEU n 
1 55  ARG n 
1 56  GLY n 
1 57  CYS n 
1 58  VAL n 
1 59  VAL n 
1 60  THR n 
1 61  SER n 
1 62  VAL n 
1 63  GLU n 
1 64  SER n 
1 65  ASN n 
1 66  SER n 
1 67  ASN n 
1 68  GLY n 
1 69  ARG n 
1 70  LYS n 
1 71  SER n 
1 72  GLU n 
1 73  GLU n 
1 74  GLU n 
1 75  ASN n 
1 76  LEU n 
1 77  PHE n 
1 78  GLU n 
1 79  ILE n 
1 80  ILE n 
1 81  THR n 
1 82  ALA n 
1 83  ASP n 
1 84  GLU n 
1 85  VAL n 
1 86  HIS n 
1 87  TYR n 
1 88  PHE n 
1 89  LEU n 
1 90  GLN n 
1 91  ALA n 
1 92  ALA n 
1 93  THR n 
1 94  PRO n 
1 95  LYS n 
1 96  GLU n 
1 97  ARG n 
1 98  THR n 
1 99  GLU n 
1 100 TRP n 
1 101 ILE n 
1 102 LYS n 
1 103 ALA n 
1 104 ILE n 
1 105 GLN n 
1 106 MET n 
1 107 ALA n 
1 108 SER n 
1 109 ARG n 
# 
_entity_src_gen.entity_id                          1 
_entity_src_gen.pdbx_src_id                        1 
_entity_src_gen.pdbx_alt_source_flag               sample 
_entity_src_gen.pdbx_seq_type                      ? 
_entity_src_gen.pdbx_beg_seq_num                   ? 
_entity_src_gen.pdbx_end_seq_num                   ? 
_entity_src_gen.gene_src_common_name               human 
_entity_src_gen.gene_src_genus                     Homo 
_entity_src_gen.pdbx_gene_src_gene                 'PLEK, P47' 
_entity_src_gen.gene_src_species                   ? 
_entity_src_gen.gene_src_strain                    ? 
_entity_src_gen.gene_src_tissue                    ? 
_entity_src_gen.gene_src_tissue_fraction           ? 
_entity_src_gen.gene_src_details                   ? 
_entity_src_gen.pdbx_gene_src_fragment             ? 
_entity_src_gen.pdbx_gene_src_scientific_name      'Homo sapiens' 
_entity_src_gen.pdbx_gene_src_ncbi_taxonomy_id     9606 
_entity_src_gen.pdbx_gene_src_variant              ? 
_entity_src_gen.pdbx_gene_src_cell_line            ? 
_entity_src_gen.pdbx_gene_src_atcc                 ? 
_entity_src_gen.pdbx_gene_src_organ                ? 
_entity_src_gen.pdbx_gene_src_organelle            ? 
_entity_src_gen.pdbx_gene_src_cell                 ? 
_entity_src_gen.pdbx_gene_src_cellular_location    ? 
_entity_src_gen.host_org_common_name               ? 
_entity_src_gen.pdbx_host_org_scientific_name      'Escherichia coli BL21(DE3)' 
_entity_src_gen.pdbx_host_org_ncbi_taxonomy_id     469008 
_entity_src_gen.host_org_genus                     Escherichia 
_entity_src_gen.pdbx_host_org_gene                 ? 
_entity_src_gen.pdbx_host_org_organ                ? 
_entity_src_gen.host_org_species                   'Escherichia coli' 
_entity_src_gen.pdbx_host_org_tissue               ? 
_entity_src_gen.pdbx_host_org_tissue_fraction      ? 
_entity_src_gen.pdbx_host_org_strain               'BL21(DE3)' 
_entity_src_gen.pdbx_host_org_variant              ? 
_entity_src_gen.pdbx_host_org_cell_line            ? 
_entity_src_gen.pdbx_host_org_atcc                 ? 
_entity_src_gen.pdbx_host_org_culture_collection   ? 
_entity_src_gen.pdbx_host_org_cell                 ? 
_entity_src_gen.pdbx_host_org_organelle            ? 
_entity_src_gen.pdbx_host_org_cellular_location    ? 
_entity_src_gen.pdbx_host_org_vector_type          plasmid 
_entity_src_gen.pdbx_host_org_vector               ? 
_entity_src_gen.host_org_details                   ? 
_entity_src_gen.expression_system_id               ? 
_entity_src_gen.plasmid_name                       pDest17 
_entity_src_gen.plasmid_details                    ? 
_entity_src_gen.pdbx_description                   ? 
# 
loop_
_chem_comp.id 
_chem_comp.type 
_chem_comp.mon_nstd_flag 
_chem_comp.name 
_chem_comp.pdbx_synonyms 
_chem_comp.formula 
_chem_comp.formula_weight 
5IP non-polymer         . '(1R,2R,3R,4R,5S,6S)-6-HYDROXYCYCLOHEXANE-1,2,3,4,5-PENTAYL PENTAKIS[DIHYDROGEN (PHOSPHATE)]' 
'D-MYO-INS(1,2,3,5,6)P5' 'C6 H17 O21 P5'  580.055 
ALA 'L-peptide linking' y ALANINE                                                                                       ? 
'C3 H7 N O2'     89.093  
ARG 'L-peptide linking' y ARGININE                                                                                      ? 
'C6 H15 N4 O2 1' 175.209 
ASN 'L-peptide linking' y ASPARAGINE                                                                                    ? 
'C4 H8 N2 O3'    132.118 
ASP 'L-peptide linking' y 'ASPARTIC ACID'                                                                               ? 
'C4 H7 N O4'     133.103 
CYS 'L-peptide linking' y CYSTEINE                                                                                      ? 
'C3 H7 N O2 S'   121.158 
GLN 'L-peptide linking' y GLUTAMINE                                                                                     ? 
'C5 H10 N2 O3'   146.144 
GLU 'L-peptide linking' y 'GLUTAMIC ACID'                                                                               ? 
'C5 H9 N O4'     147.129 
GLY 'peptide linking'   y GLYCINE                                                                                       ? 
'C2 H5 N O2'     75.067  
HIS 'L-peptide linking' y HISTIDINE                                                                                     ? 
'C6 H10 N3 O2 1' 156.162 
HOH non-polymer         . WATER                                                                                         ? 'H2 O' 
18.015  
ILE 'L-peptide linking' y ISOLEUCINE                                                                                    ? 
'C6 H13 N O2'    131.173 
LEU 'L-peptide linking' y LEUCINE                                                                                       ? 
'C6 H13 N O2'    131.173 
LYS 'L-peptide linking' y LYSINE                                                                                        ? 
'C6 H15 N2 O2 1' 147.195 
MET 'L-peptide linking' y METHIONINE                                                                                    ? 
'C5 H11 N O2 S'  149.211 
PHE 'L-peptide linking' y PHENYLALANINE                                                                                 ? 
'C9 H11 N O2'    165.189 
PRO 'L-peptide linking' y PROLINE                                                                                       ? 
'C5 H9 N O2'     115.130 
SER 'L-peptide linking' y SERINE                                                                                        ? 
'C3 H7 N O3'     105.093 
THR 'L-peptide linking' y THREONINE                                                                                     ? 
'C4 H9 N O3'     119.119 
TRP 'L-peptide linking' y TRYPTOPHAN                                                                                    ? 
'C11 H12 N2 O2'  204.225 
TYR 'L-peptide linking' y TYROSINE                                                                                      ? 
'C9 H11 N O3'    181.189 
VAL 'L-peptide linking' y VALINE                                                                                        ? 
'C5 H11 N O2'    117.146 
# 
loop_
_pdbx_poly_seq_scheme.asym_id 
_pdbx_poly_seq_scheme.entity_id 
_pdbx_poly_seq_scheme.seq_id 
_pdbx_poly_seq_scheme.mon_id 
_pdbx_poly_seq_scheme.ndb_seq_num 
_pdbx_poly_seq_scheme.pdb_seq_num 
_pdbx_poly_seq_scheme.auth_seq_num 
_pdbx_poly_seq_scheme.pdb_mon_id 
_pdbx_poly_seq_scheme.auth_mon_id 
_pdbx_poly_seq_scheme.pdb_strand_id 
_pdbx_poly_seq_scheme.pdb_ins_code 
_pdbx_poly_seq_scheme.hetero 
A 1 1   GLY 1   239 ?   ?   ?   A . n 
A 1 2   SER 2   240 ?   ?   ?   A . n 
A 1 3   PHE 3   241 241 PHE PHE A . n 
A 1 4   THR 4   242 242 THR THR A . n 
A 1 5   GLY 5   243 243 GLY GLY A . n 
A 1 6   VAL 6   244 244 VAL VAL A . n 
A 1 7   ILE 7   245 245 ILE ILE A . n 
A 1 8   ILE 8   246 246 ILE ILE A . n 
A 1 9   LYS 9   247 247 LYS LYS A . n 
A 1 10  GLN 10  248 248 GLN GLN A . n 
A 1 11  GLY 11  249 249 GLY GLY A . n 
A 1 12  CYS 12  250 250 CYS CYS A . n 
A 1 13  LEU 13  251 251 LEU LEU A . n 
A 1 14  LEU 14  252 252 LEU LEU A . n 
A 1 15  LYS 15  253 253 LYS LYS A . n 
A 1 16  GLN 16  254 254 GLN GLN A . n 
A 1 17  GLY 17  255 255 GLY GLY A . n 
A 1 18  HIS 18  256 256 HIS HIS A . n 
A 1 19  ARG 19  257 257 ARG ARG A . n 
A 1 20  ARG 20  258 258 ARG ARG A . n 
A 1 21  LYS 21  259 259 LYS LYS A . n 
A 1 22  ASN 22  260 260 ASN ASN A . n 
A 1 23  TRP 23  261 261 TRP TRP A . n 
A 1 24  LYS 24  262 262 LYS LYS A . n 
A 1 25  VAL 25  263 263 VAL VAL A . n 
A 1 26  ARG 26  264 264 ARG ARG A . n 
A 1 27  LYS 27  265 265 LYS LYS A . n 
A 1 28  PHE 28  266 266 PHE PHE A . n 
A 1 29  ILE 29  267 267 ILE ILE A . n 
A 1 30  LEU 30  268 268 LEU LEU A . n 
A 1 31  ARG 31  269 269 ARG ARG A . n 
A 1 32  GLU 32  270 270 GLU GLU A . n 
A 1 33  ASP 33  271 271 ASP ASP A . n 
A 1 34  PRO 34  272 272 PRO PRO A . n 
A 1 35  ALA 35  273 273 ALA ALA A . n 
A 1 36  TYR 36  274 274 TYR TYR A . n 
A 1 37  LEU 37  275 275 LEU LEU A . n 
A 1 38  HIS 38  276 276 HIS HIS A . n 
A 1 39  TYR 39  277 277 TYR TYR A . n 
A 1 40  TYR 40  278 278 TYR TYR A . n 
A 1 41  ASP 41  279 279 ASP ASP A . n 
A 1 42  PRO 42  280 280 PRO PRO A . n 
A 1 43  ALA 43  281 281 ALA ALA A . n 
A 1 44  GLY 44  282 282 GLY GLY A . n 
A 1 45  ALA 45  283 283 ALA ALA A . n 
A 1 46  GLU 46  284 284 GLU GLU A . n 
A 1 47  ASP 47  285 285 ASP ASP A . n 
A 1 48  PRO 48  286 286 PRO PRO A . n 
A 1 49  LEU 49  287 287 LEU LEU A . n 
A 1 50  GLY 50  288 288 GLY GLY A . n 
A 1 51  ALA 51  289 289 ALA ALA A . n 
A 1 52  ILE 52  290 290 ILE ILE A . n 
A 1 53  HIS 53  291 291 HIS HIS A . n 
A 1 54  LEU 54  292 292 LEU LEU A . n 
A 1 55  ARG 55  293 293 ARG ARG A . n 
A 1 56  GLY 56  294 294 GLY GLY A . n 
A 1 57  CYS 57  295 295 CYS CYS A . n 
A 1 58  VAL 58  296 296 VAL VAL A . n 
A 1 59  VAL 59  297 297 VAL VAL A . n 
A 1 60  THR 60  298 298 THR THR A . n 
A 1 61  SER 61  299 299 SER SER A . n 
A 1 62  VAL 62  300 300 VAL VAL A . n 
A 1 63  GLU 63  301 301 GLU GLU A . n 
A 1 64  SER 64  302 302 SER SER A . n 
A 1 65  ASN 65  303 ?   ?   ?   A . n 
A 1 66  SER 66  304 ?   ?   ?   A . n 
A 1 67  ASN 67  305 ?   ?   ?   A . n 
A 1 68  GLY 68  306 ?   ?   ?   A . n 
A 1 69  ARG 69  307 ?   ?   ?   A . n 
A 1 70  LYS 70  308 ?   ?   ?   A . n 
A 1 71  SER 71  309 ?   ?   ?   A . n 
A 1 72  GLU 72  310 ?   ?   ?   A . n 
A 1 73  GLU 73  311 311 GLU GLU A . n 
A 1 74  GLU 74  312 312 GLU GLU A . n 
A 1 75  ASN 75  313 313 ASN ASN A . n 
A 1 76  LEU 76  314 314 LEU LEU A . n 
A 1 77  PHE 77  315 315 PHE PHE A . n 
A 1 78  GLU 78  316 316 GLU GLU A . n 
A 1 79  ILE 79  317 317 ILE ILE A . n 
A 1 80  ILE 80  318 318 ILE ILE A . n 
A 1 81  THR 81  319 319 THR THR A . n 
A 1 82  ALA 82  320 320 ALA ALA A . n 
A 1 83  ASP 83  321 321 ASP ASP A . n 
A 1 84  GLU 84  322 322 GLU GLU A . n 
A 1 85  VAL 85  323 323 VAL VAL A . n 
A 1 86  HIS 86  324 324 HIS HIS A . n 
A 1 87  TYR 87  325 325 TYR TYR A . n 
A 1 88  PHE 88  326 326 PHE PHE A . n 
A 1 89  LEU 89  327 327 LEU LEU A . n 
A 1 90  GLN 90  328 328 GLN GLN A . n 
A 1 91  ALA 91  329 329 ALA ALA A . n 
A 1 92  ALA 92  330 330 ALA ALA A . n 
A 1 93  THR 93  331 331 THR THR A . n 
A 1 94  PRO 94  332 332 PRO PRO A . n 
A 1 95  LYS 95  333 333 LYS LYS A . n 
A 1 96  GLU 96  334 334 GLU GLU A . n 
A 1 97  ARG 97  335 335 ARG ARG A . n 
A 1 98  THR 98  336 336 THR THR A . n 
A 1 99  GLU 99  337 337 GLU GLU A . n 
A 1 100 TRP 100 338 338 TRP TRP A . n 
A 1 101 ILE 101 339 339 ILE ILE A . n 
A 1 102 LYS 102 340 340 LYS LYS A . n 
A 1 103 ALA 103 341 341 ALA ALA A . n 
A 1 104 ILE 104 342 342 ILE ILE A . n 
A 1 105 GLN 105 343 343 GLN GLN A . n 
A 1 106 MET 106 344 344 MET MET A . n 
A 1 107 ALA 107 345 345 ALA ALA A . n 
A 1 108 SER 108 346 346 SER SER A . n 
A 1 109 ARG 109 347 347 ARG ARG A . n 
# 
loop_
_pdbx_nonpoly_scheme.asym_id 
_pdbx_nonpoly_scheme.entity_id 
_pdbx_nonpoly_scheme.mon_id 
_pdbx_nonpoly_scheme.ndb_seq_num 
_pdbx_nonpoly_scheme.pdb_seq_num 
_pdbx_nonpoly_scheme.auth_seq_num 
_pdbx_nonpoly_scheme.pdb_mon_id 
_pdbx_nonpoly_scheme.auth_mon_id 
_pdbx_nonpoly_scheme.pdb_strand_id 
_pdbx_nonpoly_scheme.pdb_ins_code 
B 2 5IP 1   550 550 5IP 5IP A . 
C 3 HOH 1   1   1   HOH HOH A . 
C 3 HOH 2   2   2   HOH HOH A . 
C 3 HOH 3   3   3   HOH HOH A . 
C 3 HOH 4   4   4   HOH HOH A . 
C 3 HOH 5   5   5   HOH HOH A . 
C 3 HOH 6   6   6   HOH HOH A . 
C 3 HOH 7   7   7   HOH HOH A . 
C 3 HOH 8   8   8   HOH HOH A . 
C 3 HOH 9   9   9   HOH HOH A . 
C 3 HOH 10  10  10  HOH HOH A . 
C 3 HOH 11  11  11  HOH HOH A . 
C 3 HOH 12  12  12  HOH HOH A . 
C 3 HOH 13  13  13  HOH HOH A . 
C 3 HOH 14  14  14  HOH HOH A . 
C 3 HOH 15  15  15  HOH HOH A . 
C 3 HOH 16  16  16  HOH HOH A . 
C 3 HOH 17  17  17  HOH HOH A . 
C 3 HOH 18  18  18  HOH HOH A . 
C 3 HOH 19  19  19  HOH HOH A . 
C 3 HOH 20  20  20  HOH HOH A . 
C 3 HOH 21  21  21  HOH HOH A . 
C 3 HOH 22  22  22  HOH HOH A . 
C 3 HOH 23  23  23  HOH HOH A . 
C 3 HOH 24  24  24  HOH HOH A . 
C 3 HOH 25  25  25  HOH HOH A . 
C 3 HOH 26  26  26  HOH HOH A . 
C 3 HOH 27  27  27  HOH HOH A . 
C 3 HOH 28  28  28  HOH HOH A . 
C 3 HOH 29  29  29  HOH HOH A . 
C 3 HOH 30  30  30  HOH HOH A . 
C 3 HOH 31  31  31  HOH HOH A . 
C 3 HOH 32  32  32  HOH HOH A . 
C 3 HOH 33  33  33  HOH HOH A . 
C 3 HOH 34  34  34  HOH HOH A . 
C 3 HOH 35  35  35  HOH HOH A . 
C 3 HOH 36  36  36  HOH HOH A . 
C 3 HOH 37  37  37  HOH HOH A . 
C 3 HOH 38  38  38  HOH HOH A . 
C 3 HOH 39  39  39  HOH HOH A . 
C 3 HOH 40  40  40  HOH HOH A . 
C 3 HOH 41  41  41  HOH HOH A . 
C 3 HOH 42  42  42  HOH HOH A . 
C 3 HOH 43  43  43  HOH HOH A . 
C 3 HOH 44  44  44  HOH HOH A . 
C 3 HOH 45  45  45  HOH HOH A . 
C 3 HOH 46  46  46  HOH HOH A . 
C 3 HOH 47  47  47  HOH HOH A . 
C 3 HOH 48  48  48  HOH HOH A . 
C 3 HOH 49  49  49  HOH HOH A . 
C 3 HOH 50  50  50  HOH HOH A . 
C 3 HOH 51  51  51  HOH HOH A . 
C 3 HOH 52  52  52  HOH HOH A . 
C 3 HOH 53  53  53  HOH HOH A . 
C 3 HOH 54  54  54  HOH HOH A . 
C 3 HOH 55  55  55  HOH HOH A . 
C 3 HOH 56  56  56  HOH HOH A . 
C 3 HOH 57  57  57  HOH HOH A . 
C 3 HOH 58  58  58  HOH HOH A . 
C 3 HOH 59  59  59  HOH HOH A . 
C 3 HOH 60  60  60  HOH HOH A . 
C 3 HOH 61  61  61  HOH HOH A . 
C 3 HOH 62  62  62  HOH HOH A . 
C 3 HOH 63  63  63  HOH HOH A . 
C 3 HOH 64  64  64  HOH HOH A . 
C 3 HOH 65  65  65  HOH HOH A . 
C 3 HOH 66  66  66  HOH HOH A . 
C 3 HOH 67  67  67  HOH HOH A . 
C 3 HOH 68  68  68  HOH HOH A . 
C 3 HOH 69  69  69  HOH HOH A . 
C 3 HOH 70  70  70  HOH HOH A . 
C 3 HOH 71  71  71  HOH HOH A . 
C 3 HOH 72  72  72  HOH HOH A . 
C 3 HOH 73  73  73  HOH HOH A . 
C 3 HOH 74  74  74  HOH HOH A . 
C 3 HOH 75  75  75  HOH HOH A . 
C 3 HOH 76  76  76  HOH HOH A . 
C 3 HOH 77  77  77  HOH HOH A . 
C 3 HOH 78  78  78  HOH HOH A . 
C 3 HOH 79  79  79  HOH HOH A . 
C 3 HOH 80  80  80  HOH HOH A . 
C 3 HOH 81  81  81  HOH HOH A . 
C 3 HOH 82  82  82  HOH HOH A . 
C 3 HOH 83  83  83  HOH HOH A . 
C 3 HOH 84  84  84  HOH HOH A . 
C 3 HOH 85  85  85  HOH HOH A . 
C 3 HOH 86  86  86  HOH HOH A . 
C 3 HOH 87  87  87  HOH HOH A . 
C 3 HOH 88  88  88  HOH HOH A . 
C 3 HOH 89  89  89  HOH HOH A . 
C 3 HOH 90  90  90  HOH HOH A . 
C 3 HOH 91  91  91  HOH HOH A . 
C 3 HOH 92  92  92  HOH HOH A . 
C 3 HOH 93  94  94  HOH HOH A . 
C 3 HOH 94  95  95  HOH HOH A . 
C 3 HOH 95  96  96  HOH HOH A . 
C 3 HOH 96  97  97  HOH HOH A . 
C 3 HOH 97  98  98  HOH HOH A . 
C 3 HOH 98  99  99  HOH HOH A . 
C 3 HOH 99  100 100 HOH HOH A . 
C 3 HOH 100 101 101 HOH HOH A . 
C 3 HOH 101 102 102 HOH HOH A . 
C 3 HOH 102 103 103 HOH HOH A . 
C 3 HOH 103 104 104 HOH HOH A . 
C 3 HOH 104 105 105 HOH HOH A . 
C 3 HOH 105 106 106 HOH HOH A . 
C 3 HOH 106 107 107 HOH HOH A . 
C 3 HOH 107 108 108 HOH HOH A . 
C 3 HOH 108 109 109 HOH HOH A . 
C 3 HOH 109 110 110 HOH HOH A . 
C 3 HOH 110 111 111 HOH HOH A . 
C 3 HOH 111 112 112 HOH HOH A . 
C 3 HOH 112 113 113 HOH HOH A . 
C 3 HOH 113 114 114 HOH HOH A . 
C 3 HOH 114 115 115 HOH HOH A . 
C 3 HOH 115 116 116 HOH HOH A . 
C 3 HOH 116 117 117 HOH HOH A . 
C 3 HOH 117 118 118 HOH HOH A . 
C 3 HOH 118 119 119 HOH HOH A . 
C 3 HOH 119 120 120 HOH HOH A . 
C 3 HOH 120 121 121 HOH HOH A . 
C 3 HOH 121 122 122 HOH HOH A . 
C 3 HOH 122 123 123 HOH HOH A . 
C 3 HOH 123 124 124 HOH HOH A . 
C 3 HOH 124 125 125 HOH HOH A . 
# 
loop_
_software.name 
_software.classification 
_software.version 
_software.citation_id 
_software.pdbx_ordinal 
REFMAC refinement        5.2.0005 ? 1 
CBASS  'data collection' .        ? 2 
d*TREK 'data reduction'  .        ? 3 
d*TREK 'data scaling'    .        ? 4 
MOLREP phasing           .        ? 5 
# 
_cell.entry_id           2I5F 
_cell.length_a           32.150 
_cell.length_b           47.700 
_cell.length_c           64.060 
_cell.angle_alpha        90.00 
_cell.angle_beta         90.00 
_cell.angle_gamma        90.00 
_cell.Z_PDB              4 
_cell.pdbx_unique_axis   ? 
_cell.length_a_esd       ? 
_cell.length_b_esd       ? 
_cell.length_c_esd       ? 
_cell.angle_alpha_esd    ? 
_cell.angle_beta_esd     ? 
_cell.angle_gamma_esd    ? 
# 
_symmetry.entry_id                         2I5F 
_symmetry.space_group_name_H-M             'P 21 21 21' 
_symmetry.pdbx_full_space_group_name_H-M   ? 
_symmetry.cell_setting                     ? 
_symmetry.Int_Tables_number                19 
_symmetry.space_group_name_Hall            ? 
# 
_exptl.entry_id          2I5F 
_exptl.method            'X-RAY DIFFRACTION' 
_exptl.crystals_number   1 
# 
_exptl_crystal.id                    1 
_exptl_crystal.density_meas          ? 
_exptl_crystal.density_Matthews      1.9 
_exptl_crystal.density_percent_sol   35.6 
_exptl_crystal.description           ? 
_exptl_crystal.F_000                 ? 
_exptl_crystal.preparation           ? 
# 
_exptl_crystal_grow.crystal_id      1 
_exptl_crystal_grow.method          'VAPOR DIFFUSION, HANGING DROP' 
_exptl_crystal_grow.temp            297.15 
_exptl_crystal_grow.temp_details    ? 
_exptl_crystal_grow.pH              6.5 
_exptl_crystal_grow.pdbx_details    
;0.1 M Bis-Tris pH 6.5   
28% PEG 2000 MME   
, VAPOR DIFFUSION, HANGING DROP, temperature 297.15K
;
_exptl_crystal_grow.pdbx_pH_range   . 
# 
_diffrn.id                     1 
_diffrn.ambient_temp           ? 
_diffrn.ambient_temp_details   ? 
_diffrn.crystal_id             1 
# 
_diffrn_detector.diffrn_id              1 
_diffrn_detector.detector               CCD 
_diffrn_detector.type                   'ADSC QUANTUM 315' 
_diffrn_detector.pdbx_collection_date   2006-07-15 
_diffrn_detector.details                ? 
# 
_diffrn_radiation.diffrn_id                        1 
_diffrn_radiation.wavelength_id                    1 
_diffrn_radiation.pdbx_monochromatic_or_laue_m_l   M 
_diffrn_radiation.monochromator                    'si 111 channel' 
_diffrn_radiation.pdbx_diffrn_protocol             'SINGLE WAVELENGTH' 
_diffrn_radiation.pdbx_scattering_type             x-ray 
# 
_diffrn_radiation_wavelength.id           1 
_diffrn_radiation_wavelength.wavelength   1.0 
_diffrn_radiation_wavelength.wt           1.0 
# 
_diffrn_source.diffrn_id                   1 
_diffrn_source.source                      SYNCHROTRON 
_diffrn_source.type                        'NSLS BEAMLINE X25' 
_diffrn_source.pdbx_synchrotron_site       NSLS 
_diffrn_source.pdbx_synchrotron_beamline   X25 
_diffrn_source.pdbx_wavelength             ? 
_diffrn_source.pdbx_wavelength_list        1.0 
# 
_reflns.entry_id                     2I5F 
_reflns.observed_criterion_sigma_F   3.0 
_reflns.observed_criterion_sigma_I   3.0 
_reflns.d_resolution_high            1.35 
_reflns.d_resolution_low             32.03 
_reflns.number_all                   22313 
_reflns.number_obs                   21808 
_reflns.percent_possible_obs         97.7 
_reflns.pdbx_Rmerge_I_obs            0.044 
_reflns.pdbx_Rsym_value              ? 
_reflns.pdbx_netI_over_sigmaI        25.1 
_reflns.B_iso_Wilson_estimate        15.32 
_reflns.pdbx_redundancy              12.21 
_reflns.R_free_details               ? 
_reflns.limit_h_max                  ? 
_reflns.limit_h_min                  ? 
_reflns.limit_k_max                  ? 
_reflns.limit_k_min                  ? 
_reflns.limit_l_max                  ? 
_reflns.limit_l_min                  ? 
_reflns.observed_criterion_F_max     ? 
_reflns.observed_criterion_F_min     ? 
_reflns.pdbx_chi_squared             ? 
_reflns.pdbx_scaling_rejects         ? 
_reflns.pdbx_diffrn_id               1 
_reflns.pdbx_ordinal                 1 
# 
_reflns_shell.d_res_high             1.35 
_reflns_shell.d_res_low              1.4 
_reflns_shell.percent_possible_all   95.9 
_reflns_shell.Rmerge_I_obs           0.454 
_reflns_shell.pdbx_Rsym_value        ? 
_reflns_shell.meanI_over_sigI_obs    3.9 
_reflns_shell.pdbx_redundancy        7.17 
_reflns_shell.percent_possible_obs   ? 
_reflns_shell.number_unique_all      2202 
_reflns_shell.number_measured_all    ? 
_reflns_shell.number_measured_obs    ? 
_reflns_shell.number_unique_obs      ? 
_reflns_shell.pdbx_chi_squared       ? 
_reflns_shell.pdbx_diffrn_id         ? 
_reflns_shell.pdbx_ordinal           1 
# 
_refine.entry_id                                 2I5F 
_refine.ls_number_reflns_obs                     20722 
_refine.ls_number_reflns_all                     20722 
_refine.pdbx_ls_sigma_I                          ? 
_refine.pdbx_ls_sigma_F                          0.0 
_refine.pdbx_data_cutoff_high_absF               ? 
_refine.pdbx_data_cutoff_low_absF                ? 
_refine.pdbx_data_cutoff_high_rms_absF           ? 
_refine.ls_d_res_low                             28.7 
_refine.ls_d_res_high                            1.35 
_refine.ls_percent_reflns_obs                    97.73 
_refine.ls_R_factor_obs                          0.17902 
_refine.ls_R_factor_all                          0.17902 
_refine.ls_R_factor_R_work                       0.17864 
_refine.ls_R_factor_R_free                       0.20833 
_refine.ls_R_factor_R_free_error                 ? 
_refine.ls_R_factor_R_free_error_details         ? 
_refine.ls_percent_reflns_R_free                 5.0 
_refine.ls_number_reflns_R_free                  1084 
_refine.ls_number_parameters                     ? 
_refine.ls_number_restraints                     ? 
_refine.occupancy_min                            ? 
_refine.occupancy_max                            ? 
_refine.correlation_coeff_Fo_to_Fc               0.967 
_refine.correlation_coeff_Fo_to_Fc_free          0.960 
_refine.B_iso_mean                               23.158 
_refine.aniso_B[1][1]                            -0.23 
_refine.aniso_B[2][2]                            -0.68 
_refine.aniso_B[3][3]                            0.92 
_refine.aniso_B[1][2]                            0.00 
_refine.aniso_B[1][3]                            0.00 
_refine.aniso_B[2][3]                            0.00 
_refine.solvent_model_details                    'BABINET MODEL WITH MASK' 
_refine.solvent_model_param_ksol                 ? 
_refine.solvent_model_param_bsol                 ? 
_refine.pdbx_solvent_vdw_probe_radii             1.20 
_refine.pdbx_solvent_ion_probe_radii             0.80 
_refine.pdbx_solvent_shrinkage_radii             0.80 
_refine.pdbx_ls_cross_valid_method               THROUGHOUT 
_refine.details                                  ? 
_refine.pdbx_starting_model                      ? 
_refine.pdbx_method_to_determine_struct          'MOLECULAR REPLACEMENT' 
_refine.pdbx_isotropic_thermal_model             ? 
_refine.pdbx_stereochemistry_target_values       'MAXIMUM LIKELIHOOD' 
_refine.pdbx_stereochem_target_val_spec_case     ? 
_refine.pdbx_R_Free_selection_details            RANDOM 
_refine.pdbx_overall_ESU_R                       0.060 
_refine.pdbx_overall_ESU_R_Free                  0.063 
_refine.overall_SU_ML                            0.034 
_refine.overall_SU_B                             1.875 
_refine.ls_redundancy_reflns_obs                 ? 
_refine.B_iso_min                                ? 
_refine.B_iso_max                                ? 
_refine.overall_SU_R_Cruickshank_DPI             ? 
_refine.overall_SU_R_free                        ? 
_refine.ls_wR_factor_R_free                      ? 
_refine.ls_wR_factor_R_work                      ? 
_refine.overall_FOM_free_R_set                   ? 
_refine.overall_FOM_work_R_set                   ? 
_refine.pdbx_refine_id                           'X-RAY DIFFRACTION' 
_refine.pdbx_diffrn_id                           1 
_refine.pdbx_TLS_residual_ADP_flag               ? 
_refine.pdbx_overall_phase_error                 ? 
_refine.pdbx_overall_SU_R_free_Cruickshank_DPI   ? 
_refine.pdbx_overall_SU_R_Blow_DPI               ? 
_refine.pdbx_overall_SU_R_free_Blow_DPI          ? 
# 
_refine_hist.pdbx_refine_id                   'X-RAY DIFFRACTION' 
_refine_hist.cycle_id                         LAST 
_refine_hist.pdbx_number_atoms_protein        843 
_refine_hist.pdbx_number_atoms_nucleic_acid   0 
_refine_hist.pdbx_number_atoms_ligand         32 
_refine_hist.number_atoms_solvent             124 
_refine_hist.number_atoms_total               999 
_refine_hist.d_res_high                       1.35 
_refine_hist.d_res_low                        28.7 
# 
loop_
_refine_ls_restr.type 
_refine_ls_restr.dev_ideal 
_refine_ls_restr.dev_ideal_target 
_refine_ls_restr.weight 
_refine_ls_restr.number 
_refine_ls_restr.pdbx_refine_id 
_refine_ls_restr.pdbx_restraint_function 
r_bond_refined_d         0.034  0.022  ? 900  'X-RAY DIFFRACTION' ? 
r_angle_refined_deg      3.270  2.006  ? 1234 'X-RAY DIFFRACTION' ? 
r_dihedral_angle_1_deg   6.564  5.000  ? 111  'X-RAY DIFFRACTION' ? 
r_dihedral_angle_2_deg   35.874 23.171 ? 41   'X-RAY DIFFRACTION' ? 
r_dihedral_angle_3_deg   15.715 15.000 ? 164  'X-RAY DIFFRACTION' ? 
r_dihedral_angle_4_deg   7.863  15.000 ? 7    'X-RAY DIFFRACTION' ? 
r_chiral_restr           0.216  0.200  ? 136  'X-RAY DIFFRACTION' ? 
r_gen_planes_refined     0.015  0.020  ? 655  'X-RAY DIFFRACTION' ? 
r_nbd_refined            0.272  0.200  ? 397  'X-RAY DIFFRACTION' ? 
r_nbtor_refined          0.328  0.200  ? 602  'X-RAY DIFFRACTION' ? 
r_xyhbond_nbd_refined    0.187  0.200  ? 91   'X-RAY DIFFRACTION' ? 
r_symmetry_vdw_refined   0.278  0.200  ? 47   'X-RAY DIFFRACTION' ? 
r_symmetry_hbond_refined 0.224  0.200  ? 22   'X-RAY DIFFRACTION' ? 
r_mcbond_it              2.296  1.500  ? 531  'X-RAY DIFFRACTION' ? 
r_mcangle_it             2.383  2.000  ? 835  'X-RAY DIFFRACTION' ? 
r_scbond_it              3.807  3.000  ? 422  'X-RAY DIFFRACTION' ? 
r_scangle_it             5.400  4.500  ? 392  'X-RAY DIFFRACTION' ? 
# 
_refine_ls_shell.pdbx_total_number_of_bins_used   20 
_refine_ls_shell.d_res_high                       1.350 
_refine_ls_shell.d_res_low                        1.385 
_refine_ls_shell.number_reflns_R_work             1467 
_refine_ls_shell.R_factor_R_work                  0.249 
_refine_ls_shell.percent_reflns_obs               95.95 
_refine_ls_shell.R_factor_R_free                  0.312 
_refine_ls_shell.R_factor_R_free_error            ? 
_refine_ls_shell.percent_reflns_R_free            ? 
_refine_ls_shell.number_reflns_R_free             73 
_refine_ls_shell.number_reflns_all                ? 
_refine_ls_shell.R_factor_all                     ? 
_refine_ls_shell.number_reflns_obs                ? 
_refine_ls_shell.redundancy_reflns_obs            ? 
_refine_ls_shell.pdbx_refine_id                   'X-RAY DIFFRACTION' 
# 
_struct.entry_id                  2I5F 
_struct.title                     
'Crystal structure of the C-terminal PH domain of pleckstrin in complex with D-myo-Ins(1,2,3,5,6)P5' 
_struct.pdbx_model_details        ? 
_struct.pdbx_CASP_flag            ? 
_struct.pdbx_model_type_details   ? 
# 
_struct_keywords.entry_id        2I5F 
_struct_keywords.pdbx_keywords   'LIPID BINDING PROTEIN' 
_struct_keywords.text            'PH domain, protein-inositol phosphate complex, LIPID BINDING PROTEIN' 
# 
loop_
_struct_asym.id 
_struct_asym.pdbx_blank_PDB_chainid_flag 
_struct_asym.pdbx_modified 
_struct_asym.entity_id 
_struct_asym.details 
A N N 1 ? 
B N N 2 ? 
C N N 3 ? 
# 
_struct_ref.id                         1 
_struct_ref.db_name                    UNP 
_struct_ref.db_code                    PLEK_HUMAN 
_struct_ref.pdbx_db_accession          P08567 
_struct_ref.entity_id                  1 
_struct_ref.pdbx_seq_one_letter_code   
;FRGVIIKQGCLLKQGHRRKNWKVRKFILREDPAYLHYYDPAGAEDPLGAIHLRGCVVTSVESNSNGRKSEEENLFEIITA
DEVHYFLQAATPKERTEWIKAIQMASR
;
_struct_ref.pdbx_align_begin           244 
_struct_ref.pdbx_db_isoform            ? 
# 
_struct_ref_seq.align_id                      1 
_struct_ref_seq.ref_id                        1 
_struct_ref_seq.pdbx_PDB_id_code              2I5F 
_struct_ref_seq.pdbx_strand_id                A 
_struct_ref_seq.seq_align_beg                 6 
_struct_ref_seq.pdbx_seq_align_beg_ins_code   ? 
_struct_ref_seq.seq_align_end                 109 
_struct_ref_seq.pdbx_seq_align_end_ins_code   ? 
_struct_ref_seq.pdbx_db_accession             P08567 
_struct_ref_seq.db_align_beg                  244 
_struct_ref_seq.pdbx_db_align_beg_ins_code    ? 
_struct_ref_seq.db_align_end                  347 
_struct_ref_seq.pdbx_db_align_end_ins_code    ? 
_struct_ref_seq.pdbx_auth_seq_align_beg       244 
_struct_ref_seq.pdbx_auth_seq_align_end       347 
# 
loop_
_struct_ref_seq_dif.align_id 
_struct_ref_seq_dif.pdbx_pdb_id_code 
_struct_ref_seq_dif.mon_id 
_struct_ref_seq_dif.pdbx_pdb_strand_id 
_struct_ref_seq_dif.seq_num 
_struct_ref_seq_dif.pdbx_pdb_ins_code 
_struct_ref_seq_dif.pdbx_seq_db_name 
_struct_ref_seq_dif.pdbx_seq_db_accession_code 
_struct_ref_seq_dif.db_mon_id 
_struct_ref_seq_dif.pdbx_seq_db_seq_num 
_struct_ref_seq_dif.details 
_struct_ref_seq_dif.pdbx_auth_seq_num 
_struct_ref_seq_dif.pdbx_ordinal 
1 2I5F GLY A 1 ? UNP P08567 ? ? 'cloning artifact' 239 1 
1 2I5F SER A 2 ? UNP P08567 ? ? 'cloning artifact' 240 2 
1 2I5F PHE A 3 ? UNP P08567 ? ? 'cloning artifact' 241 3 
1 2I5F THR A 4 ? UNP P08567 ? ? 'cloning artifact' 242 4 
1 2I5F GLY A 5 ? UNP P08567 ? ? 'cloning artifact' 243 5 
# 
_pdbx_struct_assembly.id                   1 
_pdbx_struct_assembly.details              author_defined_assembly 
_pdbx_struct_assembly.method_details       ? 
_pdbx_struct_assembly.oligomeric_details   monomeric 
_pdbx_struct_assembly.oligomeric_count     1 
# 
_pdbx_struct_assembly_gen.assembly_id       1 
_pdbx_struct_assembly_gen.oper_expression   1 
_pdbx_struct_assembly_gen.asym_id_list      A,B,C 
# 
_pdbx_struct_oper_list.id                   1 
_pdbx_struct_oper_list.type                 'identity operation' 
_pdbx_struct_oper_list.name                 1_555 
_pdbx_struct_oper_list.symmetry_operation   x,y,z 
_pdbx_struct_oper_list.matrix[1][1]         1.0000000000 
_pdbx_struct_oper_list.matrix[1][2]         0.0000000000 
_pdbx_struct_oper_list.matrix[1][3]         0.0000000000 
_pdbx_struct_oper_list.vector[1]            0.0000000000 
_pdbx_struct_oper_list.matrix[2][1]         0.0000000000 
_pdbx_struct_oper_list.matrix[2][2]         1.0000000000 
_pdbx_struct_oper_list.matrix[2][3]         0.0000000000 
_pdbx_struct_oper_list.vector[2]            0.0000000000 
_pdbx_struct_oper_list.matrix[3][1]         0.0000000000 
_pdbx_struct_oper_list.matrix[3][2]         0.0000000000 
_pdbx_struct_oper_list.matrix[3][3]         1.0000000000 
_pdbx_struct_oper_list.vector[3]            0.0000000000 
# 
_struct_biol.id        1 
_struct_biol.details   'Biological unit is a monomer' 
# 
_struct_conf.conf_type_id            HELX_P 
_struct_conf.id                      HELX_P1 
_struct_conf.pdbx_PDB_helix_id       1 
_struct_conf.beg_label_comp_id       THR 
_struct_conf.beg_label_asym_id       A 
_struct_conf.beg_label_seq_id        93 
_struct_conf.pdbx_beg_PDB_ins_code   ? 
_struct_conf.end_label_comp_id       ARG 
_struct_conf.end_label_asym_id       A 
_struct_conf.end_label_seq_id        109 
_struct_conf.pdbx_end_PDB_ins_code   ? 
_struct_conf.beg_auth_comp_id        THR 
_struct_conf.beg_auth_asym_id        A 
_struct_conf.beg_auth_seq_id         331 
_struct_conf.end_auth_comp_id        ARG 
_struct_conf.end_auth_asym_id        A 
_struct_conf.end_auth_seq_id         347 
_struct_conf.pdbx_PDB_helix_class    1 
_struct_conf.details                 ? 
_struct_conf.pdbx_PDB_helix_length   17 
# 
_struct_conf_type.id          HELX_P 
_struct_conf_type.criteria    ? 
_struct_conf_type.reference   ? 
# 
_struct_mon_prot_cis.pdbx_id                1 
_struct_mon_prot_cis.label_comp_id          ASP 
_struct_mon_prot_cis.label_seq_id           33 
_struct_mon_prot_cis.label_asym_id          A 
_struct_mon_prot_cis.label_alt_id           . 
_struct_mon_prot_cis.pdbx_PDB_ins_code      ? 
_struct_mon_prot_cis.auth_comp_id           ASP 
_struct_mon_prot_cis.auth_seq_id            271 
_struct_mon_prot_cis.auth_asym_id           A 
_struct_mon_prot_cis.pdbx_label_comp_id_2   PRO 
_struct_mon_prot_cis.pdbx_label_seq_id_2    34 
_struct_mon_prot_cis.pdbx_label_asym_id_2   A 
_struct_mon_prot_cis.pdbx_PDB_ins_code_2    ? 
_struct_mon_prot_cis.pdbx_auth_comp_id_2    PRO 
_struct_mon_prot_cis.pdbx_auth_seq_id_2     272 
_struct_mon_prot_cis.pdbx_auth_asym_id_2    A 
_struct_mon_prot_cis.pdbx_PDB_model_num     1 
_struct_mon_prot_cis.pdbx_omega_angle       -1.36 
# 
_struct_sheet.id               A 
_struct_sheet.type             ? 
_struct_sheet.number_strands   7 
_struct_sheet.details          ? 
# 
loop_
_struct_sheet_order.sheet_id 
_struct_sheet_order.range_id_1 
_struct_sheet_order.range_id_2 
_struct_sheet_order.offset 
_struct_sheet_order.sense 
A 1 2 ? anti-parallel 
A 2 3 ? anti-parallel 
A 3 4 ? anti-parallel 
A 4 5 ? anti-parallel 
A 5 6 ? anti-parallel 
A 6 7 ? anti-parallel 
# 
loop_
_struct_sheet_range.sheet_id 
_struct_sheet_range.id 
_struct_sheet_range.beg_label_comp_id 
_struct_sheet_range.beg_label_asym_id 
_struct_sheet_range.beg_label_seq_id 
_struct_sheet_range.pdbx_beg_PDB_ins_code 
_struct_sheet_range.end_label_comp_id 
_struct_sheet_range.end_label_asym_id 
_struct_sheet_range.end_label_seq_id 
_struct_sheet_range.pdbx_end_PDB_ins_code 
_struct_sheet_range.beg_auth_comp_id 
_struct_sheet_range.beg_auth_asym_id 
_struct_sheet_range.beg_auth_seq_id 
_struct_sheet_range.end_auth_comp_id 
_struct_sheet_range.end_auth_asym_id 
_struct_sheet_range.end_auth_seq_id 
A 1 GLY A 50 ? HIS A 53 ? GLY A 288 HIS A 291 
A 2 TYR A 36 ? TYR A 40 ? TYR A 274 TYR A 278 
A 3 TRP A 23 ? ARG A 31 ? TRP A 261 ARG A 269 
A 4 ILE A 7  ? GLN A 16 ? ILE A 245 GLN A 254 
A 5 HIS A 86 ? GLN A 90 ? HIS A 324 GLN A 328 
A 6 LEU A 76 ? ILE A 80 ? LEU A 314 ILE A 318 
A 7 VAL A 58 ? VAL A 62 ? VAL A 296 VAL A 300 
# 
loop_
_pdbx_struct_sheet_hbond.sheet_id 
_pdbx_struct_sheet_hbond.range_id_1 
_pdbx_struct_sheet_hbond.range_id_2 
_pdbx_struct_sheet_hbond.range_1_label_atom_id 
_pdbx_struct_sheet_hbond.range_1_label_comp_id 
_pdbx_struct_sheet_hbond.range_1_label_asym_id 
_pdbx_struct_sheet_hbond.range_1_label_seq_id 
_pdbx_struct_sheet_hbond.range_1_PDB_ins_code 
_pdbx_struct_sheet_hbond.range_1_auth_atom_id 
_pdbx_struct_sheet_hbond.range_1_auth_comp_id 
_pdbx_struct_sheet_hbond.range_1_auth_asym_id 
_pdbx_struct_sheet_hbond.range_1_auth_seq_id 
_pdbx_struct_sheet_hbond.range_2_label_atom_id 
_pdbx_struct_sheet_hbond.range_2_label_comp_id 
_pdbx_struct_sheet_hbond.range_2_label_asym_id 
_pdbx_struct_sheet_hbond.range_2_label_seq_id 
_pdbx_struct_sheet_hbond.range_2_PDB_ins_code 
_pdbx_struct_sheet_hbond.range_2_auth_atom_id 
_pdbx_struct_sheet_hbond.range_2_auth_comp_id 
_pdbx_struct_sheet_hbond.range_2_auth_asym_id 
_pdbx_struct_sheet_hbond.range_2_auth_seq_id 
A 1 2 O ILE A 52 ? O ILE A 290 N LEU A 37 ? N LEU A 275 
A 2 3 O TYR A 36 ? O TYR A 274 N ARG A 31 ? N ARG A 269 
A 3 4 O LEU A 30 ? O LEU A 268 N LYS A 9  ? N LYS A 247 
A 4 5 N LEU A 14 ? N LEU A 252 O GLN A 90 ? O GLN A 328 
A 5 6 O LEU A 89 ? O LEU A 327 N PHE A 77 ? N PHE A 315 
A 6 7 O ILE A 80 ? O ILE A 318 N VAL A 58 ? N VAL A 296 
# 
_struct_site.id                   AC1 
_struct_site.pdbx_evidence_code   Software 
_struct_site.pdbx_auth_asym_id    A 
_struct_site.pdbx_auth_comp_id    5IP 
_struct_site.pdbx_auth_seq_id     550 
_struct_site.pdbx_auth_ins_code   ? 
_struct_site.pdbx_num_residues    13 
_struct_site.details              'BINDING SITE FOR RESIDUE 5IP A 550' 
# 
loop_
_struct_site_gen.id 
_struct_site_gen.site_id 
_struct_site_gen.pdbx_num_res 
_struct_site_gen.label_comp_id 
_struct_site_gen.label_asym_id 
_struct_site_gen.label_seq_id 
_struct_site_gen.pdbx_auth_ins_code 
_struct_site_gen.auth_comp_id 
_struct_site_gen.auth_asym_id 
_struct_site_gen.auth_seq_id 
_struct_site_gen.label_atom_id 
_struct_site_gen.label_alt_id 
_struct_site_gen.symmetry 
_struct_site_gen.details 
1  AC1 13 HOH C .  ? HOH A 42  . ? 1_555 ? 
2  AC1 13 HOH C .  ? HOH A 56  . ? 1_555 ? 
3  AC1 13 HOH C .  ? HOH A 61  . ? 1_555 ? 
4  AC1 13 LYS A 15 ? LYS A 253 . ? 1_555 ? 
5  AC1 13 GLY A 17 ? GLY A 255 . ? 1_555 ? 
6  AC1 13 HIS A 18 ? HIS A 256 . ? 1_555 ? 
7  AC1 13 ARG A 19 ? ARG A 257 . ? 1_555 ? 
8  AC1 13 ARG A 20 ? ARG A 258 . ? 1_555 ? 
9  AC1 13 LYS A 21 ? LYS A 259 . ? 4_545 ? 
10 AC1 13 LYS A 21 ? LYS A 259 . ? 1_555 ? 
11 AC1 13 ARG A 26 ? ARG A 264 . ? 1_555 ? 
12 AC1 13 TYR A 39 ? TYR A 277 . ? 1_555 ? 
13 AC1 13 LEU A 49 ? LEU A 287 . ? 1_555 ? 
# 
loop_
_pdbx_validate_rmsd_bond.id 
_pdbx_validate_rmsd_bond.PDB_model_num 
_pdbx_validate_rmsd_bond.auth_atom_id_1 
_pdbx_validate_rmsd_bond.auth_asym_id_1 
_pdbx_validate_rmsd_bond.auth_comp_id_1 
_pdbx_validate_rmsd_bond.auth_seq_id_1 
_pdbx_validate_rmsd_bond.PDB_ins_code_1 
_pdbx_validate_rmsd_bond.label_alt_id_1 
_pdbx_validate_rmsd_bond.auth_atom_id_2 
_pdbx_validate_rmsd_bond.auth_asym_id_2 
_pdbx_validate_rmsd_bond.auth_comp_id_2 
_pdbx_validate_rmsd_bond.auth_seq_id_2 
_pdbx_validate_rmsd_bond.PDB_ins_code_2 
_pdbx_validate_rmsd_bond.label_alt_id_2 
_pdbx_validate_rmsd_bond.bond_value 
_pdbx_validate_rmsd_bond.bond_target_value 
_pdbx_validate_rmsd_bond.bond_deviation 
_pdbx_validate_rmsd_bond.bond_standard_deviation 
_pdbx_validate_rmsd_bond.linker_flag 
1 1 CZ A TYR 274 ? ? CE2 A TYR 274 ? ? 1.268 1.381 -0.113 0.013 N 
2 1 CB A GLU 322 ? ? CG  A GLU 322 ? ? 1.652 1.517 0.135  0.019 N 
# 
loop_
_pdbx_validate_rmsd_angle.id 
_pdbx_validate_rmsd_angle.PDB_model_num 
_pdbx_validate_rmsd_angle.auth_atom_id_1 
_pdbx_validate_rmsd_angle.auth_asym_id_1 
_pdbx_validate_rmsd_angle.auth_comp_id_1 
_pdbx_validate_rmsd_angle.auth_seq_id_1 
_pdbx_validate_rmsd_angle.PDB_ins_code_1 
_pdbx_validate_rmsd_angle.label_alt_id_1 
_pdbx_validate_rmsd_angle.auth_atom_id_2 
_pdbx_validate_rmsd_angle.auth_asym_id_2 
_pdbx_validate_rmsd_angle.auth_comp_id_2 
_pdbx_validate_rmsd_angle.auth_seq_id_2 
_pdbx_validate_rmsd_angle.PDB_ins_code_2 
_pdbx_validate_rmsd_angle.label_alt_id_2 
_pdbx_validate_rmsd_angle.auth_atom_id_3 
_pdbx_validate_rmsd_angle.auth_asym_id_3 
_pdbx_validate_rmsd_angle.auth_comp_id_3 
_pdbx_validate_rmsd_angle.auth_seq_id_3 
_pdbx_validate_rmsd_angle.PDB_ins_code_3 
_pdbx_validate_rmsd_angle.label_alt_id_3 
_pdbx_validate_rmsd_angle.angle_value 
_pdbx_validate_rmsd_angle.angle_target_value 
_pdbx_validate_rmsd_angle.angle_deviation 
_pdbx_validate_rmsd_angle.angle_standard_deviation 
_pdbx_validate_rmsd_angle.linker_flag 
1 1 NE A ARG 258 ? ? CZ A ARG 258 ? ? NH1 A ARG 258 ? ? 125.25 120.30 4.95   0.50 N 
2 1 NE A ARG 258 ? ? CZ A ARG 258 ? ? NH2 A ARG 258 ? ? 113.31 120.30 -6.99  0.50 N 
3 1 CB A PHE 266 ? ? CG A PHE 266 ? ? CD2 A PHE 266 ? ? 115.91 120.80 -4.89  0.70 N 
4 1 NE A ARG 269 ? ? CZ A ARG 269 ? ? NH1 A ARG 269 ? ? 125.64 120.30 5.34   0.50 N 
5 1 NE A ARG 269 ? ? CZ A ARG 269 ? ? NH2 A ARG 269 ? ? 116.48 120.30 -3.82  0.50 N 
6 1 CB A LEU 287 ? A CG A LEU 287 ? A CD1 A LEU 287 ? A 99.49  111.00 -11.51 1.70 N 
7 1 NE A ARG 335 ? ? CZ A ARG 335 ? ? NH1 A ARG 335 ? ? 124.53 120.30 4.23   0.50 N 
# 
_pdbx_validate_torsion.id              1 
_pdbx_validate_torsion.PDB_model_num   1 
_pdbx_validate_torsion.auth_comp_id    GLU 
_pdbx_validate_torsion.auth_asym_id    A 
_pdbx_validate_torsion.auth_seq_id     322 
_pdbx_validate_torsion.PDB_ins_code    ? 
_pdbx_validate_torsion.label_alt_id    ? 
_pdbx_validate_torsion.phi             76.73 
_pdbx_validate_torsion.psi             30.07 
# 
loop_
_pdbx_unobs_or_zero_occ_residues.id 
_pdbx_unobs_or_zero_occ_residues.PDB_model_num 
_pdbx_unobs_or_zero_occ_residues.polymer_flag 
_pdbx_unobs_or_zero_occ_residues.occupancy_flag 
_pdbx_unobs_or_zero_occ_residues.auth_asym_id 
_pdbx_unobs_or_zero_occ_residues.auth_comp_id 
_pdbx_unobs_or_zero_occ_residues.auth_seq_id 
_pdbx_unobs_or_zero_occ_residues.PDB_ins_code 
_pdbx_unobs_or_zero_occ_residues.label_asym_id 
_pdbx_unobs_or_zero_occ_residues.label_comp_id 
_pdbx_unobs_or_zero_occ_residues.label_seq_id 
1  1 Y 1 A GLY 239 ? A GLY 1  
2  1 Y 1 A SER 240 ? A SER 2  
3  1 Y 1 A ASN 303 ? A ASN 65 
4  1 Y 1 A SER 304 ? A SER 66 
5  1 Y 1 A ASN 305 ? A ASN 67 
6  1 Y 1 A GLY 306 ? A GLY 68 
7  1 Y 1 A ARG 307 ? A ARG 69 
8  1 Y 1 A LYS 308 ? A LYS 70 
9  1 Y 1 A SER 309 ? A SER 71 
10 1 Y 1 A GLU 310 ? A GLU 72 
# 
loop_
_chem_comp_atom.comp_id 
_chem_comp_atom.atom_id 
_chem_comp_atom.type_symbol 
_chem_comp_atom.pdbx_aromatic_flag 
_chem_comp_atom.pdbx_stereo_config 
_chem_comp_atom.pdbx_ordinal 
5IP O46  O N N 1   
5IP P6   P N N 2   
5IP O26  O N N 3   
5IP O36  O N N 4   
5IP O16  O N N 5   
5IP C6   C N R 6   
5IP C1   C N N 7   
5IP O11  O N N 8   
5IP P1   P N N 9   
5IP O41  O N N 10  
5IP O31  O N N 11  
5IP O21  O N N 12  
5IP C5   C N S 13  
5IP O15  O N N 14  
5IP P5   P N N 15  
5IP O45  O N N 16  
5IP O35  O N N 17  
5IP O25  O N N 18  
5IP C4   C N N 19  
5IP O14  O N N 20  
5IP C3   C N R 21  
5IP O13  O N N 22  
5IP P3   P N N 23  
5IP O43  O N N 24  
5IP O33  O N N 25  
5IP O23  O N N 26  
5IP C2   C N R 27  
5IP O12  O N N 28  
5IP P2   P N N 29  
5IP O22  O N N 30  
5IP O32  O N N 31  
5IP O42  O N N 32  
5IP HO46 H N N 33  
5IP HO26 H N N 34  
5IP H6   H N N 35  
5IP H1   H N N 36  
5IP HO31 H N N 37  
5IP HO21 H N N 38  
5IP H5   H N N 39  
5IP HO35 H N N 40  
5IP HO25 H N N 41  
5IP H4   H N N 42  
5IP HO14 H N N 43  
5IP H3   H N N 44  
5IP HO33 H N N 45  
5IP HO23 H N N 46  
5IP H2   H N N 47  
5IP HO22 H N N 48  
5IP HO42 H N N 49  
ALA N    N N N 50  
ALA CA   C N S 51  
ALA C    C N N 52  
ALA O    O N N 53  
ALA CB   C N N 54  
ALA OXT  O N N 55  
ALA H    H N N 56  
ALA H2   H N N 57  
ALA HA   H N N 58  
ALA HB1  H N N 59  
ALA HB2  H N N 60  
ALA HB3  H N N 61  
ALA HXT  H N N 62  
ARG N    N N N 63  
ARG CA   C N S 64  
ARG C    C N N 65  
ARG O    O N N 66  
ARG CB   C N N 67  
ARG CG   C N N 68  
ARG CD   C N N 69  
ARG NE   N N N 70  
ARG CZ   C N N 71  
ARG NH1  N N N 72  
ARG NH2  N N N 73  
ARG OXT  O N N 74  
ARG H    H N N 75  
ARG H2   H N N 76  
ARG HA   H N N 77  
ARG HB2  H N N 78  
ARG HB3  H N N 79  
ARG HG2  H N N 80  
ARG HG3  H N N 81  
ARG HD2  H N N 82  
ARG HD3  H N N 83  
ARG HE   H N N 84  
ARG HH11 H N N 85  
ARG HH12 H N N 86  
ARG HH21 H N N 87  
ARG HH22 H N N 88  
ARG HXT  H N N 89  
ASN N    N N N 90  
ASN CA   C N S 91  
ASN C    C N N 92  
ASN O    O N N 93  
ASN CB   C N N 94  
ASN CG   C N N 95  
ASN OD1  O N N 96  
ASN ND2  N N N 97  
ASN OXT  O N N 98  
ASN H    H N N 99  
ASN H2   H N N 100 
ASN HA   H N N 101 
ASN HB2  H N N 102 
ASN HB3  H N N 103 
ASN HD21 H N N 104 
ASN HD22 H N N 105 
ASN HXT  H N N 106 
ASP N    N N N 107 
ASP CA   C N S 108 
ASP C    C N N 109 
ASP O    O N N 110 
ASP CB   C N N 111 
ASP CG   C N N 112 
ASP OD1  O N N 113 
ASP OD2  O N N 114 
ASP OXT  O N N 115 
ASP H    H N N 116 
ASP H2   H N N 117 
ASP HA   H N N 118 
ASP HB2  H N N 119 
ASP HB3  H N N 120 
ASP HD2  H N N 121 
ASP HXT  H N N 122 
CYS N    N N N 123 
CYS CA   C N R 124 
CYS C    C N N 125 
CYS O    O N N 126 
CYS CB   C N N 127 
CYS SG   S N N 128 
CYS OXT  O N N 129 
CYS H    H N N 130 
CYS H2   H N N 131 
CYS HA   H N N 132 
CYS HB2  H N N 133 
CYS HB3  H N N 134 
CYS HG   H N N 135 
CYS HXT  H N N 136 
GLN N    N N N 137 
GLN CA   C N S 138 
GLN C    C N N 139 
GLN O    O N N 140 
GLN CB   C N N 141 
GLN CG   C N N 142 
GLN CD   C N N 143 
GLN OE1  O N N 144 
GLN NE2  N N N 145 
GLN OXT  O N N 146 
GLN H    H N N 147 
GLN H2   H N N 148 
GLN HA   H N N 149 
GLN HB2  H N N 150 
GLN HB3  H N N 151 
GLN HG2  H N N 152 
GLN HG3  H N N 153 
GLN HE21 H N N 154 
GLN HE22 H N N 155 
GLN HXT  H N N 156 
GLU N    N N N 157 
GLU CA   C N S 158 
GLU C    C N N 159 
GLU O    O N N 160 
GLU CB   C N N 161 
GLU CG   C N N 162 
GLU CD   C N N 163 
GLU OE1  O N N 164 
GLU OE2  O N N 165 
GLU OXT  O N N 166 
GLU H    H N N 167 
GLU H2   H N N 168 
GLU HA   H N N 169 
GLU HB2  H N N 170 
GLU HB3  H N N 171 
GLU HG2  H N N 172 
GLU HG3  H N N 173 
GLU HE2  H N N 174 
GLU HXT  H N N 175 
GLY N    N N N 176 
GLY CA   C N N 177 
GLY C    C N N 178 
GLY O    O N N 179 
GLY OXT  O N N 180 
GLY H    H N N 181 
GLY H2   H N N 182 
GLY HA2  H N N 183 
GLY HA3  H N N 184 
GLY HXT  H N N 185 
HIS N    N N N 186 
HIS CA   C N S 187 
HIS C    C N N 188 
HIS O    O N N 189 
HIS CB   C N N 190 
HIS CG   C Y N 191 
HIS ND1  N Y N 192 
HIS CD2  C Y N 193 
HIS CE1  C Y N 194 
HIS NE2  N Y N 195 
HIS OXT  O N N 196 
HIS H    H N N 197 
HIS H2   H N N 198 
HIS HA   H N N 199 
HIS HB2  H N N 200 
HIS HB3  H N N 201 
HIS HD1  H N N 202 
HIS HD2  H N N 203 
HIS HE1  H N N 204 
HIS HE2  H N N 205 
HIS HXT  H N N 206 
HOH O    O N N 207 
HOH H1   H N N 208 
HOH H2   H N N 209 
ILE N    N N N 210 
ILE CA   C N S 211 
ILE C    C N N 212 
ILE O    O N N 213 
ILE CB   C N S 214 
ILE CG1  C N N 215 
ILE CG2  C N N 216 
ILE CD1  C N N 217 
ILE OXT  O N N 218 
ILE H    H N N 219 
ILE H2   H N N 220 
ILE HA   H N N 221 
ILE HB   H N N 222 
ILE HG12 H N N 223 
ILE HG13 H N N 224 
ILE HG21 H N N 225 
ILE HG22 H N N 226 
ILE HG23 H N N 227 
ILE HD11 H N N 228 
ILE HD12 H N N 229 
ILE HD13 H N N 230 
ILE HXT  H N N 231 
LEU N    N N N 232 
LEU CA   C N S 233 
LEU C    C N N 234 
LEU O    O N N 235 
LEU CB   C N N 236 
LEU CG   C N N 237 
LEU CD1  C N N 238 
LEU CD2  C N N 239 
LEU OXT  O N N 240 
LEU H    H N N 241 
LEU H2   H N N 242 
LEU HA   H N N 243 
LEU HB2  H N N 244 
LEU HB3  H N N 245 
LEU HG   H N N 246 
LEU HD11 H N N 247 
LEU HD12 H N N 248 
LEU HD13 H N N 249 
LEU HD21 H N N 250 
LEU HD22 H N N 251 
LEU HD23 H N N 252 
LEU HXT  H N N 253 
LYS N    N N N 254 
LYS CA   C N S 255 
LYS C    C N N 256 
LYS O    O N N 257 
LYS CB   C N N 258 
LYS CG   C N N 259 
LYS CD   C N N 260 
LYS CE   C N N 261 
LYS NZ   N N N 262 
LYS OXT  O N N 263 
LYS H    H N N 264 
LYS H2   H N N 265 
LYS HA   H N N 266 
LYS HB2  H N N 267 
LYS HB3  H N N 268 
LYS HG2  H N N 269 
LYS HG3  H N N 270 
LYS HD2  H N N 271 
LYS HD3  H N N 272 
LYS HE2  H N N 273 
LYS HE3  H N N 274 
LYS HZ1  H N N 275 
LYS HZ2  H N N 276 
LYS HZ3  H N N 277 
LYS HXT  H N N 278 
MET N    N N N 279 
MET CA   C N S 280 
MET C    C N N 281 
MET O    O N N 282 
MET CB   C N N 283 
MET CG   C N N 284 
MET SD   S N N 285 
MET CE   C N N 286 
MET OXT  O N N 287 
MET H    H N N 288 
MET H2   H N N 289 
MET HA   H N N 290 
MET HB2  H N N 291 
MET HB3  H N N 292 
MET HG2  H N N 293 
MET HG3  H N N 294 
MET HE1  H N N 295 
MET HE2  H N N 296 
MET HE3  H N N 297 
MET HXT  H N N 298 
PHE N    N N N 299 
PHE CA   C N S 300 
PHE C    C N N 301 
PHE O    O N N 302 
PHE CB   C N N 303 
PHE CG   C Y N 304 
PHE CD1  C Y N 305 
PHE CD2  C Y N 306 
PHE CE1  C Y N 307 
PHE CE2  C Y N 308 
PHE CZ   C Y N 309 
PHE OXT  O N N 310 
PHE H    H N N 311 
PHE H2   H N N 312 
PHE HA   H N N 313 
PHE HB2  H N N 314 
PHE HB3  H N N 315 
PHE HD1  H N N 316 
PHE HD2  H N N 317 
PHE HE1  H N N 318 
PHE HE2  H N N 319 
PHE HZ   H N N 320 
PHE HXT  H N N 321 
PRO N    N N N 322 
PRO CA   C N S 323 
PRO C    C N N 324 
PRO O    O N N 325 
PRO CB   C N N 326 
PRO CG   C N N 327 
PRO CD   C N N 328 
PRO OXT  O N N 329 
PRO H    H N N 330 
PRO HA   H N N 331 
PRO HB2  H N N 332 
PRO HB3  H N N 333 
PRO HG2  H N N 334 
PRO HG3  H N N 335 
PRO HD2  H N N 336 
PRO HD3  H N N 337 
PRO HXT  H N N 338 
SER N    N N N 339 
SER CA   C N S 340 
SER C    C N N 341 
SER O    O N N 342 
SER CB   C N N 343 
SER OG   O N N 344 
SER OXT  O N N 345 
SER H    H N N 346 
SER H2   H N N 347 
SER HA   H N N 348 
SER HB2  H N N 349 
SER HB3  H N N 350 
SER HG   H N N 351 
SER HXT  H N N 352 
THR N    N N N 353 
THR CA   C N S 354 
THR C    C N N 355 
THR O    O N N 356 
THR CB   C N R 357 
THR OG1  O N N 358 
THR CG2  C N N 359 
THR OXT  O N N 360 
THR H    H N N 361 
THR H2   H N N 362 
THR HA   H N N 363 
THR HB   H N N 364 
THR HG1  H N N 365 
THR HG21 H N N 366 
THR HG22 H N N 367 
THR HG23 H N N 368 
THR HXT  H N N 369 
TRP N    N N N 370 
TRP CA   C N S 371 
TRP C    C N N 372 
TRP O    O N N 373 
TRP CB   C N N 374 
TRP CG   C Y N 375 
TRP CD1  C Y N 376 
TRP CD2  C Y N 377 
TRP NE1  N Y N 378 
TRP CE2  C Y N 379 
TRP CE3  C Y N 380 
TRP CZ2  C Y N 381 
TRP CZ3  C Y N 382 
TRP CH2  C Y N 383 
TRP OXT  O N N 384 
TRP H    H N N 385 
TRP H2   H N N 386 
TRP HA   H N N 387 
TRP HB2  H N N 388 
TRP HB3  H N N 389 
TRP HD1  H N N 390 
TRP HE1  H N N 391 
TRP HE3  H N N 392 
TRP HZ2  H N N 393 
TRP HZ3  H N N 394 
TRP HH2  H N N 395 
TRP HXT  H N N 396 
TYR N    N N N 397 
TYR CA   C N S 398 
TYR C    C N N 399 
TYR O    O N N 400 
TYR CB   C N N 401 
TYR CG   C Y N 402 
TYR CD1  C Y N 403 
TYR CD2  C Y N 404 
TYR CE1  C Y N 405 
TYR CE2  C Y N 406 
TYR CZ   C Y N 407 
TYR OH   O N N 408 
TYR OXT  O N N 409 
TYR H    H N N 410 
TYR H2   H N N 411 
TYR HA   H N N 412 
TYR HB2  H N N 413 
TYR HB3  H N N 414 
TYR HD1  H N N 415 
TYR HD2  H N N 416 
TYR HE1  H N N 417 
TYR HE2  H N N 418 
TYR HH   H N N 419 
TYR HXT  H N N 420 
VAL N    N N N 421 
VAL CA   C N S 422 
VAL C    C N N 423 
VAL O    O N N 424 
VAL CB   C N N 425 
VAL CG1  C N N 426 
VAL CG2  C N N 427 
VAL OXT  O N N 428 
VAL H    H N N 429 
VAL H2   H N N 430 
VAL HA   H N N 431 
VAL HB   H N N 432 
VAL HG11 H N N 433 
VAL HG12 H N N 434 
VAL HG13 H N N 435 
VAL HG21 H N N 436 
VAL HG22 H N N 437 
VAL HG23 H N N 438 
VAL HXT  H N N 439 
# 
loop_
_chem_comp_bond.comp_id 
_chem_comp_bond.atom_id_1 
_chem_comp_bond.atom_id_2 
_chem_comp_bond.value_order 
_chem_comp_bond.pdbx_aromatic_flag 
_chem_comp_bond.pdbx_stereo_config 
_chem_comp_bond.pdbx_ordinal 
5IP O46 P6   sing N N 1   
5IP O46 HO46 sing N N 2   
5IP P6  O36  doub N N 3   
5IP P6  O16  sing N N 4   
5IP P6  O26  sing N N 5   
5IP O26 HO26 sing N N 6   
5IP O16 C6   sing N N 7   
5IP C6  C1   sing N N 8   
5IP C6  C5   sing N N 9   
5IP C6  H6   sing N N 10  
5IP C1  C2   sing N N 11  
5IP C1  O11  sing N N 12  
5IP C1  H1   sing N N 13  
5IP O11 P1   sing N N 14  
5IP P1  O41  doub N N 15  
5IP P1  O31  sing N N 16  
5IP P1  O21  sing N N 17  
5IP O31 HO31 sing N N 18  
5IP O21 HO21 sing N N 19  
5IP C5  C4   sing N N 20  
5IP C5  O15  sing N N 21  
5IP C5  H5   sing N N 22  
5IP O15 P5   sing N N 23  
5IP P5  O45  doub N N 24  
5IP P5  O35  sing N N 25  
5IP P5  O25  sing N N 26  
5IP O35 HO35 sing N N 27  
5IP O25 HO25 sing N N 28  
5IP C4  C3   sing N N 29  
5IP C4  O14  sing N N 30  
5IP C4  H4   sing N N 31  
5IP O14 HO14 sing N N 32  
5IP C3  O13  sing N N 33  
5IP C3  C2   sing N N 34  
5IP C3  H3   sing N N 35  
5IP O13 P3   sing N N 36  
5IP P3  O43  doub N N 37  
5IP P3  O23  sing N N 38  
5IP P3  O33  sing N N 39  
5IP O33 HO33 sing N N 40  
5IP O23 HO23 sing N N 41  
5IP C2  O12  sing N N 42  
5IP C2  H2   sing N N 43  
5IP O12 P2   sing N N 44  
5IP P2  O32  doub N N 45  
5IP P2  O42  sing N N 46  
5IP P2  O22  sing N N 47  
5IP O22 HO22 sing N N 48  
5IP O42 HO42 sing N N 49  
ALA N   CA   sing N N 50  
ALA N   H    sing N N 51  
ALA N   H2   sing N N 52  
ALA CA  C    sing N N 53  
ALA CA  CB   sing N N 54  
ALA CA  HA   sing N N 55  
ALA C   O    doub N N 56  
ALA C   OXT  sing N N 57  
ALA CB  HB1  sing N N 58  
ALA CB  HB2  sing N N 59  
ALA CB  HB3  sing N N 60  
ALA OXT HXT  sing N N 61  
ARG N   CA   sing N N 62  
ARG N   H    sing N N 63  
ARG N   H2   sing N N 64  
ARG CA  C    sing N N 65  
ARG CA  CB   sing N N 66  
ARG CA  HA   sing N N 67  
ARG C   O    doub N N 68  
ARG C   OXT  sing N N 69  
ARG CB  CG   sing N N 70  
ARG CB  HB2  sing N N 71  
ARG CB  HB3  sing N N 72  
ARG CG  CD   sing N N 73  
ARG CG  HG2  sing N N 74  
ARG CG  HG3  sing N N 75  
ARG CD  NE   sing N N 76  
ARG CD  HD2  sing N N 77  
ARG CD  HD3  sing N N 78  
ARG NE  CZ   sing N N 79  
ARG NE  HE   sing N N 80  
ARG CZ  NH1  sing N N 81  
ARG CZ  NH2  doub N N 82  
ARG NH1 HH11 sing N N 83  
ARG NH1 HH12 sing N N 84  
ARG NH2 HH21 sing N N 85  
ARG NH2 HH22 sing N N 86  
ARG OXT HXT  sing N N 87  
ASN N   CA   sing N N 88  
ASN N   H    sing N N 89  
ASN N   H2   sing N N 90  
ASN CA  C    sing N N 91  
ASN CA  CB   sing N N 92  
ASN CA  HA   sing N N 93  
ASN C   O    doub N N 94  
ASN C   OXT  sing N N 95  
ASN CB  CG   sing N N 96  
ASN CB  HB2  sing N N 97  
ASN CB  HB3  sing N N 98  
ASN CG  OD1  doub N N 99  
ASN CG  ND2  sing N N 100 
ASN ND2 HD21 sing N N 101 
ASN ND2 HD22 sing N N 102 
ASN OXT HXT  sing N N 103 
ASP N   CA   sing N N 104 
ASP N   H    sing N N 105 
ASP N   H2   sing N N 106 
ASP CA  C    sing N N 107 
ASP CA  CB   sing N N 108 
ASP CA  HA   sing N N 109 
ASP C   O    doub N N 110 
ASP C   OXT  sing N N 111 
ASP CB  CG   sing N N 112 
ASP CB  HB2  sing N N 113 
ASP CB  HB3  sing N N 114 
ASP CG  OD1  doub N N 115 
ASP CG  OD2  sing N N 116 
ASP OD2 HD2  sing N N 117 
ASP OXT HXT  sing N N 118 
CYS N   CA   sing N N 119 
CYS N   H    sing N N 120 
CYS N   H2   sing N N 121 
CYS CA  C    sing N N 122 
CYS CA  CB   sing N N 123 
CYS CA  HA   sing N N 124 
CYS C   O    doub N N 125 
CYS C   OXT  sing N N 126 
CYS CB  SG   sing N N 127 
CYS CB  HB2  sing N N 128 
CYS CB  HB3  sing N N 129 
CYS SG  HG   sing N N 130 
CYS OXT HXT  sing N N 131 
GLN N   CA   sing N N 132 
GLN N   H    sing N N 133 
GLN N   H2   sing N N 134 
GLN CA  C    sing N N 135 
GLN CA  CB   sing N N 136 
GLN CA  HA   sing N N 137 
GLN C   O    doub N N 138 
GLN C   OXT  sing N N 139 
GLN CB  CG   sing N N 140 
GLN CB  HB2  sing N N 141 
GLN CB  HB3  sing N N 142 
GLN CG  CD   sing N N 143 
GLN CG  HG2  sing N N 144 
GLN CG  HG3  sing N N 145 
GLN CD  OE1  doub N N 146 
GLN CD  NE2  sing N N 147 
GLN NE2 HE21 sing N N 148 
GLN NE2 HE22 sing N N 149 
GLN OXT HXT  sing N N 150 
GLU N   CA   sing N N 151 
GLU N   H    sing N N 152 
GLU N   H2   sing N N 153 
GLU CA  C    sing N N 154 
GLU CA  CB   sing N N 155 
GLU CA  HA   sing N N 156 
GLU C   O    doub N N 157 
GLU C   OXT  sing N N 158 
GLU CB  CG   sing N N 159 
GLU CB  HB2  sing N N 160 
GLU CB  HB3  sing N N 161 
GLU CG  CD   sing N N 162 
GLU CG  HG2  sing N N 163 
GLU CG  HG3  sing N N 164 
GLU CD  OE1  doub N N 165 
GLU CD  OE2  sing N N 166 
GLU OE2 HE2  sing N N 167 
GLU OXT HXT  sing N N 168 
GLY N   CA   sing N N 169 
GLY N   H    sing N N 170 
GLY N   H2   sing N N 171 
GLY CA  C    sing N N 172 
GLY CA  HA2  sing N N 173 
GLY CA  HA3  sing N N 174 
GLY C   O    doub N N 175 
GLY C   OXT  sing N N 176 
GLY OXT HXT  sing N N 177 
HIS N   CA   sing N N 178 
HIS N   H    sing N N 179 
HIS N   H2   sing N N 180 
HIS CA  C    sing N N 181 
HIS CA  CB   sing N N 182 
HIS CA  HA   sing N N 183 
HIS C   O    doub N N 184 
HIS C   OXT  sing N N 185 
HIS CB  CG   sing N N 186 
HIS CB  HB2  sing N N 187 
HIS CB  HB3  sing N N 188 
HIS CG  ND1  sing Y N 189 
HIS CG  CD2  doub Y N 190 
HIS ND1 CE1  doub Y N 191 
HIS ND1 HD1  sing N N 192 
HIS CD2 NE2  sing Y N 193 
HIS CD2 HD2  sing N N 194 
HIS CE1 NE2  sing Y N 195 
HIS CE1 HE1  sing N N 196 
HIS NE2 HE2  sing N N 197 
HIS OXT HXT  sing N N 198 
HOH O   H1   sing N N 199 
HOH O   H2   sing N N 200 
ILE N   CA   sing N N 201 
ILE N   H    sing N N 202 
ILE N   H2   sing N N 203 
ILE CA  C    sing N N 204 
ILE CA  CB   sing N N 205 
ILE CA  HA   sing N N 206 
ILE C   O    doub N N 207 
ILE C   OXT  sing N N 208 
ILE CB  CG1  sing N N 209 
ILE CB  CG2  sing N N 210 
ILE CB  HB   sing N N 211 
ILE CG1 CD1  sing N N 212 
ILE CG1 HG12 sing N N 213 
ILE CG1 HG13 sing N N 214 
ILE CG2 HG21 sing N N 215 
ILE CG2 HG22 sing N N 216 
ILE CG2 HG23 sing N N 217 
ILE CD1 HD11 sing N N 218 
ILE CD1 HD12 sing N N 219 
ILE CD1 HD13 sing N N 220 
ILE OXT HXT  sing N N 221 
LEU N   CA   sing N N 222 
LEU N   H    sing N N 223 
LEU N   H2   sing N N 224 
LEU CA  C    sing N N 225 
LEU CA  CB   sing N N 226 
LEU CA  HA   sing N N 227 
LEU C   O    doub N N 228 
LEU C   OXT  sing N N 229 
LEU CB  CG   sing N N 230 
LEU CB  HB2  sing N N 231 
LEU CB  HB3  sing N N 232 
LEU CG  CD1  sing N N 233 
LEU CG  CD2  sing N N 234 
LEU CG  HG   sing N N 235 
LEU CD1 HD11 sing N N 236 
LEU CD1 HD12 sing N N 237 
LEU CD1 HD13 sing N N 238 
LEU CD2 HD21 sing N N 239 
LEU CD2 HD22 sing N N 240 
LEU CD2 HD23 sing N N 241 
LEU OXT HXT  sing N N 242 
LYS N   CA   sing N N 243 
LYS N   H    sing N N 244 
LYS N   H2   sing N N 245 
LYS CA  C    sing N N 246 
LYS CA  CB   sing N N 247 
LYS CA  HA   sing N N 248 
LYS C   O    doub N N 249 
LYS C   OXT  sing N N 250 
LYS CB  CG   sing N N 251 
LYS CB  HB2  sing N N 252 
LYS CB  HB3  sing N N 253 
LYS CG  CD   sing N N 254 
LYS CG  HG2  sing N N 255 
LYS CG  HG3  sing N N 256 
LYS CD  CE   sing N N 257 
LYS CD  HD2  sing N N 258 
LYS CD  HD3  sing N N 259 
LYS CE  NZ   sing N N 260 
LYS CE  HE2  sing N N 261 
LYS CE  HE3  sing N N 262 
LYS NZ  HZ1  sing N N 263 
LYS NZ  HZ2  sing N N 264 
LYS NZ  HZ3  sing N N 265 
LYS OXT HXT  sing N N 266 
MET N   CA   sing N N 267 
MET N   H    sing N N 268 
MET N   H2   sing N N 269 
MET CA  C    sing N N 270 
MET CA  CB   sing N N 271 
MET CA  HA   sing N N 272 
MET C   O    doub N N 273 
MET C   OXT  sing N N 274 
MET CB  CG   sing N N 275 
MET CB  HB2  sing N N 276 
MET CB  HB3  sing N N 277 
MET CG  SD   sing N N 278 
MET CG  HG2  sing N N 279 
MET CG  HG3  sing N N 280 
MET SD  CE   sing N N 281 
MET CE  HE1  sing N N 282 
MET CE  HE2  sing N N 283 
MET CE  HE3  sing N N 284 
MET OXT HXT  sing N N 285 
PHE N   CA   sing N N 286 
PHE N   H    sing N N 287 
PHE N   H2   sing N N 288 
PHE CA  C    sing N N 289 
PHE CA  CB   sing N N 290 
PHE CA  HA   sing N N 291 
PHE C   O    doub N N 292 
PHE C   OXT  sing N N 293 
PHE CB  CG   sing N N 294 
PHE CB  HB2  sing N N 295 
PHE CB  HB3  sing N N 296 
PHE CG  CD1  doub Y N 297 
PHE CG  CD2  sing Y N 298 
PHE CD1 CE1  sing Y N 299 
PHE CD1 HD1  sing N N 300 
PHE CD2 CE2  doub Y N 301 
PHE CD2 HD2  sing N N 302 
PHE CE1 CZ   doub Y N 303 
PHE CE1 HE1  sing N N 304 
PHE CE2 CZ   sing Y N 305 
PHE CE2 HE2  sing N N 306 
PHE CZ  HZ   sing N N 307 
PHE OXT HXT  sing N N 308 
PRO N   CA   sing N N 309 
PRO N   CD   sing N N 310 
PRO N   H    sing N N 311 
PRO CA  C    sing N N 312 
PRO CA  CB   sing N N 313 
PRO CA  HA   sing N N 314 
PRO C   O    doub N N 315 
PRO C   OXT  sing N N 316 
PRO CB  CG   sing N N 317 
PRO CB  HB2  sing N N 318 
PRO CB  HB3  sing N N 319 
PRO CG  CD   sing N N 320 
PRO CG  HG2  sing N N 321 
PRO CG  HG3  sing N N 322 
PRO CD  HD2  sing N N 323 
PRO CD  HD3  sing N N 324 
PRO OXT HXT  sing N N 325 
SER N   CA   sing N N 326 
SER N   H    sing N N 327 
SER N   H2   sing N N 328 
SER CA  C    sing N N 329 
SER CA  CB   sing N N 330 
SER CA  HA   sing N N 331 
SER C   O    doub N N 332 
SER C   OXT  sing N N 333 
SER CB  OG   sing N N 334 
SER CB  HB2  sing N N 335 
SER CB  HB3  sing N N 336 
SER OG  HG   sing N N 337 
SER OXT HXT  sing N N 338 
THR N   CA   sing N N 339 
THR N   H    sing N N 340 
THR N   H2   sing N N 341 
THR CA  C    sing N N 342 
THR CA  CB   sing N N 343 
THR CA  HA   sing N N 344 
THR C   O    doub N N 345 
THR C   OXT  sing N N 346 
THR CB  OG1  sing N N 347 
THR CB  CG2  sing N N 348 
THR CB  HB   sing N N 349 
THR OG1 HG1  sing N N 350 
THR CG2 HG21 sing N N 351 
THR CG2 HG22 sing N N 352 
THR CG2 HG23 sing N N 353 
THR OXT HXT  sing N N 354 
TRP N   CA   sing N N 355 
TRP N   H    sing N N 356 
TRP N   H2   sing N N 357 
TRP CA  C    sing N N 358 
TRP CA  CB   sing N N 359 
TRP CA  HA   sing N N 360 
TRP C   O    doub N N 361 
TRP C   OXT  sing N N 362 
TRP CB  CG   sing N N 363 
TRP CB  HB2  sing N N 364 
TRP CB  HB3  sing N N 365 
TRP CG  CD1  doub Y N 366 
TRP CG  CD2  sing Y N 367 
TRP CD1 NE1  sing Y N 368 
TRP CD1 HD1  sing N N 369 
TRP CD2 CE2  doub Y N 370 
TRP CD2 CE3  sing Y N 371 
TRP NE1 CE2  sing Y N 372 
TRP NE1 HE1  sing N N 373 
TRP CE2 CZ2  sing Y N 374 
TRP CE3 CZ3  doub Y N 375 
TRP CE3 HE3  sing N N 376 
TRP CZ2 CH2  doub Y N 377 
TRP CZ2 HZ2  sing N N 378 
TRP CZ3 CH2  sing Y N 379 
TRP CZ3 HZ3  sing N N 380 
TRP CH2 HH2  sing N N 381 
TRP OXT HXT  sing N N 382 
TYR N   CA   sing N N 383 
TYR N   H    sing N N 384 
TYR N   H2   sing N N 385 
TYR CA  C    sing N N 386 
TYR CA  CB   sing N N 387 
TYR CA  HA   sing N N 388 
TYR C   O    doub N N 389 
TYR C   OXT  sing N N 390 
TYR CB  CG   sing N N 391 
TYR CB  HB2  sing N N 392 
TYR CB  HB3  sing N N 393 
TYR CG  CD1  doub Y N 394 
TYR CG  CD2  sing Y N 395 
TYR CD1 CE1  sing Y N 396 
TYR CD1 HD1  sing N N 397 
TYR CD2 CE2  doub Y N 398 
TYR CD2 HD2  sing N N 399 
TYR CE1 CZ   doub Y N 400 
TYR CE1 HE1  sing N N 401 
TYR CE2 CZ   sing Y N 402 
TYR CE2 HE2  sing N N 403 
TYR CZ  OH   sing N N 404 
TYR OH  HH   sing N N 405 
TYR OXT HXT  sing N N 406 
VAL N   CA   sing N N 407 
VAL N   H    sing N N 408 
VAL N   H2   sing N N 409 
VAL CA  C    sing N N 410 
VAL CA  CB   sing N N 411 
VAL CA  HA   sing N N 412 
VAL C   O    doub N N 413 
VAL C   OXT  sing N N 414 
VAL CB  CG1  sing N N 415 
VAL CB  CG2  sing N N 416 
VAL CB  HB   sing N N 417 
VAL CG1 HG11 sing N N 418 
VAL CG1 HG12 sing N N 419 
VAL CG1 HG13 sing N N 420 
VAL CG2 HG21 sing N N 421 
VAL CG2 HG22 sing N N 422 
VAL CG2 HG23 sing N N 423 
VAL OXT HXT  sing N N 424 
# 
_atom_sites.entry_id                    2I5F 
_atom_sites.fract_transf_matrix[1][1]   -0.02005962 
_atom_sites.fract_transf_matrix[1][2]   0.02032756 
_atom_sites.fract_transf_matrix[1][3]   -0.01232319 
_atom_sites.fract_transf_matrix[2][1]   0.00712701 
_atom_sites.fract_transf_matrix[2][2]   0.01487639 
_atom_sites.fract_transf_matrix[2][3]   0.01293786 
_atom_sites.fract_transf_matrix[3][1]   0.01068460 
_atom_sites.fract_transf_matrix[3][2]   0.00411041 
_atom_sites.fract_transf_matrix[3][3]   -0.01061206 
_atom_sites.fract_transf_vector[1]      -0.128311 
_atom_sites.fract_transf_vector[2]      -0.232911 
_atom_sites.fract_transf_vector[3]      -0.242446 
# 
loop_
_atom_type.symbol 
C 
N 
O 
P 
S 
# 
loop_
_atom_site.group_PDB 
_atom_site.id 
_atom_site.type_symbol 
_atom_site.label_atom_id 
_atom_site.label_alt_id 
_atom_site.label_comp_id 
_atom_site.label_asym_id 
_atom_site.label_entity_id 
_atom_site.label_seq_id 
_atom_site.pdbx_PDB_ins_code 
_atom_site.Cartn_x 
_atom_site.Cartn_y 
_atom_site.Cartn_z 
_atom_site.occupancy 
_atom_site.B_iso_or_equiv 
_atom_site.pdbx_formal_charge 
_atom_site.auth_seq_id 
_atom_site.auth_comp_id 
_atom_site.auth_asym_id 
_atom_site.auth_atom_id 
_atom_site.pdbx_PDB_model_num 
ATOM   1   N N   . PHE A 1 3   ? -15.433 -5.872  -1.642  1.00 34.36 ? 241 PHE A N   1 
ATOM   2   C CA  . PHE A 1 3   ? -14.569 -4.632  -1.501  1.00 35.88 ? 241 PHE A CA  1 
ATOM   3   C C   . PHE A 1 3   ? -15.088 -3.539  -0.569  1.00 38.61 ? 241 PHE A C   1 
ATOM   4   O O   . PHE A 1 3   ? -14.569 -2.450  -0.615  1.00 38.42 ? 241 PHE A O   1 
ATOM   5   C CB  . PHE A 1 3   ? -14.330 -3.962  -2.845  1.00 33.66 ? 241 PHE A CB  1 
ATOM   6   C CG  . PHE A 1 3   ? -13.725 -4.886  -3.875  1.00 32.68 ? 241 PHE A CG  1 
ATOM   7   C CD1 . PHE A 1 3   ? -14.451 -5.274  -4.967  1.00 29.33 ? 241 PHE A CD1 1 
ATOM   8   C CD2 . PHE A 1 3   ? -12.466 -5.341  -3.731  1.00 23.88 ? 241 PHE A CD2 1 
ATOM   9   C CE1 . PHE A 1 3   ? -13.908 -6.092  -5.862  1.00 27.51 ? 241 PHE A CE1 1 
ATOM   10  C CE2 . PHE A 1 3   ? -11.850 -6.149  -4.660  1.00 28.60 ? 241 PHE A CE2 1 
ATOM   11  C CZ  . PHE A 1 3   ? -12.568 -6.587  -5.724  1.00 30.05 ? 241 PHE A CZ  1 
ATOM   12  N N   . THR A 1 4   ? -16.083 -3.835  0.274   1.00 41.66 ? 242 THR A N   1 
ATOM   13  C CA  . THR A 1 4   ? -16.717 -2.805  1.098   1.00 43.07 ? 242 THR A CA  1 
ATOM   14  C C   . THR A 1 4   ? -16.501 -2.950  2.596   1.00 43.66 ? 242 THR A C   1 
ATOM   15  O O   . THR A 1 4   ? -17.152 -2.228  3.373   1.00 45.43 ? 242 THR A O   1 
ATOM   16  C CB  . THR A 1 4   ? -18.241 -2.864  0.941   1.00 43.22 ? 242 THR A CB  1 
ATOM   17  O OG1 . THR A 1 4   ? -18.695 -4.149  1.391   1.00 48.09 ? 242 THR A OG1 1 
ATOM   18  C CG2 . THR A 1 4   ? -18.629 -2.654  -0.491  1.00 46.11 ? 242 THR A CG2 1 
ATOM   19  N N   . GLY A 1 5   ? -15.628 -3.865  3.017   1.00 40.68 ? 243 GLY A N   1 
ATOM   20  C CA  . GLY A 1 5   ? -15.435 -4.105  4.446   1.00 38.16 ? 243 GLY A CA  1 
ATOM   21  C C   . GLY A 1 5   ? -14.871 -3.025  5.355   1.00 36.33 ? 243 GLY A C   1 
ATOM   22  O O   . GLY A 1 5   ? -14.729 -1.842  4.993   1.00 38.55 ? 243 GLY A O   1 
ATOM   23  N N   . VAL A 1 6   ? -14.605 -3.427  6.596   1.00 31.96 ? 244 VAL A N   1 
ATOM   24  C CA  . VAL A 1 6   ? -14.112 -2.549  7.636   1.00 30.35 ? 244 VAL A CA  1 
ATOM   25  C C   . VAL A 1 6   ? -12.758 -2.089  7.174   1.00 26.38 ? 244 VAL A C   1 
ATOM   26  O O   . VAL A 1 6   ? -12.034 -2.850  6.531   1.00 24.82 ? 244 VAL A O   1 
ATOM   27  C CB  . VAL A 1 6   ? -14.038 -3.304  9.053   1.00 31.70 ? 244 VAL A CB  1 
ATOM   28  C CG1 . VAL A 1 6   ? -13.423 -4.674  8.924   1.00 32.22 ? 244 VAL A CG1 1 
ATOM   29  C CG2 . VAL A 1 6   ? -13.229 -2.454  10.077  1.00 34.89 ? 244 VAL A CG2 1 
ATOM   30  N N   . ILE A 1 7   ? -12.419 -0.859  7.524   1.00 21.89 ? 245 ILE A N   1 
ATOM   31  C CA  . ILE A 1 7   ? -11.058 -0.351  7.171   1.00 23.58 ? 245 ILE A CA  1 
ATOM   32  C C   . ILE A 1 7   ? -10.095 -0.685  8.305   1.00 22.61 ? 245 ILE A C   1 
ATOM   33  O O   . ILE A 1 7   ? -10.318 -0.326  9.515   1.00 24.89 ? 245 ILE A O   1 
ATOM   34  C CB  . ILE A 1 7   ? -11.045 1.165   7.007   1.00 22.58 ? 245 ILE A CB  1 
ATOM   35  C CG1 . ILE A 1 7   ? -11.882 1.523   5.748   1.00 25.04 ? 245 ILE A CG1 1 
ATOM   36  C CG2 . ILE A 1 7   ? -9.557  1.706   6.995   1.00 24.56 ? 245 ILE A CG2 1 
ATOM   37  C CD1 . ILE A 1 7   ? -11.976 3.071   5.430   1.00 28.24 ? 245 ILE A CD1 1 
ATOM   38  N N   . ILE A 1 8   ? -9.058  -1.449  7.960   1.00 18.84 ? 246 ILE A N   1 
ATOM   39  C CA  . ILE A 1 8   ? -8.032  -1.853  8.876   1.00 21.16 ? 246 ILE A CA  1 
ATOM   40  C C   . ILE A 1 8   ? -6.987  -0.802  9.135   1.00 20.62 ? 246 ILE A C   1 
ATOM   41  O O   . ILE A 1 8   ? -6.472  -0.638  10.229  1.00 21.56 ? 246 ILE A O   1 
ATOM   42  C CB  . ILE A 1 8   ? -7.327  -3.174  8.342   1.00 22.17 ? 246 ILE A CB  1 
ATOM   43  C CG1 . ILE A 1 8   ? -8.317  -4.285  8.085   1.00 22.44 ? 246 ILE A CG1 1 
ATOM   44  C CG2 . ILE A 1 8   ? -6.258  -3.647  9.262   1.00 24.46 ? 246 ILE A CG2 1 
ATOM   45  C CD1 . ILE A 1 8   ? -9.347  -4.547  9.209   1.00 26.25 ? 246 ILE A CD1 1 
ATOM   46  N N   . LYS A 1 9   ? -6.603  -0.099  8.109   1.00 17.16 ? 247 LYS A N   1 
ATOM   47  C CA  . LYS A 1 9   ? -5.585  0.990   8.224   1.00 21.22 ? 247 LYS A CA  1 
ATOM   48  C C   . LYS A 1 9   ? -5.807  1.911   7.015   1.00 17.76 ? 247 LYS A C   1 
ATOM   49  O O   . LYS A 1 9   ? -6.157  1.476   5.924   1.00 19.13 ? 247 LYS A O   1 
ATOM   50  C CB  . LYS A 1 9   ? -4.146  0.397   8.125   1.00 20.52 ? 247 LYS A CB  1 
ATOM   51  C CG  . LYS A 1 9   ? -3.058  1.517   8.437   1.00 21.97 ? 247 LYS A CG  1 
ATOM   52  C CD  . LYS A 1 9   ? -1.663  0.861   8.635   1.00 22.39 ? 247 LYS A CD  1 
ATOM   53  C CE  . LYS A 1 9   ? -0.655  1.958   8.979   1.00 21.37 ? 247 LYS A CE  1 
ATOM   54  N NZ  . LYS A 1 9   ? -0.916  2.611   10.258  1.00 21.66 ? 247 LYS A NZ  1 
ATOM   55  N N   . GLN A 1 10  ? -5.575  3.184   7.243   1.00 18.51 ? 248 GLN A N   1 
ATOM   56  C CA  . GLN A 1 10  ? -5.566  4.176   6.151   1.00 18.22 ? 248 GLN A CA  1 
ATOM   57  C C   . GLN A 1 10  ? -4.558  5.238   6.411   1.00 19.37 ? 248 GLN A C   1 
ATOM   58  O O   . GLN A 1 10  ? -4.266  5.567   7.593   1.00 21.02 ? 248 GLN A O   1 
ATOM   59  C CB  . GLN A 1 10  ? -6.975  4.710   5.944   1.00 18.51 ? 248 GLN A CB  1 
ATOM   60  C CG  . GLN A 1 10  ? -7.523  5.576   7.088   1.00 20.88 ? 248 GLN A CG  1 
ATOM   61  C CD  . GLN A 1 10  ? -8.990  5.891   6.774   1.00 23.19 ? 248 GLN A CD  1 
ATOM   62  O OE1 . GLN A 1 10  ? -9.350  6.496   5.758   1.00 24.22 ? 248 GLN A OE1 1 
ATOM   63  N NE2 . GLN A 1 10  ? -9.868  5.488   7.696   1.00 26.09 ? 248 GLN A NE2 1 
ATOM   64  N N   . GLY A 1 11  ? -4.077  5.894   5.363   1.00 19.82 ? 249 GLY A N   1 
ATOM   65  C CA  . GLY A 1 11  ? -3.106  7.044   5.506   1.00 19.66 ? 249 GLY A CA  1 
ATOM   66  C C   . GLY A 1 11  ? -2.456  7.251   4.224   1.00 18.08 ? 249 GLY A C   1 
ATOM   67  O O   . GLY A 1 11  ? -2.594  6.500   3.255   1.00 19.64 ? 249 GLY A O   1 
ATOM   68  N N   . CYS A 1 12  ? -1.732  8.347   4.120   1.00 19.94 ? 250 CYS A N   1 
ATOM   69  C CA  . CYS A 1 12  ? -1.021  8.664   2.927   1.00 19.31 ? 250 CYS A CA  1 
ATOM   70  C C   . CYS A 1 12  ? 0.352   8.067   2.868   1.00 19.38 ? 250 CYS A C   1 
ATOM   71  O O   . CYS A 1 12  ? 1.052   7.937   3.865   1.00 20.59 ? 250 CYS A O   1 
ATOM   72  C CB  . CYS A 1 12  ? -0.890  10.183  2.808   1.00 19.20 ? 250 CYS A CB  1 
ATOM   73  S SG  . CYS A 1 12  ? -2.486  10.994  2.360   1.00 21.04 ? 250 CYS A SG  1 
ATOM   74  N N   . LEU A 1 13  ? 0.745   7.724   1.646   1.00 19.89 ? 251 LEU A N   1 
ATOM   75  C CA  . LEU A 1 13  ? 2.113   7.237   1.334   1.00 19.46 ? 251 LEU A CA  1 
ATOM   76  C C   . LEU A 1 13  ? 2.545   7.821   0.028   1.00 19.06 ? 251 LEU A C   1 
ATOM   77  O O   . LEU A 1 13  ? 1.631   8.250   -0.782  1.00 19.73 ? 251 LEU A O   1 
ATOM   78  C CB  . LEU A 1 13  ? 2.096   5.767   1.119   1.00 20.39 ? 251 LEU A CB  1 
ATOM   79  C CG  . LEU A 1 13  ? 1.721   4.897   2.349   1.00 19.85 ? 251 LEU A CG  1 
ATOM   80  C CD1 . LEU A 1 13  ? 1.524   3.402   1.932   1.00 21.34 ? 251 LEU A CD1 1 
ATOM   81  C CD2 . LEU A 1 13  ? 2.826   4.983   3.415   1.00 21.37 ? 251 LEU A CD2 1 
ATOM   82  N N   . LEU A 1 14  ? 3.824   7.933   -0.256  1.00 20.08 ? 252 LEU A N   1 
ATOM   83  C CA  . LEU A 1 14  ? 4.252   8.228   -1.632  1.00 20.16 ? 252 LEU A CA  1 
ATOM   84  C C   . LEU A 1 14  ? 4.352   6.940   -2.441  1.00 20.13 ? 252 LEU A C   1 
ATOM   85  O O   . LEU A 1 14  ? 4.801   5.919   -1.924  1.00 20.68 ? 252 LEU A O   1 
ATOM   86  C CB  . LEU A 1 14  ? 5.586   8.956   -1.616  1.00 20.57 ? 252 LEU A CB  1 
ATOM   87  C CG  . LEU A 1 14  ? 5.601   10.356  -0.990  1.00 21.03 ? 252 LEU A CG  1 
ATOM   88  C CD1 . LEU A 1 14  ? 7.043   10.886  -0.948  1.00 21.93 ? 252 LEU A CD1 1 
ATOM   89  C CD2 . LEU A 1 14  ? 4.696   11.286  -1.763  1.00 22.68 ? 252 LEU A CD2 1 
ATOM   90  N N   . LYS A 1 15  ? 3.913   6.992   -3.681  1.00 18.78 ? 253 LYS A N   1 
ATOM   91  C CA  . LYS A 1 15  ? 3.954   5.819   -4.507  1.00 20.84 ? 253 LYS A CA  1 
ATOM   92  C C   . LYS A 1 15  ? 4.760   6.197   -5.748  1.00 17.49 ? 253 LYS A C   1 
ATOM   93  O O   . LYS A 1 15  ? 4.540   7.291   -6.354  1.00 18.34 ? 253 LYS A O   1 
ATOM   94  C CB  . LYS A 1 15  ? 2.488   5.505   -4.926  1.00 21.13 ? 253 LYS A CB  1 
ATOM   95  C CG  . LYS A 1 15  ? 2.433   4.372   -5.849  1.00 23.01 ? 253 LYS A CG  1 
ATOM   96  C CD  . LYS A 1 15  ? 0.915   4.198   -6.227  1.00 30.76 ? 253 LYS A CD  1 
ATOM   97  C CE  . LYS A 1 15  ? 0.655   3.803   -7.655  1.00 33.07 ? 253 LYS A CE  1 
ATOM   98  N NZ  . LYS A 1 15  ? 0.823   5.098   -8.514  1.00 34.61 ? 253 LYS A NZ  1 
ATOM   99  N N   . GLN A 1 16  ? 5.605   5.288   -6.255  1.00 16.46 ? 254 GLN A N   1 
ATOM   100 C CA  . GLN A 1 16  ? 6.360   5.549   -7.462  1.00 18.46 ? 254 GLN A CA  1 
ATOM   101 C C   . GLN A 1 16  ? 5.578   5.096   -8.653  1.00 17.44 ? 254 GLN A C   1 
ATOM   102 O O   . GLN A 1 16  ? 4.994   3.992   -8.672  1.00 20.04 ? 254 GLN A O   1 
ATOM   103 C CB  . GLN A 1 16  ? 7.637   4.684   -7.374  1.00 18.83 ? 254 GLN A CB  1 
ATOM   104 C CG  . GLN A 1 16  ? 8.581   5.044   -8.586  1.00 19.52 ? 254 GLN A CG  1 
ATOM   105 C CD  . GLN A 1 16  ? 9.840   4.183   -8.571  1.00 21.15 ? 254 GLN A CD  1 
ATOM   106 O OE1 . GLN A 1 16  ? 10.899  4.712   -8.389  1.00 31.34 ? 254 GLN A OE1 1 
ATOM   107 N NE2 . GLN A 1 16  ? 9.683   2.908   -8.809  1.00 20.92 ? 254 GLN A NE2 1 
ATOM   108 N N   . GLY A 1 17  ? 5.549   5.921   -9.698  1.00 16.99 ? 255 GLY A N   1 
ATOM   109 C CA  . GLY A 1 17  ? 4.931   5.424   -10.915 1.00 20.86 ? 255 GLY A CA  1 
ATOM   110 C C   . GLY A 1 17  ? 5.823   4.484   -11.634 1.00 23.24 ? 255 GLY A C   1 
ATOM   111 O O   . GLY A 1 17  ? 7.089   4.641   -11.570 1.00 26.15 ? 255 GLY A O   1 
ATOM   112 N N   . HIS A 1 18  ? 5.198   3.744   -12.558 1.00 22.57 ? 256 HIS A N   1 
ATOM   113 C CA  . HIS A 1 18  ? 5.952   2.618   -13.116 1.00 22.66 ? 256 HIS A CA  1 
ATOM   114 C C   . HIS A 1 18  ? 7.005   3.046   -14.218 1.00 25.04 ? 256 HIS A C   1 
ATOM   115 O O   . HIS A 1 18  ? 8.198   2.583   -14.286 1.00 27.35 ? 256 HIS A O   1 
ATOM   116 C CB  . HIS A 1 18  ? 4.955   1.429   -13.443 1.00 25.09 ? 256 HIS A CB  1 
ATOM   117 C CG  . HIS A 1 18  ? 4.354   0.777   -12.172 1.00 29.22 ? 256 HIS A CG  1 
ATOM   118 N ND1 . HIS A 1 18  ? 3.304   1.330   -11.467 1.00 29.93 ? 256 HIS A ND1 1 
ATOM   119 C CD2 . HIS A 1 18  ? 4.650   -0.372  -11.519 1.00 32.40 ? 256 HIS A CD2 1 
ATOM   120 C CE1 . HIS A 1 18  ? 3.048   0.617   -10.378 1.00 40.86 ? 256 HIS A CE1 1 
ATOM   121 N NE2 . HIS A 1 18  ? 3.847   -0.429  -10.392 1.00 35.77 ? 256 HIS A NE2 1 
ATOM   122 N N   . ARG A 1 19  ? 6.574   4.015   -15.028 1.00 20.86 ? 257 ARG A N   1 
ATOM   123 C CA  . ARG A 1 19  ? 7.197   4.283   -16.333 1.00 22.74 ? 257 ARG A CA  1 
ATOM   124 C C   . ARG A 1 19  ? 8.145   5.394   -16.176 1.00 17.58 ? 257 ARG A C   1 
ATOM   125 O O   . ARG A 1 19  ? 9.287   5.299   -16.523 1.00 22.55 ? 257 ARG A O   1 
ATOM   126 C CB  . ARG A 1 19  ? 6.037   4.692   -17.192 1.00 25.02 ? 257 ARG A CB  1 
ATOM   127 C CG  . ARG A 1 19  ? 5.480   3.451   -17.938 1.00 25.92 ? 257 ARG A CG  1 
ATOM   128 C CD  . ARG A 1 19  ? 4.319   3.902   -18.859 1.00 23.80 ? 257 ARG A CD  1 
ATOM   129 N NE  . ARG A 1 19  ? 3.594   5.026   -18.250 1.00 26.47 ? 257 ARG A NE  1 
ATOM   130 C CZ  . ARG A 1 19  ? 2.741   5.786   -18.946 1.00 23.20 ? 257 ARG A CZ  1 
ATOM   131 N NH1 . ARG A 1 19  ? 2.457   5.566   -20.232 1.00 27.99 ? 257 ARG A NH1 1 
ATOM   132 N NH2 . ARG A 1 19  ? 2.165   6.787   -18.319 1.00 33.44 ? 257 ARG A NH2 1 
ATOM   133 N N   . ARG A 1 20  ? 7.705   6.491   -15.534 1.00 19.96 ? 258 ARG A N   1 
ATOM   134 C CA  . ARG A 1 20  ? 8.606   7.687   -15.435 1.00 20.96 ? 258 ARG A CA  1 
ATOM   135 C C   . ARG A 1 20  ? 9.263   7.791   -14.067 1.00 21.87 ? 258 ARG A C   1 
ATOM   136 O O   . ARG A 1 20  ? 10.165  8.618   -13.822 1.00 22.61 ? 258 ARG A O   1 
ATOM   137 C CB  . ARG A 1 20  ? 7.826   9.055   -15.696 1.00 17.06 ? 258 ARG A CB  1 
ATOM   138 C CG  . ARG A 1 20  ? 7.364   9.270   -17.162 1.00 15.22 ? 258 ARG A CG  1 
ATOM   139 C CD  . ARG A 1 20  ? 7.199   10.761  -17.405 1.00 22.48 ? 258 ARG A CD  1 
ATOM   140 N NE  . ARG A 1 20  ? 5.937   11.218  -16.925 1.00 19.48 ? 258 ARG A NE  1 
ATOM   141 C CZ  . ARG A 1 20  ? 5.449   12.454  -17.109 1.00 20.80 ? 258 ARG A CZ  1 
ATOM   142 N NH1 . ARG A 1 20  ? 6.158   13.512  -17.539 1.00 17.91 ? 258 ARG A NH1 1 
ATOM   143 N NH2 . ARG A 1 20  ? 4.217   12.604  -16.647 1.00 23.43 ? 258 ARG A NH2 1 
ATOM   144 N N   . LYS A 1 21  ? 8.717   7.039   -13.098 1.00 20.62 ? 259 LYS A N   1 
ATOM   145 C CA  . LYS A 1 21  ? 9.428   6.869   -11.797 1.00 24.87 ? 259 LYS A CA  1 
ATOM   146 C C   . LYS A 1 21  ? 9.295   8.042   -10.866 1.00 23.95 ? 259 LYS A C   1 
ATOM   147 O O   . LYS A 1 21  ? 10.135  8.273   -9.983  1.00 26.24 ? 259 LYS A O   1 
ATOM   148 C CB  . LYS A 1 21  ? 10.961  6.554   -11.939 1.00 27.17 ? 259 LYS A CB  1 
ATOM   149 C CG  . LYS A 1 21  ? 11.300  5.390   -12.820 1.00 31.02 ? 259 LYS A CG  1 
ATOM   150 C CD  . LYS A 1 21  ? 11.148  4.002   -12.169 1.00 33.77 ? 259 LYS A CD  1 
ATOM   151 C CE  . LYS A 1 21  ? 11.881  2.974   -13.045 1.00 38.63 ? 259 LYS A CE  1 
ATOM   152 N NZ  . LYS A 1 21  ? 12.448  1.844   -12.208 1.00 39.61 ? 259 LYS A NZ  1 
ATOM   153 N N   . ASN A 1 22  ? 8.248   8.849   -11.091 1.00 22.55 ? 260 ASN A N   1 
ATOM   154 C CA  . ASN A 1 22  ? 8.075   9.924   -10.147 1.00 20.17 ? 260 ASN A CA  1 
ATOM   155 C C   . ASN A 1 22  ? 7.284   9.456   -8.953  1.00 18.84 ? 260 ASN A C   1 
ATOM   156 O O   . ASN A 1 22  ? 6.500   8.521   -9.011  1.00 21.25 ? 260 ASN A O   1 
ATOM   157 C CB  . ASN A 1 22  ? 7.415   11.063  -10.860 1.00 19.91 ? 260 ASN A CB  1 
ATOM   158 C CG  . ASN A 1 22  ? 8.376   11.627  -12.006 1.00 23.99 ? 260 ASN A CG  1 
ATOM   159 O OD1 . ASN A 1 22  ? 9.564   11.868  -11.746 1.00 28.57 ? 260 ASN A OD1 1 
ATOM   160 N ND2 . ASN A 1 22  ? 7.923   11.646  -13.228 1.00 24.54 ? 260 ASN A ND2 1 
ATOM   161 N N   . TRP A 1 23  ? 7.378   10.180  -7.848  1.00 18.56 ? 261 TRP A N   1 
ATOM   162 C CA  . TRP A 1 23  ? 6.690   9.819   -6.632  1.00 20.82 ? 261 TRP A CA  1 
ATOM   163 C C   . TRP A 1 23  ? 5.551   10.747  -6.378  1.00 20.41 ? 261 TRP A C   1 
ATOM   164 O O   . TRP A 1 23  ? 5.771   11.992  -6.393  1.00 22.66 ? 261 TRP A O   1 
ATOM   165 C CB  . TRP A 1 23  ? 7.665   9.842   -5.448  1.00 20.72 ? 261 TRP A CB  1 
ATOM   166 C CG  . TRP A 1 23  ? 8.723   8.800   -5.528  1.00 19.76 ? 261 TRP A CG  1 
ATOM   167 C CD1 . TRP A 1 23  ? 9.886   8.864   -6.253  1.00 21.96 ? 261 TRP A CD1 1 
ATOM   168 C CD2 . TRP A 1 23  ? 8.714   7.513   -4.930  1.00 19.37 ? 261 TRP A CD2 1 
ATOM   169 N NE1 . TRP A 1 23  ? 10.644  7.723   -6.058  1.00 22.80 ? 261 TRP A NE1 1 
ATOM   170 C CE2 . TRP A 1 23  ? 9.931   6.877   -5.257  1.00 19.18 ? 261 TRP A CE2 1 
ATOM   171 C CE3 . TRP A 1 23  ? 7.799   6.825   -4.101  1.00 19.96 ? 261 TRP A CE3 1 
ATOM   172 C CZ2 . TRP A 1 23  ? 10.273  5.562   -4.764  1.00 19.49 ? 261 TRP A CZ2 1 
ATOM   173 C CZ3 . TRP A 1 23  ? 8.149   5.580   -3.609  1.00 18.42 ? 261 TRP A CZ3 1 
ATOM   174 C CH2 . TRP A 1 23  ? 9.324   4.956   -3.943  1.00 16.19 ? 261 TRP A CH2 1 
ATOM   175 N N   . LYS A 1 24  ? 4.386   10.253  -6.018  1.00 18.27 ? 262 LYS A N   1 
ATOM   176 C CA  . LYS A 1 24  ? 3.217   11.066  -5.761  1.00 20.01 ? 262 LYS A CA  1 
ATOM   177 C C   . LYS A 1 24  ? 2.565   10.634  -4.500  1.00 18.71 ? 262 LYS A C   1 
ATOM   178 O O   . LYS A 1 24  ? 2.457   9.426   -4.174  1.00 19.65 ? 262 LYS A O   1 
ATOM   179 C CB  . LYS A 1 24  ? 2.150   10.894  -6.868  1.00 20.65 ? 262 LYS A CB  1 
ATOM   180 C CG  . LYS A 1 24  ? 2.612   11.338  -8.111  1.00 23.25 ? 262 LYS A CG  1 
ATOM   181 C CD  . LYS A 1 24  ? 1.348   11.313  -9.067  1.00 33.31 ? 262 LYS A CD  1 
ATOM   182 C CE  . LYS A 1 24  ? 0.294   12.453  -8.733  1.00 38.08 ? 262 LYS A CE  1 
ATOM   183 N NZ  . LYS A 1 24  ? -0.615  13.093  -9.892  1.00 41.21 ? 262 LYS A NZ  1 
ATOM   184 N N   . VAL A 1 25  ? 2.032   11.584  -3.704  1.00 18.74 ? 263 VAL A N   1 
ATOM   185 C CA  . VAL A 1 25  ? 1.312   11.253  -2.472  1.00 19.60 ? 263 VAL A CA  1 
ATOM   186 C C   . VAL A 1 25  ? -0.092  10.707  -2.856  1.00 18.09 ? 263 VAL A C   1 
ATOM   187 O O   . VAL A 1 25  ? -0.813  11.356  -3.670  1.00 19.53 ? 263 VAL A O   1 
ATOM   188 C CB  . VAL A 1 25  ? 1.132   12.451  -1.527  1.00 16.39 ? 263 VAL A CB  1 
ATOM   189 C CG1 . VAL A 1 25  ? 0.318   12.055  -0.314  1.00 19.24 ? 263 VAL A CG1 1 
ATOM   190 C CG2 . VAL A 1 25  ? 2.491   13.038  -1.121  1.00 19.31 ? 263 VAL A CG2 1 
ATOM   191 N N   . ARG A 1 26  ? -0.462  9.547   -2.346  1.00 18.96 ? 264 ARG A N   1 
ATOM   192 C CA  . ARG A 1 26  ? -1.814  9.027   -2.504  1.00 20.08 ? 264 ARG A CA  1 
ATOM   193 C C   . ARG A 1 26  ? -2.321  8.619   -1.158  1.00 18.25 ? 264 ARG A C   1 
ATOM   194 O O   . ARG A 1 26  ? -1.494  8.310   -0.227  1.00 18.95 ? 264 ARG A O   1 
ATOM   195 C CB  . ARG A 1 26  ? -1.831  7.781   -3.417  1.00 20.26 ? 264 ARG A CB  1 
ATOM   196 C CG  . ARG A 1 26  ? -2.021  8.128   -4.883  1.00 22.62 ? 264 ARG A CG  1 
ATOM   197 C CD  . ARG A 1 26  ? -0.847  8.675   -5.559  1.00 24.29 ? 264 ARG A CD  1 
ATOM   198 N NE  . ARG A 1 26  ? -1.320  9.042   -6.914  1.00 22.89 ? 264 ARG A NE  1 
ATOM   199 C CZ  . ARG A 1 26  ? -1.928  10.186  -7.197  1.00 21.97 ? 264 ARG A CZ  1 
ATOM   200 N NH1 . ARG A 1 26  ? -2.153  11.102  -6.279  1.00 24.43 ? 264 ARG A NH1 1 
ATOM   201 N NH2 . ARG A 1 26  ? -2.297  10.481  -8.445  1.00 25.52 ? 264 ARG A NH2 1 
ATOM   202 N N   . LYS A 1 27  ? -3.627  8.609   -0.949  1.00 18.41 ? 265 LYS A N   1 
ATOM   203 C CA  A LYS A 1 27  ? -4.197  8.032   0.238   0.50 18.84 ? 265 LYS A CA  1 
ATOM   204 C CA  B LYS A 1 27  ? -4.212  8.074   0.245   0.50 19.11 ? 265 LYS A CA  1 
ATOM   205 C C   . LYS A 1 27  ? -4.448  6.595   0.014   1.00 19.48 ? 265 LYS A C   1 
ATOM   206 O O   . LYS A 1 27  ? -5.039  6.220   -1.022  1.00 18.77 ? 265 LYS A O   1 
ATOM   207 C CB  A LYS A 1 27  ? -5.539  8.740   0.545   0.50 19.12 ? 265 LYS A CB  1 
ATOM   208 C CB  B LYS A 1 27  ? -5.513  8.945   0.500   0.50 18.46 ? 265 LYS A CB  1 
ATOM   209 C CG  A LYS A 1 27  ? -6.182  8.051   1.660   0.50 18.00 ? 265 LYS A CG  1 
ATOM   210 C CG  B LYS A 1 27  ? -6.458  8.412   1.525   0.50 20.01 ? 265 LYS A CG  1 
ATOM   211 C CD  A LYS A 1 27  ? -7.291  8.925   2.220   0.50 20.38 ? 265 LYS A CD  1 
ATOM   212 C CD  B LYS A 1 27  ? -5.840  8.418   2.944   0.50 21.25 ? 265 LYS A CD  1 
ATOM   213 C CE  A LYS A 1 27  ? -8.595  8.385   1.732   0.50 25.04 ? 265 LYS A CE  1 
ATOM   214 C CE  B LYS A 1 27  ? -6.817  7.979   4.075   0.50 21.32 ? 265 LYS A CE  1 
ATOM   215 N NZ  A LYS A 1 27  ? -9.850  8.922   2.545   0.50 23.89 ? 265 LYS A NZ  1 
ATOM   216 N NZ  B LYS A 1 27  ? -8.021  8.874   4.510   0.50 19.48 ? 265 LYS A NZ  1 
ATOM   217 N N   . PHE A 1 28  ? -4.066  5.711   0.955   1.00 18.85 ? 266 PHE A N   1 
ATOM   218 C CA  . PHE A 1 28  ? -4.240  4.312   0.873   1.00 18.95 ? 266 PHE A CA  1 
ATOM   219 C C   . PHE A 1 28  ? -5.211  3.788   1.944   1.00 19.08 ? 266 PHE A C   1 
ATOM   220 O O   . PHE A 1 28  ? -5.191  4.324   3.086   1.00 21.30 ? 266 PHE A O   1 
ATOM   221 C CB  . PHE A 1 28  ? -2.878  3.595   1.123   1.00 19.68 ? 266 PHE A CB  1 
ATOM   222 C CG  . PHE A 1 28  ? -1.925  3.771   -0.033  1.00 19.36 ? 266 PHE A CG  1 
ATOM   223 C CD1 . PHE A 1 28  ? -1.267  4.933   -0.326  1.00 19.93 ? 266 PHE A CD1 1 
ATOM   224 C CD2 . PHE A 1 28  ? -1.793  2.669   -0.892  1.00 19.21 ? 266 PHE A CD2 1 
ATOM   225 C CE1 . PHE A 1 28  ? -0.440  5.027   -1.467  1.00 20.49 ? 266 PHE A CE1 1 
ATOM   226 C CE2 . PHE A 1 28  ? -0.936  2.785   -1.998  1.00 19.38 ? 266 PHE A CE2 1 
ATOM   227 C CZ  . PHE A 1 28  ? -0.284  3.953   -2.296  1.00 20.07 ? 266 PHE A CZ  1 
ATOM   228 N N   . ILE A 1 29  ? -5.989  2.785   1.581   1.00 18.70 ? 267 ILE A N   1 
ATOM   229 C CA  . ILE A 1 29  ? -6.933  2.196   2.511   1.00 19.43 ? 267 ILE A CA  1 
ATOM   230 C C   . ILE A 1 29  ? -6.863  0.717   2.383   1.00 18.54 ? 267 ILE A C   1 
ATOM   231 O O   . ILE A 1 29  ? -7.021  0.143   1.284   1.00 19.46 ? 267 ILE A O   1 
ATOM   232 C CB  . ILE A 1 29  ? -8.414  2.647   2.183   1.00 19.86 ? 267 ILE A CB  1 
ATOM   233 C CG1 . ILE A 1 29  ? -8.502  4.187   2.168   1.00 22.83 ? 267 ILE A CG1 1 
ATOM   234 C CG2 . ILE A 1 29  ? -9.387  1.966   3.107   1.00 21.65 ? 267 ILE A CG2 1 
ATOM   235 C CD1 . ILE A 1 29  ? -9.987  4.794   1.976   1.00 23.93 ? 267 ILE A CD1 1 
ATOM   236 N N   . LEU A 1 30  ? -6.626  0.028   3.508   1.00 18.14 ? 268 LEU A N   1 
ATOM   237 C CA  . LEU A 1 30  ? -6.499  -1.410  3.543   1.00 17.62 ? 268 LEU A CA  1 
ATOM   238 C C   . LEU A 1 30  ? -7.758  -1.963  4.157   1.00 17.18 ? 268 LEU A C   1 
ATOM   239 O O   . LEU A 1 30  ? -8.246  -1.571  5.189   1.00 18.17 ? 268 LEU A O   1 
ATOM   240 C CB  . LEU A 1 30  ? -5.369  -1.694  4.511   1.00 18.31 ? 268 LEU A CB  1 
ATOM   241 C CG  . LEU A 1 30  ? -5.083  -3.181  4.823   1.00 20.56 ? 268 LEU A CG  1 
ATOM   242 C CD1 . LEU A 1 30  ? -4.680  -4.009  3.610   1.00 23.43 ? 268 LEU A CD1 1 
ATOM   243 C CD2 . LEU A 1 30  ? -4.019  -3.381  6.014   1.00 25.35 ? 268 LEU A CD2 1 
ATOM   244 N N   . ARG A 1 31  ? -8.274  -2.970  3.420   1.00 18.50 ? 269 ARG A N   1 
ATOM   245 C CA  . ARG A 1 31  ? -9.486  -3.729  3.842   1.00 19.22 ? 269 ARG A CA  1 
ATOM   246 C C   . ARG A 1 31  ? -9.153  -5.221  3.725   1.00 20.69 ? 269 ARG A C   1 
ATOM   247 O O   . ARG A 1 31  ? -8.203  -5.652  3.156   1.00 20.37 ? 269 ARG A O   1 
ATOM   248 C CB  . ARG A 1 31  ? -10.678 -3.354  2.925   1.00 21.55 ? 269 ARG A CB  1 
ATOM   249 C CG  . ARG A 1 31  ? -11.117 -1.908  3.086   1.00 24.30 ? 269 ARG A CG  1 
ATOM   250 C CD  . ARG A 1 31  ? -12.189 -1.436  2.028   1.00 32.16 ? 269 ARG A CD  1 
ATOM   251 N NE  . ARG A 1 31  ? -12.670 -0.041  2.035   1.00 31.26 ? 269 ARG A NE  1 
ATOM   252 C CZ  . ARG A 1 31  ? -12.179 0.978   1.268   1.00 35.21 ? 269 ARG A CZ  1 
ATOM   253 N NH1 . ARG A 1 31  ? -11.152 0.872   0.351   1.00 25.83 ? 269 ARG A NH1 1 
ATOM   254 N NH2 . ARG A 1 31  ? -12.813 2.181   1.376   1.00 37.97 ? 269 ARG A NH2 1 
ATOM   255 N N   . GLU A 1 32  ? -10.010 -6.017  4.387   1.00 21.47 ? 270 GLU A N   1 
ATOM   256 C CA  A GLU A 1 32  ? -9.921  -7.478  4.419   0.50 23.80 ? 270 GLU A CA  1 
ATOM   257 C CA  B GLU A 1 32  ? -9.929  -7.487  4.421   0.50 23.66 ? 270 GLU A CA  1 
ATOM   258 C C   . GLU A 1 32  ? -11.110 -8.156  3.756   1.00 22.44 ? 270 GLU A C   1 
ATOM   259 O O   . GLU A 1 32  ? -12.154 -7.538  3.528   1.00 21.98 ? 270 GLU A O   1 
ATOM   260 C CB  A GLU A 1 32  ? -9.782  -7.984  5.873   0.50 26.18 ? 270 GLU A CB  1 
ATOM   261 C CB  B GLU A 1 32  ? -9.842  -8.004  5.869   0.50 25.82 ? 270 GLU A CB  1 
ATOM   262 C CG  A GLU A 1 32  ? -8.404  -7.696  6.542   0.50 27.07 ? 270 GLU A CG  1 
ATOM   263 C CG  B GLU A 1 32  ? -11.005 -7.580  6.727   0.50 26.61 ? 270 GLU A CG  1 
ATOM   264 C CD  A GLU A 1 32  ? -8.294  -8.354  7.896   0.50 29.00 ? 270 GLU A CD  1 
ATOM   265 C CD  B GLU A 1 32  ? -10.858 -7.927  8.180   0.50 25.90 ? 270 GLU A CD  1 
ATOM   266 O OE1 A GLU A 1 32  ? -7.529  -9.348  7.997   0.50 27.36 ? 270 GLU A OE1 1 
ATOM   267 O OE1 B GLU A 1 32  ? -10.045 -8.805  8.488   0.50 27.67 ? 270 GLU A OE1 1 
ATOM   268 O OE2 A GLU A 1 32  ? -8.999  -7.909  8.837   0.50 26.72 ? 270 GLU A OE2 1 
ATOM   269 O OE2 B GLU A 1 32  ? -11.530 -7.278  8.995   0.50 25.83 ? 270 GLU A OE2 1 
ATOM   270 N N   . ASP A 1 33  ? -10.943 -9.436  3.446   1.00 21.22 ? 271 ASP A N   1 
ATOM   271 C CA  . ASP A 1 33  ? -12.037 -10.235 2.954   1.00 25.65 ? 271 ASP A CA  1 
ATOM   272 C C   . ASP A 1 33  ? -12.741 -9.671  1.732   1.00 25.64 ? 271 ASP A C   1 
ATOM   273 O O   . ASP A 1 33  ? -13.943 -9.400  1.765   1.00 28.35 ? 271 ASP A O   1 
ATOM   274 C CB  . ASP A 1 33  ? -13.056 -10.548 4.075   1.00 24.81 ? 271 ASP A CB  1 
ATOM   275 C CG  . ASP A 1 33  ? -13.969 -11.677 3.725   1.00 30.64 ? 271 ASP A CG  1 
ATOM   276 O OD1 . ASP A 1 33  ? -15.110 -11.693 4.251   1.00 34.24 ? 271 ASP A OD1 1 
ATOM   277 O OD2 . ASP A 1 33  ? -13.552 -12.576 2.946   1.00 33.01 ? 271 ASP A OD2 1 
ATOM   278 N N   . PRO A 1 34  ? -12.045 -9.636  0.592   1.00 24.13 ? 272 PRO A N   1 
ATOM   279 C CA  . PRO A 1 34  ? -10.684 -10.067 0.463   1.00 23.37 ? 272 PRO A CA  1 
ATOM   280 C C   . PRO A 1 34  ? -9.690  -8.940  0.801   1.00 18.20 ? 272 PRO A C   1 
ATOM   281 O O   . PRO A 1 34  ? -10.013 -7.767  0.836   1.00 19.87 ? 272 PRO A O   1 
ATOM   282 C CB  . PRO A 1 34  ? -10.563 -10.264 -1.057  1.00 24.73 ? 272 PRO A CB  1 
ATOM   283 C CG  . PRO A 1 34  ? -11.414 -9.165  -1.587  1.00 24.25 ? 272 PRO A CG  1 
ATOM   284 C CD  . PRO A 1 34  ? -12.622 -9.253  -0.717  1.00 21.90 ? 272 PRO A CD  1 
ATOM   285 N N   . ALA A 1 35  ? -8.455  -9.341  0.967   1.00 21.85 ? 273 ALA A N   1 
ATOM   286 C CA  . ALA A 1 35  ? -7.418  -8.406  1.392   1.00 20.44 ? 273 ALA A CA  1 
ATOM   287 C C   . ALA A 1 35  ? -7.083  -7.510  0.188   1.00 18.01 ? 273 ALA A C   1 
ATOM   288 O O   . ALA A 1 35  ? -6.632  -8.036  -0.852  1.00 18.16 ? 273 ALA A O   1 
ATOM   289 C CB  . ALA A 1 35  ? -6.205  -9.203  1.807   1.00 19.46 ? 273 ALA A CB  1 
ATOM   290 N N   . TYR A 1 36  ? -7.234  -6.195  0.316   1.00 17.59 ? 274 TYR A N   1 
ATOM   291 C CA  . TYR A 1 36  ? -6.964  -5.250  -0.818  1.00 18.35 ? 274 TYR A CA  1 
ATOM   292 C C   . TYR A 1 36  ? -6.485  -3.956  -0.213  1.00 19.45 ? 274 TYR A C   1 
ATOM   293 O O   . TYR A 1 36  ? -6.893  -3.551  0.875   1.00 19.47 ? 274 TYR A O   1 
ATOM   294 C CB  . TYR A 1 36  ? -8.280  -4.928  -1.583  1.00 19.59 ? 274 TYR A CB  1 
ATOM   295 C CG  . TYR A 1 36  ? -8.432  -5.663  -2.888  1.00 18.35 ? 274 TYR A CG  1 
ATOM   296 C CD1 . TYR A 1 36  ? -8.888  -6.936  -2.958  1.00 20.66 ? 274 TYR A CD1 1 
ATOM   297 C CD2 . TYR A 1 36  ? -8.037  -5.049  -4.057  1.00 18.45 ? 274 TYR A CD2 1 
ATOM   298 C CE1 . TYR A 1 36  ? -9.027  -7.530  -4.146  1.00 24.21 ? 274 TYR A CE1 1 
ATOM   299 C CE2 . TYR A 1 36  ? -8.098  -5.756  -5.312  1.00 19.25 ? 274 TYR A CE2 1 
ATOM   300 C CZ  . TYR A 1 36  ? -8.585  -6.927  -5.270  1.00 20.02 ? 274 TYR A CZ  1 
ATOM   301 O OH  . TYR A 1 36  ? -8.788  -7.679  -6.436  1.00 26.15 ? 274 TYR A OH  1 
ATOM   302 N N   . LEU A 1 37  ? -5.665  -3.316  -0.992  1.00 18.66 ? 275 LEU A N   1 
ATOM   303 C CA  A LEU A 1 37  ? -5.173  -1.983  -0.687  0.50 19.86 ? 275 LEU A CA  1 
ATOM   304 C CA  B LEU A 1 37  ? -5.198  -2.035  -0.640  0.50 20.09 ? 275 LEU A CA  1 
ATOM   305 C C   . LEU A 1 37  ? -5.591  -1.102  -1.842  1.00 20.75 ? 275 LEU A C   1 
ATOM   306 O O   . LEU A 1 37  ? -5.062  -1.232  -2.939  1.00 21.94 ? 275 LEU A O   1 
ATOM   307 C CB  A LEU A 1 37  ? -3.614  -1.969  -0.735  0.50 18.52 ? 275 LEU A CB  1 
ATOM   308 C CB  B LEU A 1 37  ? -3.654  -2.205  -0.476  0.50 19.21 ? 275 LEU A CB  1 
ATOM   309 C CG  A LEU A 1 37  ? -2.940  -0.692  -0.208  0.50 18.39 ? 275 LEU A CG  1 
ATOM   310 C CG  B LEU A 1 37  ? -2.990  -1.036  0.159   0.50 23.20 ? 275 LEU A CG  1 
ATOM   311 C CD1 A LEU A 1 37  ? -3.435  -0.308  1.117   0.50 18.95 ? 275 LEU A CD1 1 
ATOM   312 C CD1 B LEU A 1 37  ? -3.312  -0.011  -0.761  0.50 27.11 ? 275 LEU A CD1 1 
ATOM   313 C CD2 A LEU A 1 37  ? -1.492  -1.105  0.004   0.50 16.60 ? 275 LEU A CD2 1 
ATOM   314 C CD2 B LEU A 1 37  ? -3.419  -0.674  1.570   0.50 24.42 ? 275 LEU A CD2 1 
ATOM   315 N N   . HIS A 1 38  ? -6.547  -0.168  -1.615  1.00 19.36 ? 276 HIS A N   1 
ATOM   316 C CA  . HIS A 1 38  ? -6.983  0.796   -2.612  1.00 20.06 ? 276 HIS A CA  1 
ATOM   317 C C   . HIS A 1 38  ? -6.254  2.066   -2.402  1.00 19.20 ? 276 HIS A C   1 
ATOM   318 O O   . HIS A 1 38  ? -5.837  2.421   -1.283  1.00 19.69 ? 276 HIS A O   1 
ATOM   319 C CB  . HIS A 1 38  ? -8.451  1.099   -2.430  1.00 20.95 ? 276 HIS A CB  1 
ATOM   320 C CG  . HIS A 1 38  ? -9.366  0.051   -2.993  1.00 18.09 ? 276 HIS A CG  1 
ATOM   321 N ND1 . HIS A 1 38  ? -9.498  -1.231  -2.444  1.00 20.90 ? 276 HIS A ND1 1 
ATOM   322 C CD2 . HIS A 1 38  ? -10.188 0.090   -4.061  1.00 18.92 ? 276 HIS A CD2 1 
ATOM   323 C CE1 . HIS A 1 38  ? -10.331 -1.914  -3.202  1.00 19.02 ? 276 HIS A CE1 1 
ATOM   324 N NE2 . HIS A 1 38  ? -10.730 -1.160  -4.226  1.00 18.77 ? 276 HIS A NE2 1 
ATOM   325 N N   . TYR A 1 39  ? -5.994  2.827   -3.492  1.00 19.25 ? 277 TYR A N   1 
ATOM   326 C CA  . TYR A 1 39  ? -5.362  4.107   -3.329  1.00 18.50 ? 277 TYR A CA  1 
ATOM   327 C C   . TYR A 1 39  ? -6.130  5.156   -4.172  1.00 17.78 ? 277 TYR A C   1 
ATOM   328 O O   . TYR A 1 39  ? -6.810  4.863   -5.122  1.00 18.27 ? 277 TYR A O   1 
ATOM   329 C CB  . TYR A 1 39  ? -3.879  4.124   -3.696  1.00 19.75 ? 277 TYR A CB  1 
ATOM   330 C CG  . TYR A 1 39  ? -3.565  3.492   -5.054  1.00 19.21 ? 277 TYR A CG  1 
ATOM   331 C CD1 . TYR A 1 39  ? -3.426  4.262   -6.149  1.00 20.83 ? 277 TYR A CD1 1 
ATOM   332 C CD2 . TYR A 1 39  ? -3.337  2.080   -5.196  1.00 20.11 ? 277 TYR A CD2 1 
ATOM   333 C CE1 . TYR A 1 39  ? -3.104  3.706   -7.416  1.00 20.41 ? 277 TYR A CE1 1 
ATOM   334 C CE2 . TYR A 1 39  ? -2.989  1.533   -6.418  1.00 21.98 ? 277 TYR A CE2 1 
ATOM   335 C CZ  . TYR A 1 39  ? -2.882  2.340   -7.488  1.00 20.62 ? 277 TYR A CZ  1 
ATOM   336 O OH  . TYR A 1 39  ? -2.582  1.732   -8.724  1.00 22.79 ? 277 TYR A OH  1 
ATOM   337 N N   . TYR A 1 40  ? -6.048  6.424   -3.687  1.00 18.42 ? 278 TYR A N   1 
ATOM   338 C CA  . TYR A 1 40  ? -6.828  7.523   -4.079  1.00 16.36 ? 278 TYR A CA  1 
ATOM   339 C C   . TYR A 1 40  ? -6.005  8.794   -4.133  1.00 18.42 ? 278 TYR A C   1 
ATOM   340 O O   . TYR A 1 40  ? -4.977  8.943   -3.488  1.00 19.37 ? 278 TYR A O   1 
ATOM   341 C CB  . TYR A 1 40  ? -7.895  7.752   -2.973  1.00 19.45 ? 278 TYR A CB  1 
ATOM   342 C CG  . TYR A 1 40  ? -8.824  6.628   -2.657  1.00 19.51 ? 278 TYR A CG  1 
ATOM   343 C CD1 . TYR A 1 40  ? -8.359  5.634   -1.826  1.00 21.10 ? 278 TYR A CD1 1 
ATOM   344 C CD2 . TYR A 1 40  ? -10.088 6.515   -3.143  1.00 20.63 ? 278 TYR A CD2 1 
ATOM   345 C CE1 . TYR A 1 40  ? -9.065  4.478   -1.455  1.00 21.84 ? 278 TYR A CE1 1 
ATOM   346 C CE2 . TYR A 1 40  ? -10.845 5.352   -2.760  1.00 20.57 ? 278 TYR A CE2 1 
ATOM   347 C CZ  . TYR A 1 40  ? -10.272 4.330   -1.992  1.00 23.08 ? 278 TYR A CZ  1 
ATOM   348 O OH  . TYR A 1 40  ? -11.021 3.187   -1.542  1.00 26.71 ? 278 TYR A OH  1 
ATOM   349 N N   . ASP A 1 41  ? -6.581  9.824   -4.775  1.00 17.95 ? 279 ASP A N   1 
ATOM   350 C CA  . ASP A 1 41  ? -6.236  11.218  -4.541  1.00 17.71 ? 279 ASP A CA  1 
ATOM   351 C C   . ASP A 1 41  ? -6.113  11.492  -3.080  1.00 17.77 ? 279 ASP A C   1 
ATOM   352 O O   . ASP A 1 41  ? -6.810  10.900  -2.261  1.00 19.37 ? 279 ASP A O   1 
ATOM   353 C CB  . ASP A 1 41  ? -7.470  12.076  -5.049  1.00 18.94 ? 279 ASP A CB  1 
ATOM   354 C CG  . ASP A 1 41  ? -8.774  11.911  -4.211  1.00 21.56 ? 279 ASP A CG  1 
ATOM   355 O OD1 . ASP A 1 41  ? -9.151  12.858  -3.410  1.00 21.69 ? 279 ASP A OD1 1 
ATOM   356 O OD2 . ASP A 1 41  ? -9.478  10.860  -4.274  1.00 21.32 ? 279 ASP A OD2 1 
ATOM   357 N N   . PRO A 1 42  ? -5.151  12.319  -2.586  1.00 16.76 ? 280 PRO A N   1 
ATOM   358 C CA  . PRO A 1 42  ? -4.939  12.451  -1.172  1.00 18.08 ? 280 PRO A CA  1 
ATOM   359 C C   . PRO A 1 42  ? -6.112  12.993  -0.354  1.00 20.83 ? 280 PRO A C   1 
ATOM   360 O O   . PRO A 1 42  ? -6.014  12.892  0.863   1.00 21.33 ? 280 PRO A O   1 
ATOM   361 C CB  . PRO A 1 42  ? -3.811  13.422  -1.057  1.00 19.86 ? 280 PRO A CB  1 
ATOM   362 C CG  . PRO A 1 42  ? -3.180  13.531  -2.361  1.00 20.92 ? 280 PRO A CG  1 
ATOM   363 C CD  . PRO A 1 42  ? -4.192  13.077  -3.412  1.00 22.12 ? 280 PRO A CD  1 
ATOM   364 N N   . ALA A 1 43  ? -7.147  13.537  -0.981  1.00 20.29 ? 281 ALA A N   1 
ATOM   365 C CA  . ALA A 1 43  ? -8.339  13.817  -0.158  1.00 20.45 ? 281 ALA A CA  1 
ATOM   366 C C   . ALA A 1 43  ? -9.254  12.626  0.119   1.00 21.12 ? 281 ALA A C   1 
ATOM   367 O O   . ALA A 1 43  ? -10.189 12.642  0.917   1.00 22.65 ? 281 ALA A O   1 
ATOM   368 C CB  . ALA A 1 43  ? -9.168  14.949  -0.790  1.00 16.91 ? 281 ALA A CB  1 
ATOM   369 N N   . GLY A 1 44  ? -9.001  11.552  -0.615  1.00 19.84 ? 282 GLY A N   1 
ATOM   370 C CA  . GLY A 1 44  ? -9.881  10.393  -0.570  1.00 19.15 ? 282 GLY A CA  1 
ATOM   371 C C   . GLY A 1 44  ? -11.275 10.679  -1.076  1.00 21.52 ? 282 GLY A C   1 
ATOM   372 O O   . GLY A 1 44  ? -12.244 9.981   -0.659  1.00 22.31 ? 282 GLY A O   1 
ATOM   373 N N   . ALA A 1 45  ? -11.415 11.726  -1.916  1.00 19.89 ? 283 ALA A N   1 
ATOM   374 C CA  . ALA A 1 45  ? -12.771 12.217  -2.284  1.00 21.07 ? 283 ALA A CA  1 
ATOM   375 C C   . ALA A 1 45  ? -13.290 11.640  -3.587  1.00 22.28 ? 283 ALA A C   1 
ATOM   376 O O   . ALA A 1 45  ? -14.468 11.859  -3.888  1.00 21.89 ? 283 ALA A O   1 
ATOM   377 C CB  . ALA A 1 45  ? -12.723 13.668  -2.415  1.00 20.99 ? 283 ALA A CB  1 
ATOM   378 N N   . GLU A 1 46  ? -12.426 11.107  -4.451  1.00 18.25 ? 284 GLU A N   1 
ATOM   379 C CA  . GLU A 1 46  ? -12.780 10.680  -5.825  1.00 18.99 ? 284 GLU A CA  1 
ATOM   380 C C   . GLU A 1 46  ? -12.764 9.185   -5.949  1.00 21.07 ? 284 GLU A C   1 
ATOM   381 O O   . GLU A 1 46  ? -12.505 8.479   -4.985  1.00 21.41 ? 284 GLU A O   1 
ATOM   382 C CB  . GLU A 1 46  ? -11.763 11.344  -6.772  1.00 20.94 ? 284 GLU A CB  1 
ATOM   383 C CG  . GLU A 1 46  ? -11.787 12.850  -6.677  1.00 21.32 ? 284 GLU A CG  1 
ATOM   384 C CD  . GLU A 1 46  ? -10.550 13.610  -7.350  1.00 20.21 ? 284 GLU A CD  1 
ATOM   385 O OE1 . GLU A 1 46  ? -10.489 14.824  -7.080  1.00 22.54 ? 284 GLU A OE1 1 
ATOM   386 O OE2 . GLU A 1 46  ? -9.839  12.981  -8.132  1.00 25.14 ? 284 GLU A OE2 1 
ATOM   387 N N   . ASP A 1 47  ? -13.069 8.663   -7.137  1.00 21.60 ? 285 ASP A N   1 
ATOM   388 C CA  . ASP A 1 47  ? -13.052 7.223   -7.331  1.00 19.99 ? 285 ASP A CA  1 
ATOM   389 C C   . ASP A 1 47  ? -11.612 6.736   -7.049  1.00 20.72 ? 285 ASP A C   1 
ATOM   390 O O   . ASP A 1 47  ? -10.632 7.418   -7.289  1.00 22.05 ? 285 ASP A O   1 
ATOM   391 C CB  . ASP A 1 47  ? -13.270 6.951   -8.818  1.00 22.48 ? 285 ASP A CB  1 
ATOM   392 C CG  . ASP A 1 47  ? -14.676 7.093   -9.265  1.00 26.48 ? 285 ASP A CG  1 
ATOM   393 O OD1 . ASP A 1 47  ? -14.859 7.136   -10.510 1.00 28.28 ? 285 ASP A OD1 1 
ATOM   394 O OD2 . ASP A 1 47  ? -15.626 6.996   -8.431  1.00 25.95 ? 285 ASP A OD2 1 
ATOM   395 N N   . PRO A 1 48  ? -11.418 5.495   -6.549  1.00 17.72 ? 286 PRO A N   1 
ATOM   396 C CA  . PRO A 1 48  ? -10.074 4.978   -6.395  1.00 17.42 ? 286 PRO A CA  1 
ATOM   397 C C   . PRO A 1 48  ? -9.280  4.995   -7.694  1.00 19.80 ? 286 PRO A C   1 
ATOM   398 O O   . PRO A 1 48  ? -9.826  4.707   -8.777  1.00 19.76 ? 286 PRO A O   1 
ATOM   399 C CB  . PRO A 1 48  ? -10.311 3.536   -5.894  1.00 17.71 ? 286 PRO A CB  1 
ATOM   400 C CG  . PRO A 1 48  ? -11.725 3.183   -6.228  1.00 16.50 ? 286 PRO A CG  1 
ATOM   401 C CD  . PRO A 1 48  ? -12.449 4.496   -6.242  1.00 17.75 ? 286 PRO A CD  1 
ATOM   402 N N   . LEU A 1 49  ? -8.041  5.314   -7.605  1.00 18.39 ? 287 LEU A N   1 
ATOM   403 C CA  A LEU A 1 49  ? -7.059  5.313   -8.691  0.50 20.23 ? 287 LEU A CA  1 
ATOM   404 C CA  B LEU A 1 49  ? -7.143  5.348   -8.815  0.50 20.55 ? 287 LEU A CA  1 
ATOM   405 C C   . LEU A 1 49  ? -6.682  3.919   -9.095  1.00 19.88 ? 287 LEU A C   1 
ATOM   406 O O   . LEU A 1 49  ? -6.347  3.630   -10.241 1.00 23.92 ? 287 LEU A O   1 
ATOM   407 C CB  A LEU A 1 49  ? -5.774  6.007   -8.127  0.50 17.50 ? 287 LEU A CB  1 
ATOM   408 C CB  B LEU A 1 49  ? -5.887  6.325   -8.698  0.50 19.09 ? 287 LEU A CB  1 
ATOM   409 C CG  A LEU A 1 49  ? -6.110  7.503   -8.063  0.50 17.84 ? 287 LEU A CG  1 
ATOM   410 C CG  B LEU A 1 49  ? -6.224  7.824   -8.434  0.50 22.45 ? 287 LEU A CG  1 
ATOM   411 C CD1 A LEU A 1 49  ? -4.867  8.008   -7.374  0.50 16.85 ? 287 LEU A CD1 1 
ATOM   412 C CD1 B LEU A 1 49  ? -7.399  7.924   -7.560  0.50 27.77 ? 287 LEU A CD1 1 
ATOM   413 C CD2 A LEU A 1 49  ? -6.325  8.240   -9.489  0.50 18.38 ? 287 LEU A CD2 1 
ATOM   414 C CD2 B LEU A 1 49  ? -4.972  8.678   -7.847  0.50 21.57 ? 287 LEU A CD2 1 
ATOM   415 N N   . GLY A 1 50  ? -6.676  3.079   -8.092  1.00 17.83 ? 288 GLY A N   1 
ATOM   416 C CA  . GLY A 1 50  ? -6.254  1.683   -8.329  1.00 19.59 ? 288 GLY A CA  1 
ATOM   417 C C   . GLY A 1 50  ? -6.447  0.879   -7.062  1.00 17.33 ? 288 GLY A C   1 
ATOM   418 O O   . GLY A 1 50  ? -6.787  1.396   -6.029  1.00 18.14 ? 288 GLY A O   1 
ATOM   419 N N   . ALA A 1 51  ? -6.162  -0.427  -7.147  1.00 18.23 ? 289 ALA A N   1 
ATOM   420 C CA  . ALA A 1 51  ? -6.335  -1.319  -6.069  1.00 19.28 ? 289 ALA A CA  1 
ATOM   421 C C   . ALA A 1 51  ? -5.442  -2.553  -6.217  1.00 19.66 ? 289 ALA A C   1 
ATOM   422 O O   . ALA A 1 51  ? -5.264  -2.997  -7.293  1.00 22.42 ? 289 ALA A O   1 
ATOM   423 C CB  . ALA A 1 51  ? -7.793  -1.799  -6.040  1.00 21.99 ? 289 ALA A CB  1 
ATOM   424 N N   . ILE A 1 52  ? -4.882  -2.947  -5.110  1.00 20.24 ? 290 ILE A N   1 
ATOM   425 C CA  . ILE A 1 52  ? -3.837  -3.999  -5.078  1.00 21.83 ? 290 ILE A CA  1 
ATOM   426 C C   . ILE A 1 52  ? -4.442  -5.148  -4.290  1.00 20.27 ? 290 ILE A C   1 
ATOM   427 O O   . ILE A 1 52  ? -4.742  -5.056  -3.096  1.00 20.38 ? 290 ILE A O   1 
ATOM   428 C CB  . ILE A 1 52  ? -2.628  -3.445  -4.326  1.00 20.78 ? 290 ILE A CB  1 
ATOM   429 C CG1 . ILE A 1 52  ? -2.197  -2.103  -5.009  1.00 24.32 ? 290 ILE A CG1 1 
ATOM   430 C CG2 . ILE A 1 52  ? -1.404  -4.461  -4.367  1.00 23.68 ? 290 ILE A CG2 1 
ATOM   431 C CD1 . ILE A 1 52  ? -1.097  -1.375  -4.176  1.00 26.99 ? 290 ILE A CD1 1 
ATOM   432 N N   . HIS A 1 53  ? -4.531  -6.299  -4.977  1.00 19.99 ? 291 HIS A N   1 
ATOM   433 C CA  . HIS A 1 53  ? -5.020  -7.520  -4.274  1.00 20.06 ? 291 HIS A CA  1 
ATOM   434 C C   . HIS A 1 53  ? -3.836  -8.089  -3.409  1.00 18.99 ? 291 HIS A C   1 
ATOM   435 O O   . HIS A 1 53  ? -2.728  -8.311  -3.960  1.00 20.74 ? 291 HIS A O   1 
ATOM   436 C CB  . HIS A 1 53  ? -5.362  -8.629  -5.317  1.00 21.32 ? 291 HIS A CB  1 
ATOM   437 C CG  . HIS A 1 53  ? -5.704  -9.939  -4.700  1.00 19.18 ? 291 HIS A CG  1 
ATOM   438 N ND1 . HIS A 1 53  ? -5.141  -11.120 -5.092  1.00 19.78 ? 291 HIS A ND1 1 
ATOM   439 C CD2 . HIS A 1 53  ? -6.567  -10.216 -3.687  1.00 20.63 ? 291 HIS A CD2 1 
ATOM   440 C CE1 . HIS A 1 53  ? -5.651  -12.100 -4.321  1.00 22.38 ? 291 HIS A CE1 1 
ATOM   441 N NE2 . HIS A 1 53  ? -6.562  -11.576 -3.495  1.00 21.77 ? 291 HIS A NE2 1 
ATOM   442 N N   . LEU A 1 54  ? -4.070  -8.298  -2.085  1.00 20.49 ? 292 LEU A N   1 
ATOM   443 C CA  . LEU A 1 54  ? -2.950  -8.603  -1.203  1.00 19.72 ? 292 LEU A CA  1 
ATOM   444 C C   . LEU A 1 54  ? -2.859  -10.017 -0.812  1.00 20.88 ? 292 LEU A C   1 
ATOM   445 O O   . LEU A 1 54  ? -1.766  -10.403 -0.310  1.00 21.41 ? 292 LEU A O   1 
ATOM   446 C CB  . LEU A 1 54  ? -3.048  -7.821  0.107   1.00 21.50 ? 292 LEU A CB  1 
ATOM   447 C CG  . LEU A 1 54  ? -3.099  -6.260  -0.081  1.00 20.53 ? 292 LEU A CG  1 
ATOM   448 C CD1 . LEU A 1 54  ? -3.340  -5.622  1.271   1.00 21.89 ? 292 LEU A CD1 1 
ATOM   449 C CD2 . LEU A 1 54  ? -1.901  -5.745  -0.745  1.00 22.70 ? 292 LEU A CD2 1 
ATOM   450 N N   . ARG A 1 55  ? -3.850  -10.853 -1.001  1.00 18.97 ? 293 ARG A N   1 
ATOM   451 C CA  . ARG A 1 55  ? -3.640  -12.227 -0.503  1.00 19.56 ? 293 ARG A CA  1 
ATOM   452 C C   . ARG A 1 55  ? -2.459  -12.855 -1.217  1.00 18.19 ? 293 ARG A C   1 
ATOM   453 O O   . ARG A 1 55  ? -2.341  -12.826 -2.505  1.00 20.19 ? 293 ARG A O   1 
ATOM   454 C CB  . ARG A 1 55  ? -4.892  -13.084 -0.718  1.00 18.94 ? 293 ARG A CB  1 
ATOM   455 C CG  . ARG A 1 55  ? -4.748  -14.439 -0.012  1.00 21.64 ? 293 ARG A CG  1 
ATOM   456 C CD  . ARG A 1 55  ? -6.031  -15.319 -0.329  1.00 27.33 ? 293 ARG A CD  1 
ATOM   457 N NE  . ARG A 1 55  ? -6.198  -15.662 -1.773  1.00 34.57 ? 293 ARG A NE  1 
ATOM   458 C CZ  . ARG A 1 55  ? -5.727  -16.805 -2.268  1.00 38.01 ? 293 ARG A CZ  1 
ATOM   459 N NH1 . ARG A 1 55  ? -5.875  -17.138 -3.549  1.00 41.26 ? 293 ARG A NH1 1 
ATOM   460 N NH2 . ARG A 1 55  ? -5.128  -17.631 -1.435  1.00 37.37 ? 293 ARG A NH2 1 
ATOM   461 N N   . GLY A 1 56  ? -1.574  -13.416 -0.414  1.00 18.03 ? 294 GLY A N   1 
ATOM   462 C CA  . GLY A 1 56  ? -0.412  -14.090 -1.026  1.00 22.45 ? 294 GLY A CA  1 
ATOM   463 C C   . GLY A 1 56  ? 0.646   -13.126 -1.568  1.00 21.41 ? 294 GLY A C   1 
ATOM   464 O O   . GLY A 1 56  ? 1.600   -13.535 -2.275  1.00 22.05 ? 294 GLY A O   1 
ATOM   465 N N   . CYS A 1 57  ? 0.547   -11.825 -1.215  1.00 18.53 ? 295 CYS A N   1 
ATOM   466 C CA  . CYS A 1 57  ? 1.600   -10.892 -1.694  1.00 19.55 ? 295 CYS A CA  1 
ATOM   467 C C   . CYS A 1 57  ? 2.879   -11.068 -0.864  1.00 19.14 ? 295 CYS A C   1 
ATOM   468 O O   . CYS A 1 57  ? 2.868   -11.690 0.180   1.00 20.70 ? 295 CYS A O   1 
ATOM   469 C CB  . CYS A 1 57  ? 1.103   -9.453  -1.637  1.00 18.91 ? 295 CYS A CB  1 
ATOM   470 S SG  . CYS A 1 57  ? 1.066   -8.699  0.033   1.00 20.31 ? 295 CYS A SG  1 
ATOM   471 N N   . VAL A 1 58  ? 3.967   -10.455 -1.317  1.00 17.98 ? 296 VAL A N   1 
ATOM   472 C CA  . VAL A 1 58  ? 5.210   -10.316 -0.540  1.00 19.99 ? 296 VAL A CA  1 
ATOM   473 C C   . VAL A 1 58  ? 5.371   -8.844  -0.269  1.00 20.94 ? 296 VAL A C   1 
ATOM   474 O O   . VAL A 1 58  ? 5.369   -8.023  -1.157  1.00 22.37 ? 296 VAL A O   1 
ATOM   475 C CB  . VAL A 1 58  ? 6.379   -10.855 -1.398  1.00 20.35 ? 296 VAL A CB  1 
ATOM   476 C CG1 . VAL A 1 58  ? 7.680   -10.844 -0.553  1.00 24.20 ? 296 VAL A CG1 1 
ATOM   477 C CG2 . VAL A 1 58  ? 6.085   -12.382 -1.713  1.00 22.54 ? 296 VAL A CG2 1 
ATOM   478 N N   . VAL A 1 59  ? 5.490   -8.490  0.997   1.00 18.06 ? 297 VAL A N   1 
ATOM   479 C CA  . VAL A 1 59  ? 5.771   -7.075  1.378   1.00 20.10 ? 297 VAL A CA  1 
ATOM   480 C C   . VAL A 1 59  ? 7.128   -7.048  2.084   1.00 20.16 ? 297 VAL A C   1 
ATOM   481 O O   . VAL A 1 59  ? 7.458   -7.943  2.893   1.00 20.79 ? 297 VAL A O   1 
ATOM   482 C CB  . VAL A 1 59  ? 4.662   -6.548  2.279   1.00 20.77 ? 297 VAL A CB  1 
ATOM   483 C CG1 . VAL A 1 59  ? 4.430   -7.237  3.593   1.00 23.51 ? 297 VAL A CG1 1 
ATOM   484 C CG2 . VAL A 1 59  ? 4.951   -5.055  2.673   1.00 21.85 ? 297 VAL A CG2 1 
ATOM   485 N N   . THR A 1 60  ? 7.988   -6.128  1.674   1.00 18.61 ? 298 THR A N   1 
ATOM   486 C CA  A THR A 1 60  ? 9.382   -6.088  2.212   0.50 19.12 ? 298 THR A CA  1 
ATOM   487 C CA  B THR A 1 60  ? 9.346   -6.104  2.179   0.50 19.81 ? 298 THR A CA  1 
ATOM   488 C C   . THR A 1 60  ? 9.799   -4.660  2.441   1.00 18.91 ? 298 THR A C   1 
ATOM   489 O O   . THR A 1 60  ? 9.553   -3.752  1.623   1.00 19.45 ? 298 THR A O   1 
ATOM   490 C CB  A THR A 1 60  ? 10.445  -6.617  1.230   0.50 20.07 ? 298 THR A CB  1 
ATOM   491 C CB  B THR A 1 60  ? 10.287  -6.738  1.172   0.50 19.81 ? 298 THR A CB  1 
ATOM   492 O OG1 A THR A 1 60  ? 10.255  -6.041  -0.027  0.50 17.79 ? 298 THR A OG1 1 
ATOM   493 O OG1 B THR A 1 60  ? 9.713   -7.949  0.558   0.50 25.34 ? 298 THR A OG1 1 
ATOM   494 C CG2 A THR A 1 60  ? 10.486  -8.128  1.110   0.50 19.48 ? 298 THR A CG2 1 
ATOM   495 C CG2 B THR A 1 60  ? 11.519  -7.052  1.958   0.50 17.12 ? 298 THR A CG2 1 
ATOM   496 N N   . SER A 1 61  ? 10.506  -4.445  3.555   1.00 18.63 ? 299 SER A N   1 
ATOM   497 C CA  . SER A 1 61  ? 11.116  -3.191  3.839   1.00 20.06 ? 299 SER A CA  1 
ATOM   498 C C   . SER A 1 61  ? 12.321  -3.079  2.920   1.00 19.09 ? 299 SER A C   1 
ATOM   499 O O   . SER A 1 61  ? 13.038  -4.113  2.772   1.00 21.24 ? 299 SER A O   1 
ATOM   500 C CB  . SER A 1 61  ? 11.580  -3.190  5.276   1.00 21.08 ? 299 SER A CB  1 
ATOM   501 O OG  . SER A 1 61  ? 11.911  -1.865  5.766   1.00 22.27 ? 299 SER A OG  1 
ATOM   502 N N   . VAL A 1 62  ? 12.616  -1.921  2.370   1.00 18.06 ? 300 VAL A N   1 
ATOM   503 C CA  . VAL A 1 62  ? 13.745  -1.754  1.395   1.00 20.66 ? 300 VAL A CA  1 
ATOM   504 C C   . VAL A 1 62  ? 14.656  -0.712  2.045   1.00 19.83 ? 300 VAL A C   1 
ATOM   505 O O   . VAL A 1 62  ? 14.257  0.380   2.437   1.00 20.44 ? 300 VAL A O   1 
ATOM   506 C CB  . VAL A 1 62  ? 13.100  -1.233  0.044   1.00 19.33 ? 300 VAL A CB  1 
ATOM   507 C CG1 . VAL A 1 62  ? 14.244  -0.813  -0.877  1.00 22.86 ? 300 VAL A CG1 1 
ATOM   508 C CG2 . VAL A 1 62  ? 12.244  -2.332  -0.626  1.00 20.90 ? 300 VAL A CG2 1 
ATOM   509 N N   . GLU A 1 63  ? 15.954  -1.071  2.117   1.00 22.37 ? 301 GLU A N   1 
ATOM   510 C CA  . GLU A 1 63  ? 16.914  -0.069  2.619   1.00 24.76 ? 301 GLU A CA  1 
ATOM   511 C C   . GLU A 1 63  ? 17.170  1.053   1.645   1.00 27.41 ? 301 GLU A C   1 
ATOM   512 O O   . GLU A 1 63  ? 17.160  0.848   0.422   1.00 29.60 ? 301 GLU A O   1 
ATOM   513 C CB  . GLU A 1 63  ? 18.251  -0.745  3.045   1.00 27.51 ? 301 GLU A CB  1 
ATOM   514 C CG  . GLU A 1 63  ? 18.133  -1.761  4.063   1.00 33.38 ? 301 GLU A CG  1 
ATOM   515 C CD  . GLU A 1 63  ? 19.500  -2.351  4.378   1.00 43.74 ? 301 GLU A CD  1 
ATOM   516 O OE1 . GLU A 1 63  ? 20.064  -3.080  3.502   1.00 49.27 ? 301 GLU A OE1 1 
ATOM   517 O OE2 . GLU A 1 63  ? 20.008  -2.022  5.466   1.00 44.79 ? 301 GLU A OE2 1 
ATOM   518 N N   . SER A 1 64  ? 17.397  2.252   2.178   1.00 30.42 ? 302 SER A N   1 
ATOM   519 C CA  . SER A 1 64  ? 17.764  3.427   1.378   1.00 32.95 ? 302 SER A CA  1 
ATOM   520 C C   . SER A 1 64  ? 19.252  3.367   0.983   1.00 34.68 ? 302 SER A C   1 
ATOM   521 O O   . SER A 1 64  ? 20.042  2.667   1.689   1.00 36.58 ? 302 SER A O   1 
ATOM   522 C CB  . SER A 1 64  ? 17.523  4.665   2.222   1.00 34.41 ? 302 SER A CB  1 
ATOM   523 O OG  . SER A 1 64  ? 16.125  4.907   2.338   1.00 33.89 ? 302 SER A OG  1 
ATOM   524 N N   . GLU A 1 73  ? 15.561  9.069   -0.874  1.00 30.27 ? 311 GLU A N   1 
ATOM   525 C CA  . GLU A 1 73  ? 14.322  8.290   -0.646  1.00 31.99 ? 311 GLU A CA  1 
ATOM   526 C C   . GLU A 1 73  ? 14.458  7.518   0.656   1.00 31.93 ? 311 GLU A C   1 
ATOM   527 O O   . GLU A 1 73  ? 15.443  6.824   0.874   1.00 34.28 ? 311 GLU A O   1 
ATOM   528 C CB  . GLU A 1 73  ? 14.191  7.281   -1.719  1.00 31.09 ? 311 GLU A CB  1 
ATOM   529 C CG  . GLU A 1 73  ? 13.181  7.550   -2.769  1.00 37.62 ? 311 GLU A CG  1 
ATOM   530 C CD  . GLU A 1 73  ? 13.789  8.112   -3.972  1.00 41.24 ? 311 GLU A CD  1 
ATOM   531 O OE1 . GLU A 1 73  ? 13.886  7.409   -5.009  1.00 43.90 ? 311 GLU A OE1 1 
ATOM   532 O OE2 . GLU A 1 73  ? 14.193  9.278   -3.879  1.00 46.18 ? 311 GLU A OE2 1 
ATOM   533 N N   . GLU A 1 74  ? 13.462  7.605   1.517   1.00 28.30 ? 312 GLU A N   1 
ATOM   534 C CA  . GLU A 1 74  ? 13.589  7.083   2.928   1.00 27.78 ? 312 GLU A CA  1 
ATOM   535 C C   . GLU A 1 74  ? 12.340  6.299   3.253   1.00 21.61 ? 312 GLU A C   1 
ATOM   536 O O   . GLU A 1 74  ? 11.293  6.510   2.650   1.00 24.03 ? 312 GLU A O   1 
ATOM   537 C CB  . GLU A 1 74  ? 13.605  8.275   3.901   1.00 30.11 ? 312 GLU A CB  1 
ATOM   538 C CG  . GLU A 1 74  ? 14.999  8.707   4.458   1.00 37.21 ? 312 GLU A CG  1 
ATOM   539 C CD  . GLU A 1 74  ? 15.011  10.117  5.042   1.00 42.44 ? 312 GLU A CD  1 
ATOM   540 O OE1 . GLU A 1 74  ? 15.918  10.877  4.677   1.00 45.48 ? 312 GLU A OE1 1 
ATOM   541 O OE2 . GLU A 1 74  ? 14.135  10.482  5.852   1.00 45.55 ? 312 GLU A OE2 1 
ATOM   542 N N   . ASN A 1 75  ? 12.411  5.320   4.165   1.00 19.51 ? 313 ASN A N   1 
ATOM   543 C CA  . ASN A 1 75  ? 11.192  4.649   4.656   1.00 18.05 ? 313 ASN A CA  1 
ATOM   544 C C   . ASN A 1 75  ? 10.479  3.920   3.507   1.00 17.76 ? 313 ASN A C   1 
ATOM   545 O O   . ASN A 1 75  ? 9.247   3.869   3.377   1.00 18.12 ? 313 ASN A O   1 
ATOM   546 C CB  . ASN A 1 75  ? 10.259  5.493   5.438   1.00 19.17 ? 313 ASN A CB  1 
ATOM   547 C CG  . ASN A 1 75  ? 10.918  6.322   6.480   1.00 21.60 ? 313 ASN A CG  1 
ATOM   548 O OD1 . ASN A 1 75  ? 11.633  5.786   7.309   1.00 21.26 ? 313 ASN A OD1 1 
ATOM   549 N ND2 . ASN A 1 75  ? 10.585  7.640   6.446   1.00 22.41 ? 313 ASN A ND2 1 
ATOM   550 N N   . LEU A 1 76  ? 11.297  3.311   2.618   1.00 17.20 ? 314 LEU A N   1 
ATOM   551 C CA  . LEU A 1 76  ? 10.794  2.609   1.459   1.00 17.85 ? 314 LEU A CA  1 
ATOM   552 C C   . LEU A 1 76  ? 10.318  1.208   1.796   1.00 17.66 ? 314 LEU A C   1 
ATOM   553 O O   . LEU A 1 76  ? 10.948  0.503   2.596   1.00 18.07 ? 314 LEU A O   1 
ATOM   554 C CB  . LEU A 1 76  ? 11.972  2.481   0.477   1.00 17.37 ? 314 LEU A CB  1 
ATOM   555 C CG  . LEU A 1 76  ? 12.498  3.825   -0.058  1.00 17.81 ? 314 LEU A CG  1 
ATOM   556 C CD1 . LEU A 1 76  ? 13.824  3.542   -0.859  1.00 18.19 ? 314 LEU A CD1 1 
ATOM   557 C CD2 . LEU A 1 76  ? 11.537  4.511   -1.039  1.00 25.64 ? 314 LEU A CD2 1 
ATOM   558 N N   . PHE A 1 77  ? 9.345   0.710   1.025   1.00 18.38 ? 315 PHE A N   1 
ATOM   559 C CA  . PHE A 1 77  ? 8.909   -0.703  1.097   1.00 19.25 ? 315 PHE A CA  1 
ATOM   560 C C   . PHE A 1 77  ? 8.231   -1.016  -0.181  1.00 18.27 ? 315 PHE A C   1 
ATOM   561 O O   . PHE A 1 77  ? 7.833   -0.160  -0.940  1.00 18.92 ? 315 PHE A O   1 
ATOM   562 C CB  . PHE A 1 77  ? 8.104   -0.952  2.365   1.00 19.30 ? 315 PHE A CB  1 
ATOM   563 C CG  . PHE A 1 77  ? 6.789   -0.224  2.476   1.00 19.50 ? 315 PHE A CG  1 
ATOM   564 C CD1 . PHE A 1 77  ? 5.580   -0.926  2.316   1.00 19.62 ? 315 PHE A CD1 1 
ATOM   565 C CD2 . PHE A 1 77  ? 6.677   1.159   2.839   1.00 21.01 ? 315 PHE A CD2 1 
ATOM   566 C CE1 . PHE A 1 77  ? 4.341   -0.268  2.494   1.00 20.25 ? 315 PHE A CE1 1 
ATOM   567 C CE2 . PHE A 1 77  ? 5.441   1.781   3.059   1.00 19.77 ? 315 PHE A CE2 1 
ATOM   568 C CZ  . PHE A 1 77  ? 4.334   1.068   2.877   1.00 19.34 ? 315 PHE A CZ  1 
ATOM   569 N N   . GLU A 1 78  ? 8.154   -2.321  -0.434  1.00 20.24 ? 316 GLU A N   1 
ATOM   570 C CA  . GLU A 1 78  ? 7.626   -2.778  -1.734  1.00 20.03 ? 316 GLU A CA  1 
ATOM   571 C C   . GLU A 1 78  ? 6.597   -3.848  -1.404  1.00 19.83 ? 316 GLU A C   1 
ATOM   572 O O   . GLU A 1 78  ? 6.790   -4.704  -0.569  1.00 20.73 ? 316 GLU A O   1 
ATOM   573 C CB  . GLU A 1 78  ? 8.767   -3.301  -2.585  1.00 20.33 ? 316 GLU A CB  1 
ATOM   574 C CG  . GLU A 1 78  ? 8.291   -3.751  -3.963  1.00 20.52 ? 316 GLU A CG  1 
ATOM   575 C CD  . GLU A 1 78  ? 9.376   -4.146  -4.920  1.00 23.55 ? 316 GLU A CD  1 
ATOM   576 O OE1 . GLU A 1 78  ? 10.383  -4.703  -4.452  1.00 27.84 ? 316 GLU A OE1 1 
ATOM   577 O OE2 . GLU A 1 78  ? 9.150   -3.974  -6.152  1.00 22.18 ? 316 GLU A OE2 1 
ATOM   578 N N   . ILE A 1 79  ? 5.507   -3.794  -2.214  1.00 19.45 ? 317 ILE A N   1 
ATOM   579 C CA  . ILE A 1 79  ? 4.573   -4.921  -2.282  1.00 20.00 ? 317 ILE A CA  1 
ATOM   580 C C   . ILE A 1 79  ? 4.720   -5.535  -3.667  1.00 19.42 ? 317 ILE A C   1 
ATOM   581 O O   . ILE A 1 79  ? 4.679   -4.856  -4.700  1.00 20.77 ? 317 ILE A O   1 
ATOM   582 C CB  . ILE A 1 79  ? 3.117   -4.380  -2.132  1.00 21.41 ? 317 ILE A CB  1 
ATOM   583 C CG1 . ILE A 1 79  ? 2.920   -3.626  -0.823  1.00 20.86 ? 317 ILE A CG1 1 
ATOM   584 C CG2 . ILE A 1 79  ? 2.057   -5.547  -2.238  1.00 22.52 ? 317 ILE A CG2 1 
ATOM   585 C CD1 . ILE A 1 79  ? 1.543   -2.909  -0.770  1.00 21.91 ? 317 ILE A CD1 1 
ATOM   586 N N   . ILE A 1 80  ? 4.838   -6.886  -3.689  1.00 18.89 ? 318 ILE A N   1 
ATOM   587 C CA  . ILE A 1 80  ? 4.766   -7.628  -4.968  1.00 19.96 ? 318 ILE A CA  1 
ATOM   588 C C   . ILE A 1 80  ? 3.579   -8.566  -4.774  1.00 18.65 ? 318 ILE A C   1 
ATOM   589 O O   . ILE A 1 80  ? 3.542   -9.410  -3.879  1.00 19.46 ? 318 ILE A O   1 
ATOM   590 C CB  . ILE A 1 80  ? 6.046   -8.460  -5.134  1.00 19.76 ? 318 ILE A CB  1 
ATOM   591 C CG1 . ILE A 1 80  ? 7.265   -7.487  -5.131  1.00 19.91 ? 318 ILE A CG1 1 
ATOM   592 C CG2 . ILE A 1 80  ? 5.973   -9.116  -6.523  1.00 20.66 ? 318 ILE A CG2 1 
ATOM   593 C CD1 . ILE A 1 80  ? 8.509   -8.356  -5.214  1.00 22.97 ? 318 ILE A CD1 1 
ATOM   594 N N   . THR A 1 81  ? 2.571   -8.387  -5.682  1.00 19.54 ? 319 THR A N   1 
ATOM   595 C CA  . THR A 1 81  ? 1.371   -9.186  -5.552  1.00 19.34 ? 319 THR A CA  1 
ATOM   596 C C   . THR A 1 81  ? 1.677   -10.627 -5.953  1.00 18.55 ? 319 THR A C   1 
ATOM   597 O O   . THR A 1 81  ? 2.742   -10.959 -6.524  1.00 18.44 ? 319 THR A O   1 
ATOM   598 C CB  . THR A 1 81  ? 0.249   -8.658  -6.509  1.00 19.36 ? 319 THR A CB  1 
ATOM   599 O OG1 . THR A 1 81  ? 0.706   -8.767  -7.839  1.00 19.86 ? 319 THR A OG1 1 
ATOM   600 C CG2 . THR A 1 81  ? -0.027  -7.185  -6.202  1.00 20.73 ? 319 THR A CG2 1 
ATOM   601 N N   . ALA A 1 82  ? 0.758   -11.487 -5.686  1.00 18.93 ? 320 ALA A N   1 
ATOM   602 C CA  . ALA A 1 82  ? 0.913   -12.929 -6.077  1.00 18.34 ? 320 ALA A CA  1 
ATOM   603 C C   . ALA A 1 82  ? 1.127   -13.117 -7.528  1.00 17.57 ? 320 ALA A C   1 
ATOM   604 O O   . ALA A 1 82  ? 1.817   -14.081 -7.887  1.00 18.01 ? 320 ALA A O   1 
ATOM   605 C CB  . ALA A 1 82  ? -0.344  -13.661 -5.596  1.00 19.22 ? 320 ALA A CB  1 
ATOM   606 N N   . ASP A 1 83  ? 0.573   -12.201 -8.341  1.00 17.99 ? 321 ASP A N   1 
ATOM   607 C CA  . ASP A 1 83  ? 0.860   -12.322 -9.750  1.00 19.08 ? 321 ASP A CA  1 
ATOM   608 C C   . ASP A 1 83  ? 1.979   -11.454 -10.257 1.00 21.65 ? 321 ASP A C   1 
ATOM   609 O O   . ASP A 1 83  ? 2.067   -11.098 -11.434 1.00 21.19 ? 321 ASP A O   1 
ATOM   610 C CB  . ASP A 1 83  ? -0.423  -12.182 -10.566 1.00 22.39 ? 321 ASP A CB  1 
ATOM   611 C CG  . ASP A 1 83  ? -0.980  -10.812 -10.523 1.00 21.72 ? 321 ASP A CG  1 
ATOM   612 O OD1 . ASP A 1 83  ? -0.833  -10.108 -9.497  1.00 21.88 ? 321 ASP A OD1 1 
ATOM   613 O OD2 . ASP A 1 83  ? -1.567  -10.418 -11.585 1.00 20.79 ? 321 ASP A OD2 1 
ATOM   614 N N   . GLU A 1 84  ? 2.812   -11.022 -9.310  1.00 19.02 ? 322 GLU A N   1 
ATOM   615 C CA  . GLU A 1 84  ? 4.091   -10.351 -9.693  1.00 21.26 ? 322 GLU A CA  1 
ATOM   616 C C   . GLU A 1 84  ? 4.006   -8.960  -10.150 1.00 20.41 ? 322 GLU A C   1 
ATOM   617 O O   . GLU A 1 84  ? 4.850   -8.504  -10.900 1.00 22.03 ? 322 GLU A O   1 
ATOM   618 C CB  . GLU A 1 84  ? 5.030   -11.245 -10.571 1.00 21.16 ? 322 GLU A CB  1 
ATOM   619 C CG  . GLU A 1 84  ? 5.440   -12.562 -9.662  1.00 25.21 ? 322 GLU A CG  1 
ATOM   620 C CD  . GLU A 1 84  ? 6.321   -13.606 -10.293 1.00 33.31 ? 322 GLU A CD  1 
ATOM   621 O OE1 . GLU A 1 84  ? 6.458   -13.677 -11.526 1.00 40.05 ? 322 GLU A OE1 1 
ATOM   622 O OE2 . GLU A 1 84  ? 6.855   -14.397 -9.468  1.00 36.98 ? 322 GLU A OE2 1 
ATOM   623 N N   . VAL A 1 85  ? 3.016   -8.243  -9.633  1.00 19.66 ? 323 VAL A N   1 
ATOM   624 C CA  . VAL A 1 85  ? 2.943   -6.764  -9.944  1.00 20.83 ? 323 VAL A CA  1 
ATOM   625 C C   . VAL A 1 85  ? 3.576   -6.020  -8.750  1.00 19.33 ? 323 VAL A C   1 
ATOM   626 O O   . VAL A 1 85  ? 3.229   -6.309  -7.620  1.00 19.75 ? 323 VAL A O   1 
ATOM   627 C CB  . VAL A 1 85  ? 1.549   -6.299  -10.135 1.00 19.89 ? 323 VAL A CB  1 
ATOM   628 C CG1 . VAL A 1 85  ? 1.525   -4.845  -10.510 1.00 22.63 ? 323 VAL A CG1 1 
ATOM   629 C CG2 . VAL A 1 85  ? 0.892   -7.071  -11.316 1.00 21.15 ? 323 VAL A CG2 1 
ATOM   630 N N   . HIS A 1 86  ? 4.526   -5.088  -9.063  1.00 19.59 ? 324 HIS A N   1 
ATOM   631 C CA  . HIS A 1 86  ? 5.292   -4.400  -7.988  1.00 20.66 ? 324 HIS A CA  1 
ATOM   632 C C   . HIS A 1 86  ? 4.789   -3.001  -7.781  1.00 18.93 ? 324 HIS A C   1 
ATOM   633 O O   . HIS A 1 86  ? 4.502   -2.270  -8.715  1.00 19.69 ? 324 HIS A O   1 
ATOM   634 C CB  . HIS A 1 86  ? 6.734   -4.276  -8.510  1.00 21.69 ? 324 HIS A CB  1 
ATOM   635 C CG  . HIS A 1 86  ? 7.458   -5.624  -8.651  1.00 21.80 ? 324 HIS A CG  1 
ATOM   636 N ND1 . HIS A 1 86  ? 8.656   -5.859  -8.005  1.00 23.56 ? 324 HIS A ND1 1 
ATOM   637 C CD2 . HIS A 1 86  ? 7.220   -6.735  -9.436  1.00 20.13 ? 324 HIS A CD2 1 
ATOM   638 C CE1 . HIS A 1 86  ? 9.120   -7.056  -8.367  1.00 22.02 ? 324 HIS A CE1 1 
ATOM   639 N NE2 . HIS A 1 86  ? 8.279   -7.610  -9.228  1.00 22.70 ? 324 HIS A NE2 1 
ATOM   640 N N   . TYR A 1 87  ? 4.693   -2.687  -6.509  1.00 20.48 ? 325 TYR A N   1 
ATOM   641 C CA  . TYR A 1 87  ? 4.330   -1.353  -6.025  1.00 19.67 ? 325 TYR A CA  1 
ATOM   642 C C   . TYR A 1 87  ? 5.422   -0.870  -5.059  1.00 20.15 ? 325 TYR A C   1 
ATOM   643 O O   . TYR A 1 87  ? 5.661   -1.511  -4.018  1.00 21.08 ? 325 TYR A O   1 
ATOM   644 C CB  . TYR A 1 87  ? 2.941   -1.317  -5.324  1.00 19.22 ? 325 TYR A CB  1 
ATOM   645 C CG  . TYR A 1 87  ? 1.863   -1.721  -6.273  1.00 18.62 ? 325 TYR A CG  1 
ATOM   646 C CD1 . TYR A 1 87  ? 1.495   -3.055  -6.524  1.00 19.83 ? 325 TYR A CD1 1 
ATOM   647 C CD2 . TYR A 1 87  ? 1.209   -0.723  -6.992  1.00 20.92 ? 325 TYR A CD2 1 
ATOM   648 C CE1 . TYR A 1 87  ? 0.500   -3.383  -7.458  1.00 21.06 ? 325 TYR A CE1 1 
ATOM   649 C CE2 . TYR A 1 87  ? 0.195   -1.094  -7.921  1.00 18.68 ? 325 TYR A CE2 1 
ATOM   650 C CZ  . TYR A 1 87  ? -0.104  -2.380  -8.167  1.00 21.18 ? 325 TYR A CZ  1 
ATOM   651 O OH  . TYR A 1 87  ? -1.120  -2.691  -9.082  1.00 21.01 ? 325 TYR A OH  1 
ATOM   652 N N   . PHE A 1 88  ? 6.015   0.270   -5.364  1.00 20.41 ? 326 PHE A N   1 
ATOM   653 C CA  . PHE A 1 88  ? 7.164   0.802   -4.567  1.00 18.71 ? 326 PHE A CA  1 
ATOM   654 C C   . PHE A 1 88  ? 6.610   2.027   -3.881  1.00 19.16 ? 326 PHE A C   1 
ATOM   655 O O   . PHE A 1 88  ? 6.099   2.948   -4.486  1.00 19.05 ? 326 PHE A O   1 
ATOM   656 C CB  . PHE A 1 88  ? 8.281   1.148   -5.504  1.00 18.72 ? 326 PHE A CB  1 
ATOM   657 C CG  . PHE A 1 88  ? 9.661   1.226   -4.881  1.00 18.27 ? 326 PHE A CG  1 
ATOM   658 C CD1 . PHE A 1 88  ? 9.961   0.694   -3.665  1.00 20.34 ? 326 PHE A CD1 1 
ATOM   659 C CD2 . PHE A 1 88  ? 10.695  1.865   -5.589  1.00 22.27 ? 326 PHE A CD2 1 
ATOM   660 C CE1 . PHE A 1 88  ? 11.240  0.845   -3.134  1.00 19.33 ? 326 PHE A CE1 1 
ATOM   661 C CE2 . PHE A 1 88  ? 12.020  1.916   -5.065  1.00 21.13 ? 326 PHE A CE2 1 
ATOM   662 C CZ  . PHE A 1 88  ? 12.283  1.401   -3.834  1.00 21.26 ? 326 PHE A CZ  1 
ATOM   663 N N   . LEU A 1 89  ? 6.737   1.947   -2.539  1.00 20.12 ? 327 LEU A N   1 
ATOM   664 C CA  . LEU A 1 89  ? 6.062   2.943   -1.645  1.00 21.07 ? 327 LEU A CA  1 
ATOM   665 C C   . LEU A 1 89  ? 7.028   3.493   -0.673  1.00 19.28 ? 327 LEU A C   1 
ATOM   666 O O   . LEU A 1 89  ? 8.076   2.936   -0.351  1.00 19.67 ? 327 LEU A O   1 
ATOM   667 C CB  . LEU A 1 89  ? 4.999   2.190   -0.830  1.00 20.22 ? 327 LEU A CB  1 
ATOM   668 C CG  . LEU A 1 89  ? 3.938   1.454   -1.734  1.00 19.36 ? 327 LEU A CG  1 
ATOM   669 C CD1 . LEU A 1 89  ? 2.954   0.697   -0.816  1.00 20.37 ? 327 LEU A CD1 1 
ATOM   670 C CD2 . LEU A 1 89  ? 3.134   2.403   -2.588  1.00 21.65 ? 327 LEU A CD2 1 
ATOM   671 N N   . GLN A 1 90  ? 6.686   4.680   -0.175  1.00 20.01 ? 328 GLN A N   1 
ATOM   672 C CA  . GLN A 1 90  ? 7.549   5.399   0.784   1.00 20.76 ? 328 GLN A CA  1 
ATOM   673 C C   . GLN A 1 90  ? 6.603   5.926   1.868   1.00 19.89 ? 328 GLN A C   1 
ATOM   674 O O   . GLN A 1 90  ? 5.677   6.669   1.604   1.00 19.22 ? 328 GLN A O   1 
ATOM   675 C CB  . GLN A 1 90  ? 8.213   6.493   0.032   1.00 21.88 ? 328 GLN A CB  1 
ATOM   676 C CG  . GLN A 1 90  ? 8.945   7.352   0.801   1.00 26.57 ? 328 GLN A CG  1 
ATOM   677 C CD  . GLN A 1 90  ? 9.920   8.227   -0.124  1.00 24.95 ? 328 GLN A CD  1 
ATOM   678 O OE1 . GLN A 1 90  ? 9.813   8.352   -1.380  1.00 34.85 ? 328 GLN A OE1 1 
ATOM   679 N NE2 . GLN A 1 90  ? 10.885  8.632   0.455   1.00 26.58 ? 328 GLN A NE2 1 
ATOM   680 N N   . ALA A 1 91  ? 6.877   5.577   3.135   1.00 20.67 ? 329 ALA A N   1 
ATOM   681 C CA  . ALA A 1 91  ? 6.109   6.205   4.247   1.00 19.73 ? 329 ALA A CA  1 
ATOM   682 C C   . ALA A 1 91  ? 6.802   7.460   4.728   1.00 18.76 ? 329 ALA A C   1 
ATOM   683 O O   . ALA A 1 91  ? 8.002   7.670   4.464   1.00 20.84 ? 329 ALA A O   1 
ATOM   684 C CB  . ALA A 1 91  ? 6.025   5.247   5.419   1.00 20.52 ? 329 ALA A CB  1 
ATOM   685 N N   . ALA A 1 92  ? 6.042   8.330   5.394   1.00 18.46 ? 330 ALA A N   1 
ATOM   686 C CA  . ALA A 1 92  ? 6.611   9.622   5.810   1.00 20.31 ? 330 ALA A CA  1 
ATOM   687 C C   . ALA A 1 92  ? 7.496   9.458   7.088   1.00 18.88 ? 330 ALA A C   1 
ATOM   688 O O   . ALA A 1 92  ? 8.186   10.383  7.422   1.00 18.22 ? 330 ALA A O   1 
ATOM   689 C CB  . ALA A 1 92  ? 5.432   10.616  6.077   1.00 17.98 ? 330 ALA A CB  1 
ATOM   690 N N   . THR A 1 93  ? 7.308   8.349   7.825   1.00 17.97 ? 331 THR A N   1 
ATOM   691 C CA  . THR A 1 93  ? 8.092   8.130   9.048   1.00 18.04 ? 331 THR A CA  1 
ATOM   692 C C   . THR A 1 93  ? 8.431   6.689   9.159   1.00 18.17 ? 331 THR A C   1 
ATOM   693 O O   . THR A 1 93  ? 7.750   5.791   8.569   1.00 18.50 ? 331 THR A O   1 
ATOM   694 C CB  . THR A 1 93  ? 7.337   8.522   10.312  1.00 18.86 ? 331 THR A CB  1 
ATOM   695 O OG1 . THR A 1 93  ? 6.304   7.541   10.595  1.00 19.29 ? 331 THR A OG1 1 
ATOM   696 C CG2 . THR A 1 93  ? 6.678   9.905   10.252  1.00 17.95 ? 331 THR A CG2 1 
ATOM   697 N N   . PRO A 1 94  ? 9.536   6.310   9.836   1.00 18.24 ? 332 PRO A N   1 
ATOM   698 C CA  . PRO A 1 94  ? 9.847   4.872   10.012  1.00 18.41 ? 332 PRO A CA  1 
ATOM   699 C C   . PRO A 1 94  ? 8.765   4.161   10.729  1.00 18.25 ? 332 PRO A C   1 
ATOM   700 O O   . PRO A 1 94  ? 8.476   2.981   10.353  1.00 19.94 ? 332 PRO A O   1 
ATOM   701 C CB  . PRO A 1 94  ? 11.159  4.955   10.842  1.00 20.28 ? 332 PRO A CB  1 
ATOM   702 C CG  . PRO A 1 94  ? 11.655  6.299   10.751  1.00 20.15 ? 332 PRO A CG  1 
ATOM   703 C CD  . PRO A 1 94  ? 10.572  7.269   10.354  1.00 17.88 ? 332 PRO A CD  1 
ATOM   704 N N   . LYS A 1 95  ? 8.075   4.736   11.684  1.00 18.40 ? 333 LYS A N   1 
ATOM   705 C CA  . LYS A 1 95  ? 6.991   4.036   12.432  1.00 18.94 ? 333 LYS A CA  1 
ATOM   706 C C   . LYS A 1 95  ? 5.922   3.701   11.460  1.00 19.05 ? 333 LYS A C   1 
ATOM   707 O O   . LYS A 1 95  ? 5.339   2.611   11.486  1.00 19.95 ? 333 LYS A O   1 
ATOM   708 C CB  . LYS A 1 95  ? 6.394   4.916   13.515  1.00 20.73 ? 333 LYS A CB  1 
ATOM   709 C CG  . LYS A 1 95  ? 5.385   4.086   14.353  1.00 23.52 ? 333 LYS A CG  1 
ATOM   710 C CD  . LYS A 1 95  ? 5.071   4.693   15.772  1.00 31.72 ? 333 LYS A CD  1 
ATOM   711 C CE  . LYS A 1 95  ? 4.753   6.135   15.706  1.00 35.47 ? 333 LYS A CE  1 
ATOM   712 N NZ  . LYS A 1 95  ? 4.964   6.681   17.091  1.00 36.23 ? 333 LYS A NZ  1 
ATOM   713 N N   . GLU A 1 96  ? 5.541   4.625   10.526  1.00 17.76 ? 334 GLU A N   1 
ATOM   714 C CA  . GLU A 1 96  ? 4.458   4.331   9.590   1.00 20.12 ? 334 GLU A CA  1 
ATOM   715 C C   . GLU A 1 96  ? 4.873   3.276   8.649   1.00 18.57 ? 334 GLU A C   1 
ATOM   716 O O   . GLU A 1 96  ? 4.021   2.417   8.309   1.00 20.22 ? 334 GLU A O   1 
ATOM   717 C CB  . GLU A 1 96  ? 4.076   5.575   8.823   1.00 19.94 ? 334 GLU A CB  1 
ATOM   718 C CG  . GLU A 1 96  ? 3.193   6.451   9.780   1.00 22.51 ? 334 GLU A CG  1 
ATOM   719 C CD  . GLU A 1 96  ? 2.960   7.855   9.477   1.00 34.66 ? 334 GLU A CD  1 
ATOM   720 O OE1 . GLU A 1 96  ? 3.227   8.200   8.355   1.00 29.46 ? 334 GLU A OE1 1 
ATOM   721 O OE2 . GLU A 1 96  ? 2.503   8.609   10.416  1.00 39.51 ? 334 GLU A OE2 1 
ATOM   722 N N   . ARG A 1 97  ? 6.149   3.148   8.202   1.00 18.50 ? 335 ARG A N   1 
ATOM   723 C CA  . ARG A 1 97  ? 6.509   2.000   7.378   1.00 19.76 ? 335 ARG A CA  1 
ATOM   724 C C   . ARG A 1 97  ? 6.332   0.756   8.222   1.00 19.84 ? 335 ARG A C   1 
ATOM   725 O O   . ARG A 1 97  ? 5.761   -0.262  7.680   1.00 20.15 ? 335 ARG A O   1 
ATOM   726 C CB  . ARG A 1 97  ? 7.967   2.123   6.931   1.00 18.93 ? 335 ARG A CB  1 
ATOM   727 C CG  . ARG A 1 97  ? 8.397   0.775   6.240   1.00 20.55 ? 335 ARG A CG  1 
ATOM   728 C CD  . ARG A 1 97  ? 9.786   0.937   5.593   1.00 19.94 ? 335 ARG A CD  1 
ATOM   729 N NE  . ARG A 1 97  ? 10.874  1.274   6.559   1.00 18.42 ? 335 ARG A NE  1 
ATOM   730 C CZ  . ARG A 1 97  ? 12.086  1.310   6.222   1.00 19.53 ? 335 ARG A CZ  1 
ATOM   731 N NH1 . ARG A 1 97  ? 12.535  1.102   4.975   1.00 19.70 ? 335 ARG A NH1 1 
ATOM   732 N NH2 . ARG A 1 97  ? 13.070  1.559   7.177   1.00 21.96 ? 335 ARG A NH2 1 
ATOM   733 N N   . THR A 1 98  ? 6.794   0.689   9.453   1.00 19.11 ? 336 THR A N   1 
ATOM   734 C CA  . THR A 1 98  ? 6.729   -0.531  10.238  1.00 20.25 ? 336 THR A CA  1 
ATOM   735 C C   . THR A 1 98  ? 5.240   -0.885  10.379  1.00 19.82 ? 336 THR A C   1 
ATOM   736 O O   . THR A 1 98  ? 4.875   -2.108  10.248  1.00 19.99 ? 336 THR A O   1 
ATOM   737 C CB  . THR A 1 98  ? 7.304   -0.257  11.624  1.00 19.68 ? 336 THR A CB  1 
ATOM   738 O OG1 . THR A 1 98  ? 8.696   -0.071  11.393  1.00 21.15 ? 336 THR A OG1 1 
ATOM   739 C CG2 . THR A 1 98  ? 7.028   -1.415  12.601  1.00 19.59 ? 336 THR A CG2 1 
ATOM   740 N N   . GLU A 1 99  ? 4.349   0.056   10.666  1.00 19.81 ? 337 GLU A N   1 
ATOM   741 C CA  . GLU A 1 99  ? 2.931   -0.250  10.881  1.00 20.91 ? 337 GLU A CA  1 
ATOM   742 C C   . GLU A 1 99  ? 2.297   -0.720  9.591   1.00 19.90 ? 337 GLU A C   1 
ATOM   743 O O   . GLU A 1 99  ? 1.488   -1.662  9.569   1.00 20.06 ? 337 GLU A O   1 
ATOM   744 C CB  . GLU A 1 99  ? 2.245   1.050   11.289  1.00 20.69 ? 337 GLU A CB  1 
ATOM   745 C CG  . GLU A 1 99  ? 2.535   1.534   12.664  1.00 25.29 ? 337 GLU A CG  1 
ATOM   746 C CD  . GLU A 1 99  ? 1.903   2.931   12.853  1.00 22.59 ? 337 GLU A CD  1 
ATOM   747 O OE1 . GLU A 1 99  ? 1.961   3.300   14.002  1.00 28.61 ? 337 GLU A OE1 1 
ATOM   748 O OE2 . GLU A 1 99  ? 1.315   3.626   11.904  1.00 28.23 ? 337 GLU A OE2 1 
ATOM   749 N N   . TRP A 1 100 ? 2.636   -0.138  8.441   1.00 19.07 ? 338 TRP A N   1 
ATOM   750 C CA  . TRP A 1 100 ? 2.013   -0.579  7.165   1.00 20.98 ? 338 TRP A CA  1 
ATOM   751 C C   . TRP A 1 100 ? 2.496   -1.953  6.870   1.00 19.84 ? 338 TRP A C   1 
ATOM   752 O O   . TRP A 1 100 ? 1.726   -2.822  6.354   1.00 20.30 ? 338 TRP A O   1 
ATOM   753 C CB  . TRP A 1 100 ? 2.364   0.377   6.007   1.00 18.93 ? 338 TRP A CB  1 
ATOM   754 C CG  . TRP A 1 100 ? 1.418   1.503   5.913   1.00 18.06 ? 338 TRP A CG  1 
ATOM   755 C CD1 . TRP A 1 100 ? 1.658   2.833   6.230   1.00 19.32 ? 338 TRP A CD1 1 
ATOM   756 C CD2 . TRP A 1 100 ? 0.093   1.454   5.391   1.00 17.82 ? 338 TRP A CD2 1 
ATOM   757 N NE1 . TRP A 1 100 ? 0.568   3.585   5.921   1.00 18.47 ? 338 TRP A NE1 1 
ATOM   758 C CE2 . TRP A 1 100 ? -0.433  2.772   5.427   1.00 18.88 ? 338 TRP A CE2 1 
ATOM   759 C CE3 . TRP A 1 100 ? -0.753  0.385   4.904   1.00 19.17 ? 338 TRP A CE3 1 
ATOM   760 C CZ2 . TRP A 1 100 ? -1.723  3.086   5.012   1.00 18.24 ? 338 TRP A CZ2 1 
ATOM   761 C CZ3 . TRP A 1 100 ? -2.053  0.736   4.525   1.00 18.87 ? 338 TRP A CZ3 1 
ATOM   762 C CH2 . TRP A 1 100 ? -2.505  2.033   4.566   1.00 20.22 ? 338 TRP A CH2 1 
ATOM   763 N N   . ILE A 1 101 ? 3.792   -2.301  6.990   1.00 19.83 ? 339 ILE A N   1 
ATOM   764 C CA  . ILE A 1 101 ? 4.268   -3.640  6.687   1.00 20.66 ? 339 ILE A CA  1 
ATOM   765 C C   . ILE A 1 101 ? 3.577   -4.640  7.550   1.00 20.00 ? 339 ILE A C   1 
ATOM   766 O O   . ILE A 1 101 ? 3.117   -5.693  7.037   1.00 19.94 ? 339 ILE A O   1 
ATOM   767 C CB  . ILE A 1 101 ? 5.841   -3.719  6.839   1.00 17.70 ? 339 ILE A CB  1 
ATOM   768 C CG1 . ILE A 1 101 ? 6.464   -2.912  5.737   1.00 18.96 ? 339 ILE A CG1 1 
ATOM   769 C CG2 . ILE A 1 101 ? 6.297   -5.209  6.842   1.00 20.61 ? 339 ILE A CG2 1 
ATOM   770 C CD1 . ILE A 1 101 ? 7.981   -2.802  5.895   1.00 19.89 ? 339 ILE A CD1 1 
ATOM   771 N N   . LYS A 1 102 ? 3.410   -4.392  8.851   1.00 19.86 ? 340 LYS A N   1 
ATOM   772 C CA  A LYS A 1 102 ? 2.782   -5.373  9.747   0.50 20.00 ? 340 LYS A CA  1 
ATOM   773 C CA  B LYS A 1 102 ? 2.764   -5.358  9.757   0.50 20.97 ? 340 LYS A CA  1 
ATOM   774 C C   . LYS A 1 102 ? 1.314   -5.575  9.314   1.00 20.83 ? 340 LYS A C   1 
ATOM   775 O O   . LYS A 1 102 ? 0.836   -6.679  9.263   1.00 19.47 ? 340 LYS A O   1 
ATOM   776 C CB  A LYS A 1 102 ? 2.860   -4.871  11.197  0.50 20.57 ? 340 LYS A CB  1 
ATOM   777 C CB  B LYS A 1 102 ? 2.797   -4.815  11.192  0.50 21.79 ? 340 LYS A CB  1 
ATOM   778 C CG  A LYS A 1 102 ? 2.171   -5.792  12.179  0.50 21.15 ? 340 LYS A CG  1 
ATOM   779 C CG  B LYS A 1 102 ? 4.153   -4.897  11.788  0.50 27.40 ? 340 LYS A CG  1 
ATOM   780 C CD  A LYS A 1 102 ? 2.375   -5.289  13.590  0.50 18.69 ? 340 LYS A CD  1 
ATOM   781 C CD  B LYS A 1 102 ? 4.136   -5.217  13.209  0.50 32.02 ? 340 LYS A CD  1 
ATOM   782 C CE  A LYS A 1 102 ? 1.710   -6.299  14.537  0.50 26.71 ? 340 LYS A CE  1 
ATOM   783 C CE  B LYS A 1 102 ? 5.524   -5.796  13.673  0.50 28.74 ? 340 LYS A CE  1 
ATOM   784 N NZ  A LYS A 1 102 ? 1.803   -5.909  15.957  0.50 30.05 ? 340 LYS A NZ  1 
ATOM   785 N NZ  B LYS A 1 102 ? 6.847   -5.352  13.151  0.50 20.22 ? 340 LYS A NZ  1 
ATOM   786 N N   . ALA A 1 103 ? 0.635   -4.493  8.919   1.00 19.42 ? 341 ALA A N   1 
ATOM   787 C CA  . ALA A 1 103 ? -0.794  -4.666  8.610   1.00 20.27 ? 341 ALA A CA  1 
ATOM   788 C C   . ALA A 1 103 ? -0.920  -5.405  7.273   1.00 19.39 ? 341 ALA A C   1 
ATOM   789 O O   . ALA A 1 103 ? -1.844  -6.206  7.139   1.00 18.51 ? 341 ALA A O   1 
ATOM   790 C CB  . ALA A 1 103 ? -1.395  -3.287  8.405   1.00 21.60 ? 341 ALA A CB  1 
ATOM   791 N N   . ILE A 1 104 ? -0.098  -5.069  6.260   1.00 17.91 ? 342 ILE A N   1 
ATOM   792 C CA  . ILE A 1 104 ? -0.203  -5.758  4.974   1.00 18.81 ? 342 ILE A CA  1 
ATOM   793 C C   . ILE A 1 104 ? 0.203   -7.220  5.223   1.00 17.63 ? 342 ILE A C   1 
ATOM   794 O O   . ILE A 1 104 ? -0.413  -8.090  4.604   1.00 18.63 ? 342 ILE A O   1 
ATOM   795 C CB  . ILE A 1 104 ? 0.736   -5.078  3.990   1.00 18.12 ? 342 ILE A CB  1 
ATOM   796 C CG1 . ILE A 1 104 ? 0.146   -3.632  3.735   1.00 20.43 ? 342 ILE A CG1 1 
ATOM   797 C CG2 . ILE A 1 104 ? 0.820   -5.934  2.729   1.00 19.52 ? 342 ILE A CG2 1 
ATOM   798 C CD1 . ILE A 1 104 ? 1.172   -2.713  2.989   1.00 20.85 ? 342 ILE A CD1 1 
ATOM   799 N N   . GLN A 1 105 ? 1.270   -7.530  5.951   1.00 18.65 ? 343 GLN A N   1 
ATOM   800 C CA  . GLN A 1 105 ? 1.740   -8.937  6.128   1.00 18.17 ? 343 GLN A CA  1 
ATOM   801 C C   . GLN A 1 105 ? 0.586   -9.686  6.781   1.00 17.89 ? 343 GLN A C   1 
ATOM   802 O O   . GLN A 1 105 ? 0.261   -10.801 6.349   1.00 17.41 ? 343 GLN A O   1 
ATOM   803 C CB  . GLN A 1 105 ? 2.970   -8.894  7.012   1.00 17.85 ? 343 GLN A CB  1 
ATOM   804 C CG  . GLN A 1 105 ? 3.488   -10.349 7.322   1.00 21.55 ? 343 GLN A CG  1 
ATOM   805 C CD  . GLN A 1 105 ? 4.134   -11.062 6.218   1.00 27.66 ? 343 GLN A CD  1 
ATOM   806 O OE1 . GLN A 1 105 ? 4.500   -10.474 5.229   1.00 28.40 ? 343 GLN A OE1 1 
ATOM   807 N NE2 . GLN A 1 105 ? 4.305   -12.398 6.363   1.00 25.66 ? 343 GLN A NE2 1 
ATOM   808 N N   . MET A 1 106 ? -0.080  -9.126  7.823   1.00 18.86 ? 344 MET A N   1 
ATOM   809 C CA  A MET A 1 106 ? -1.195  -9.870  8.458   0.50 20.11 ? 344 MET A CA  1 
ATOM   810 C CA  B MET A 1 106 ? -1.255  -9.759  8.482   0.50 18.98 ? 344 MET A CA  1 
ATOM   811 C C   . MET A 1 106 ? -2.385  -10.058 7.510   1.00 17.75 ? 344 MET A C   1 
ATOM   812 O O   . MET A 1 106 ? -2.997  -11.155 7.505   1.00 18.76 ? 344 MET A O   1 
ATOM   813 C CB  A MET A 1 106 ? -1.569  -9.291  9.833   0.50 21.07 ? 344 MET A CB  1 
ATOM   814 C CB  B MET A 1 106 ? -1.765  -8.825  9.582   0.50 18.90 ? 344 MET A CB  1 
ATOM   815 C CG  A MET A 1 106 ? -0.397  -8.868  10.612  0.50 24.56 ? 344 MET A CG  1 
ATOM   816 C CG  B MET A 1 106 ? -2.857  -9.452  10.472  0.50 19.16 ? 344 MET A CG  1 
ATOM   817 S SD  A MET A 1 106 ? -0.553  -8.665  12.383  0.50 35.73 ? 344 MET A SD  1 
ATOM   818 S SD  B MET A 1 106 ? -2.512  -9.252  12.246  0.50 35.84 ? 344 MET A SD  1 
ATOM   819 C CE  A MET A 1 106 ? 1.037   -9.222  13.039  0.50 29.43 ? 344 MET A CE  1 
ATOM   820 C CE  B MET A 1 106 ? -3.898  -8.151  12.601  0.50 36.23 ? 344 MET A CE  1 
ATOM   821 N N   . ALA A 1 107 ? -2.655  -9.056  6.638   1.00 19.63 ? 345 ALA A N   1 
ATOM   822 C CA  . ALA A 1 107 ? -3.796  -9.161  5.709   1.00 20.94 ? 345 ALA A CA  1 
ATOM   823 C C   . ALA A 1 107 ? -3.497  -10.151 4.625   1.00 20.99 ? 345 ALA A C   1 
ATOM   824 O O   . ALA A 1 107 ? -4.485  -10.767 4.081   1.00 23.30 ? 345 ALA A O   1 
ATOM   825 C CB  . ALA A 1 107 ? -4.094  -7.754  5.156   1.00 22.84 ? 345 ALA A CB  1 
ATOM   826 N N   . SER A 1 108 ? -2.234  -10.384 4.324   1.00 20.72 ? 346 SER A N   1 
ATOM   827 C CA  . SER A 1 108 ? -1.757  -11.151 3.134   1.00 22.97 ? 346 SER A CA  1 
ATOM   828 C C   . SER A 1 108 ? -1.905  -12.664 3.379   1.00 21.74 ? 346 SER A C   1 
ATOM   829 O O   . SER A 1 108 ? -1.894  -13.514 2.425   1.00 17.73 ? 346 SER A O   1 
ATOM   830 C CB  . SER A 1 108 ? -0.291  -10.821 2.924   1.00 24.97 ? 346 SER A CB  1 
ATOM   831 O OG  . SER A 1 108 ? 0.539   -11.622 3.803   1.00 35.17 ? 346 SER A OG  1 
ATOM   832 N N   . ARG A 1 109 ? -2.182  -13.014 4.639   1.00 26.03 ? 347 ARG A N   1 
ATOM   833 C CA  . ARG A 1 109 ? -2.323  -14.448 5.063   1.00 29.27 ? 347 ARG A CA  1 
ATOM   834 C C   . ARG A 1 109 ? -3.624  -15.080 4.684   1.00 30.53 ? 347 ARG A C   1 
ATOM   835 O O   . ARG A 1 109 ? -4.593  -14.506 4.182   1.00 32.48 ? 347 ARG A O   1 
ATOM   836 C CB  . ARG A 1 109 ? -2.248  -14.581 6.574   1.00 28.33 ? 347 ARG A CB  1 
ATOM   837 C CG  . ARG A 1 109 ? -1.042  -13.923 7.201   1.00 33.59 ? 347 ARG A CG  1 
ATOM   838 C CD  . ARG A 1 109 ? 0.299   -14.319 6.454   1.00 40.31 ? 347 ARG A CD  1 
ATOM   839 N NE  . ARG A 1 109 ? 1.563   -14.003 7.166   1.00 46.81 ? 347 ARG A NE  1 
ATOM   840 C CZ  . ARG A 1 109 ? 1.682   -13.532 8.413   1.00 48.19 ? 347 ARG A CZ  1 
ATOM   841 N NH1 . ARG A 1 109 ? 0.615   -13.293 9.164   1.00 50.36 ? 347 ARG A NH1 1 
ATOM   842 N NH2 . ARG A 1 109 ? 2.885   -13.291 8.921   1.00 45.82 ? 347 ARG A NH2 1 
ATOM   843 O OXT . ARG A 1 109 ? -3.791  -16.286 4.921   1.00 32.16 ? 347 ARG A OXT 1 
HETATM 844 O O46 . 5IP B 2 .   ? 1.547   11.159  -15.316 1.00 17.00 ? 550 5IP A O46 1 
HETATM 845 P P6  . 5IP B 2 .   ? 2.229   10.148  -14.328 1.00 27.67 ? 550 5IP A P6  1 
HETATM 846 O O26 . 5IP B 2 .   ? 3.618   10.072  -14.986 1.00 27.26 ? 550 5IP A O26 1 
HETATM 847 O O36 . 5IP B 2 .   ? 1.969   10.494  -12.793 1.00 25.69 ? 550 5IP A O36 1 
HETATM 848 O O16 . 5IP B 2 .   ? 1.343   8.768   -14.491 1.00 18.34 ? 550 5IP A O16 1 
HETATM 849 C C6  . 5IP B 2 .   ? 1.268   8.047   -13.203 1.00 30.71 ? 550 5IP A C6  1 
HETATM 850 C C1  . 5IP B 2 .   ? -0.179  8.011   -12.835 1.00 34.41 ? 550 5IP A C1  1 
HETATM 851 O O11 . 5IP B 2 .   ? -0.853  8.795   -13.830 1.00 33.31 ? 550 5IP A O11 1 
HETATM 852 P P1  . 5IP B 2 .   ? -2.212  9.670   -14.064 1.00 37.75 ? 550 5IP A P1  1 
HETATM 853 O O41 . 5IP B 2 .   ? -3.264  8.577   -14.128 1.00 36.95 ? 550 5IP A O41 1 
HETATM 854 O O31 . 5IP B 2 .   ? -2.400  10.674  -12.937 1.00 34.64 ? 550 5IP A O31 1 
HETATM 855 O O21 . 5IP B 2 .   ? -1.780  10.312  -15.375 1.00 33.96 ? 550 5IP A O21 1 
HETATM 856 C C5  . 5IP B 2 .   ? 1.854   6.677   -13.339 1.00 34.63 ? 550 5IP A C5  1 
HETATM 857 O O15 . 5IP B 2 .   ? 3.145   6.634   -13.448 1.00 39.66 ? 550 5IP A O15 1 
HETATM 858 P P5  . 5IP B 2 .   ? 4.137   6.278   -14.667 1.00 33.29 ? 550 5IP A P5  1 
HETATM 859 O O45 . 5IP B 2 .   ? 4.077   4.906   -15.319 1.00 41.50 ? 550 5IP A O45 1 
HETATM 860 O O35 . 5IP B 2 .   ? 5.141   6.690   -13.613 1.00 39.02 ? 550 5IP A O35 1 
HETATM 861 O O25 . 5IP B 2 .   ? 3.814   7.724   -15.846 1.00 26.93 ? 550 5IP A O25 1 
HETATM 862 C C4  . 5IP B 2 .   ? 1.399   5.342   -12.521 1.00 31.13 ? 550 5IP A C4  1 
HETATM 863 O O14 . 5IP B 2 .   ? 1.894   4.075   -13.150 1.00 36.11 ? 550 5IP A O14 1 
HETATM 864 C C3  . 5IP B 2 .   ? -0.084  5.191   -12.613 1.00 29.43 ? 550 5IP A C3  1 
HETATM 865 O O13 . 5IP B 2 .   ? -0.314  4.211   -11.567 1.00 31.11 ? 550 5IP A O13 1 
HETATM 866 P P3  . 5IP B 2 .   ? -1.685  3.405   -11.449 1.00 31.11 ? 550 5IP A P3  1 
HETATM 867 O O43 . 5IP B 2 .   ? -2.267  3.614   -10.065 1.00 41.15 ? 550 5IP A O43 1 
HETATM 868 O O33 . 5IP B 2 .   ? -2.564  3.851   -12.619 1.00 31.63 ? 550 5IP A O33 1 
HETATM 869 O O23 . 5IP B 2 .   ? -1.052  2.018   -11.597 1.00 37.16 ? 550 5IP A O23 1 
HETATM 870 C C2  . 5IP B 2 .   ? -0.744  6.605   -12.417 1.00 32.63 ? 550 5IP A C2  1 
HETATM 871 O O12 . 5IP B 2 .   ? -0.462  7.016   -11.126 1.00 32.02 ? 550 5IP A O12 1 
HETATM 872 P P2  . 5IP B 2 .   ? -1.748  7.219   -10.204 1.00 26.29 ? 550 5IP A P2  1 
HETATM 873 O O22 . 5IP B 2 .   ? -2.513  8.537   -10.364 1.00 25.16 ? 550 5IP A O22 1 
HETATM 874 O O32 . 5IP B 2 .   ? -2.792  6.144   -10.577 1.00 27.29 ? 550 5IP A O32 1 
HETATM 875 O O42 . 5IP B 2 .   ? -1.123  7.042   -8.789  1.00 36.84 ? 550 5IP A O42 1 
HETATM 876 O O   . HOH C 3 .   ? 10.725  1.468   9.366   1.00 9.85  ? 1   HOH A O   1 
HETATM 877 O O   . HOH C 3 .   ? -12.002 4.179   -10.432 1.00 7.26  ? 2   HOH A O   1 
HETATM 878 O O   . HOH C 3 .   ? -11.500 -3.545  -0.596  1.00 24.46 ? 3   HOH A O   1 
HETATM 879 O O   . HOH C 3 .   ? -8.911  9.262   -6.300  1.00 10.29 ? 4   HOH A O   1 
HETATM 880 O O   . HOH C 3 .   ? -1.322  -10.665 -3.921  1.00 9.21  ? 5   HOH A O   1 
HETATM 881 O O   . HOH C 3 .   ? -4.909  1.457   11.979  1.00 37.76 ? 6   HOH A O   1 
HETATM 882 O O   . HOH C 3 .   ? -5.636  -1.146  -9.948  1.00 16.87 ? 7   HOH A O   1 
HETATM 883 O O   . HOH C 3 .   ? 2.334   14.377  -4.318  1.00 15.85 ? 8   HOH A O   1 
HETATM 884 O O   . HOH C 3 .   ? 14.252  3.017   3.045   1.00 10.06 ? 9   HOH A O   1 
HETATM 885 O O   . HOH C 3 .   ? 3.382   7.594   5.835   1.00 19.33 ? 10  HOH A O   1 
HETATM 886 O O   . HOH C 3 .   ? 6.798   -4.238  10.389  1.00 10.20 ? 11  HOH A O   1 
HETATM 887 O O   . HOH C 3 .   ? -5.438  -12.669 2.421   1.00 22.59 ? 12  HOH A O   1 
HETATM 888 O O   . HOH C 3 .   ? -1.393  10.056  6.361   1.00 17.75 ? 13  HOH A O   1 
HETATM 889 O O   . HOH C 3 .   ? 0.002   -2.086  11.951  1.00 12.08 ? 14  HOH A O   1 
HETATM 890 O O   . HOH C 3 .   ? 9.978   1.223   13.399  1.00 16.57 ? 15  HOH A O   1 
HETATM 891 O O   . HOH C 3 .   ? 0.370   6.429   6.160   1.00 13.09 ? 16  HOH A O   1 
HETATM 892 O O   . HOH C 3 .   ? 5.053   1.500   -7.794  1.00 15.48 ? 17  HOH A O   1 
HETATM 893 O O   . HOH C 3 .   ? -3.804  -6.484  -7.737  1.00 17.05 ? 18  HOH A O   1 
HETATM 894 O O   . HOH C 3 .   ? 10.022  12.098  -15.082 1.00 15.12 ? 19  HOH A O   1 
HETATM 895 O O   . HOH C 3 .   ? 2.732   7.435   -8.561  1.00 16.87 ? 20  HOH A O   1 
HETATM 896 O O   . HOH C 3 .   ? -0.765  13.924  -4.802  1.00 15.96 ? 21  HOH A O   1 
HETATM 897 O O   . HOH C 3 .   ? 5.191   -4.596  -11.776 1.00 16.67 ? 22  HOH A O   1 
HETATM 898 O O   . HOH C 3 .   ? 10.438  -1.421  8.376   1.00 16.14 ? 23  HOH A O   1 
HETATM 899 O O   . HOH C 3 .   ? 3.472   -15.838 -6.871  1.00 14.72 ? 24  HOH A O   1 
HETATM 900 O O   . HOH C 3 .   ? 4.687   8.140   12.624  1.00 20.68 ? 25  HOH A O   1 
HETATM 901 O O   . HOH C 3 .   ? 1.883   10.622  7.605   1.00 16.38 ? 26  HOH A O   1 
HETATM 902 O O   . HOH C 3 .   ? -4.017  14.492  2.489   1.00 10.49 ? 27  HOH A O   1 
HETATM 903 O O   . HOH C 3 .   ? 9.436   12.320  -7.732  1.00 20.62 ? 28  HOH A O   1 
HETATM 904 O O   . HOH C 3 .   ? 5.027   -12.177 -5.159  1.00 15.50 ? 29  HOH A O   1 
HETATM 905 O O   . HOH C 3 .   ? 4.733   -10.790 2.889   1.00 12.94 ? 30  HOH A O   1 
HETATM 906 O O   . HOH C 3 .   ? -4.042  -6.224  8.858   1.00 19.69 ? 31  HOH A O   1 
HETATM 907 O O   . HOH C 3 .   ? -12.748 6.407   -11.910 1.00 12.26 ? 32  HOH A O   1 
HETATM 908 O O   . HOH C 3 .   ? -11.700 6.966   4.583   1.00 23.12 ? 33  HOH A O   1 
HETATM 909 O O   . HOH C 3 .   ? 1.158   -1.716  14.232  1.00 22.20 ? 34  HOH A O   1 
HETATM 910 O O   . HOH C 3 .   ? -7.127  15.673  -3.934  1.00 26.91 ? 35  HOH A O   1 
HETATM 911 O O   . HOH C 3 .   ? 14.669  -1.748  5.466   1.00 21.17 ? 36  HOH A O   1 
HETATM 912 O O   . HOH C 3 .   ? 8.534   -10.297 -9.842  1.00 24.27 ? 37  HOH A O   1 
HETATM 913 O O   . HOH C 3 .   ? -12.118 -5.891  0.631   1.00 21.48 ? 38  HOH A O   1 
HETATM 914 O O   . HOH C 3 .   ? 0.372   6.387   11.869  1.00 26.56 ? 39  HOH A O   1 
HETATM 915 O O   . HOH C 3 .   ? 1.788   10.480  4.987   1.00 24.89 ? 40  HOH A O   1 
HETATM 916 O O   . HOH C 3 .   ? 15.579  0.818   6.036   1.00 20.06 ? 41  HOH A O   1 
HETATM 917 O O   . HOH C 3 .   ? 5.674   8.824   -12.571 1.00 15.65 ? 42  HOH A O   1 
HETATM 918 O O   . HOH C 3 .   ? 13.155  -6.435  4.328   1.00 13.23 ? 43  HOH A O   1 
HETATM 919 O O   . HOH C 3 .   ? 11.463  10.398  -3.069  1.00 31.93 ? 44  HOH A O   1 
HETATM 920 O O   . HOH C 3 .   ? -8.979  -11.323 4.075   1.00 24.88 ? 45  HOH A O   1 
HETATM 921 O O   . HOH C 3 .   ? -0.385  7.507   8.722   1.00 33.78 ? 46  HOH A O   1 
HETATM 922 O O   . HOH C 3 .   ? -2.752  -9.132  -8.346  1.00 21.80 ? 47  HOH A O   1 
HETATM 923 O O   . HOH C 3 .   ? 8.504   -7.519  -1.844  1.00 18.42 ? 48  HOH A O   1 
HETATM 924 O O   . HOH C 3 .   ? -8.824  10.930  -8.572  1.00 16.79 ? 49  HOH A O   1 
HETATM 925 O O   . HOH C 3 .   ? 10.329  -2.371  11.793  1.00 13.92 ? 50  HOH A O   1 
HETATM 926 O O   . HOH C 3 .   ? -1.594  0.358   12.073  1.00 21.82 ? 51  HOH A O   1 
HETATM 927 O O   . HOH C 3 .   ? 14.841  4.558   5.532   1.00 24.14 ? 52  HOH A O   1 
HETATM 928 O O   . HOH C 3 .   ? -8.060  -12.103 1.078   1.00 21.27 ? 53  HOH A O   1 
HETATM 929 O O   . HOH C 3 .   ? 7.032   -17.134 -9.286  1.00 21.87 ? 54  HOH A O   1 
HETATM 930 O O   . HOH C 3 .   ? 10.203  -9.591  -2.104  1.00 27.22 ? 55  HOH A O   1 
HETATM 931 O O   . HOH C 3 .   ? 5.170   11.272  -13.522 1.00 23.82 ? 56  HOH A O   1 
HETATM 932 O O   . HOH C 3 .   ? 3.668   -14.229 -3.695  1.00 13.48 ? 57  HOH A O   1 
HETATM 933 O O   . HOH C 3 .   ? 3.873   -1.418  14.379  1.00 27.31 ? 58  HOH A O   1 
HETATM 934 O O   . HOH C 3 .   ? -8.177  -13.331 -2.071  1.00 13.11 ? 59  HOH A O   1 
HETATM 935 O O   . HOH C 3 .   ? 5.369   14.217  -4.431  1.00 26.72 ? 60  HOH A O   1 
HETATM 936 O O   . HOH C 3 .   ? 3.805   9.138   -10.697 1.00 24.39 ? 61  HOH A O   1 
HETATM 937 O O   . HOH C 3 .   ? -13.636 -5.266  2.477   1.00 28.76 ? 62  HOH A O   1 
HETATM 938 O O   . HOH C 3 .   ? -3.657  -14.852 -3.794  1.00 23.24 ? 63  HOH A O   1 
HETATM 939 O O   . HOH C 3 .   ? -2.030  -5.547  -9.141  1.00 31.58 ? 64  HOH A O   1 
HETATM 940 O O   . HOH C 3 .   ? 4.077   -13.420 -13.913 1.00 38.44 ? 65  HOH A O   1 
HETATM 941 O O   . HOH C 3 .   ? 1.016   -16.182 -3.423  1.00 16.96 ? 66  HOH A O   1 
HETATM 942 O O   . HOH C 3 .   ? 11.671  10.251  7.923   1.00 43.61 ? 67  HOH A O   1 
HETATM 943 O O   . HOH C 3 .   ? -5.807  13.886  -5.113  1.00 30.99 ? 68  HOH A O   1 
HETATM 944 O O   . HOH C 3 .   ? -9.207  3.718   10.401  1.00 43.84 ? 69  HOH A O   1 
HETATM 945 O O   . HOH C 3 .   ? -5.576  3.793   10.123  1.00 13.85 ? 70  HOH A O   1 
HETATM 946 O O   . HOH C 3 .   ? 9.387   -3.701  9.557   1.00 12.80 ? 71  HOH A O   1 
HETATM 947 O O   . HOH C 3 .   ? 14.180  -8.804  3.469   1.00 21.80 ? 72  HOH A O   1 
HETATM 948 O O   . HOH C 3 .   ? 11.884  -8.357  -3.188  1.00 39.18 ? 73  HOH A O   1 
HETATM 949 O O   . HOH C 3 .   ? 9.706   -4.676  -10.935 1.00 48.06 ? 74  HOH A O   1 
HETATM 950 O O   . HOH C 3 .   ? -13.488 5.995   3.029   1.00 36.03 ? 75  HOH A O   1 
HETATM 951 O O   . HOH C 3 .   ? -15.502 4.386   0.263   1.00 62.70 ? 76  HOH A O   1 
HETATM 952 O O   . HOH C 3 .   ? -11.727 7.987   1.188   1.00 33.01 ? 77  HOH A O   1 
HETATM 953 O O   . HOH C 3 .   ? -13.053 5.504   0.538   1.00 44.82 ? 78  HOH A O   1 
HETATM 954 O O   . HOH C 3 .   ? 2.600   -14.667 2.927   1.00 31.56 ? 79  HOH A O   1 
HETATM 955 O O   . HOH C 3 .   ? -1.765  -16.657 -4.061  1.00 18.78 ? 80  HOH A O   1 
HETATM 956 O O   . HOH C 3 .   ? 8.894   -11.760 -7.297  1.00 27.84 ? 81  HOH A O   1 
HETATM 957 O O   . HOH C 3 .   ? 1.765   -17.072 -0.485  1.00 25.00 ? 82  HOH A O   1 
HETATM 958 O O   . HOH C 3 .   ? 11.302  -10.993 -0.132  1.00 28.11 ? 83  HOH A O   1 
HETATM 959 O O   . HOH C 3 .   ? 7.322   -10.673 3.158   1.00 19.75 ? 84  HOH A O   1 
HETATM 960 O O   . HOH C 3 .   ? 7.119   1.383   -9.629  1.00 27.42 ? 85  HOH A O   1 
HETATM 961 O O   . HOH C 3 .   ? 16.753  -3.465  0.333   1.00 20.16 ? 86  HOH A O   1 
HETATM 962 O O   . HOH C 3 .   ? -16.252 12.327  -1.986  1.00 22.18 ? 87  HOH A O   1 
HETATM 963 O O   . HOH C 3 .   ? -1.226  -4.651  12.278  1.00 21.77 ? 88  HOH A O   1 
HETATM 964 O O   . HOH C 3 .   ? 15.589  -5.289  1.681   1.00 36.73 ? 89  HOH A O   1 
HETATM 965 O O   . HOH C 3 .   ? -7.461  9.070   7.811   1.00 37.14 ? 90  HOH A O   1 
HETATM 966 O O   . HOH C 3 .   ? 11.699  -5.626  -2.719  1.00 24.30 ? 91  HOH A O   1 
HETATM 967 O O   . HOH C 3 .   ? -12.604 -5.167  5.732   1.00 37.25 ? 92  HOH A O   1 
HETATM 968 O O   . HOH C 3 .   ? 17.378  1.972   4.902   1.00 29.75 ? 94  HOH A O   1 
HETATM 969 O O   . HOH C 3 .   ? 1.903   -8.793  10.810  1.00 18.60 ? 95  HOH A O   1 
HETATM 970 O O   . HOH C 3 .   ? 0.560   -3.279  16.640  1.00 34.54 ? 96  HOH A O   1 
HETATM 971 O O   . HOH C 3 .   ? -2.527  -17.414 -0.046  1.00 30.46 ? 97  HOH A O   1 
HETATM 972 O O   . HOH C 3 .   ? -15.946 5.058   -6.195  1.00 32.06 ? 98  HOH A O   1 
HETATM 973 O O   . HOH C 3 .   ? -13.177 2.680   -2.917  1.00 24.60 ? 99  HOH A O   1 
HETATM 974 O O   . HOH C 3 .   ? 10.904  -5.694  8.228   1.00 13.52 ? 100 HOH A O   1 
HETATM 975 O O   . HOH C 3 .   ? 2.852   1.715   15.925  1.00 24.03 ? 101 HOH A O   1 
HETATM 976 O O   . HOH C 3 .   ? -7.229  -1.688  12.682  1.00 33.63 ? 102 HOH A O   1 
HETATM 977 O O   . HOH C 3 .   ? 4.077   8.742   17.050  1.00 27.02 ? 103 HOH A O   1 
HETATM 978 O O   . HOH C 3 .   ? 5.734   13.553  -8.827  1.00 31.90 ? 104 HOH A O   1 
HETATM 979 O O   . HOH C 3 .   ? 18.971  -4.139  0.104   1.00 39.00 ? 105 HOH A O   1 
HETATM 980 O O   . HOH C 3 .   ? 7.842   -0.947  -9.626  1.00 31.28 ? 106 HOH A O   1 
HETATM 981 O O   . HOH C 3 .   ? -5.758  -8.340  9.336   1.00 35.99 ? 107 HOH A O   1 
HETATM 982 O O   . HOH C 3 .   ? -10.565 9.761   -10.580 1.00 24.92 ? 108 HOH A O   1 
HETATM 983 O O   . HOH C 3 .   ? 5.024   0.213   15.671  1.00 32.57 ? 109 HOH A O   1 
HETATM 984 O O   . HOH C 3 .   ? 7.718   0.892   15.607  1.00 20.81 ? 110 HOH A O   1 
HETATM 985 O O   . HOH C 3 .   ? 9.638   12.885  -4.037  1.00 25.21 ? 111 HOH A O   1 
HETATM 986 O O   . HOH C 3 .   ? 3.739   -14.483 0.803   1.00 22.46 ? 112 HOH A O   1 
HETATM 987 O O   . HOH C 3 .   ? -4.153  10.715  6.380   1.00 44.31 ? 113 HOH A O   1 
HETATM 988 O O   . HOH C 3 .   ? -2.228  4.936   9.400   1.00 24.48 ? 114 HOH A O   1 
HETATM 989 O O   . HOH C 3 .   ? -9.419  -1.481  0.254   1.00 12.79 ? 115 HOH A O   1 
HETATM 990 O O   . HOH C 3 .   ? -8.891  -4.677  12.894  1.00 42.42 ? 116 HOH A O   1 
HETATM 991 O O   . HOH C 3 .   ? -3.548  -4.754  11.219  1.00 29.42 ? 117 HOH A O   1 
HETATM 992 O O   . HOH C 3 .   ? -7.155  -7.515  11.716  1.00 37.99 ? 118 HOH A O   1 
HETATM 993 O O   . HOH C 3 .   ? -13.571 8.169   -2.355  1.00 30.72 ? 119 HOH A O   1 
HETATM 994 O O   . HOH C 3 .   ? -1.703  -16.141 1.982   1.00 24.87 ? 120 HOH A O   1 
HETATM 995 O O   . HOH C 3 .   ? 10.251  9.536   4.770   1.00 32.81 ? 121 HOH A O   1 
HETATM 996 O O   . HOH C 3 .   ? 7.773   -12.210 -4.932  1.00 42.37 ? 122 HOH A O   1 
HETATM 997 O O   . HOH C 3 .   ? 2.824   -16.227 -10.361 1.00 46.41 ? 123 HOH A O   1 
HETATM 998 O O   . HOH C 3 .   ? -3.024  -0.830  -9.529  1.00 35.67 ? 124 HOH A O   1 
HETATM 999 O O   . HOH C 3 .   ? 0.836   -10.999 10.978  1.00 37.37 ? 125 HOH A O   1 
# 
